data_6C9B
#
_entry.id   6C9B
#
_cell.length_a   86.110
_cell.length_b   108.830
_cell.length_c   195.170
_cell.angle_alpha   90.00
_cell.angle_beta   90.00
_cell.angle_gamma   90.00
#
_symmetry.space_group_name_H-M   'P 21 21 21'
#
loop_
_entity.id
_entity.type
_entity.pdbx_description
1 polymer 'PLP-Dependent L-Arginine Hydroxylase MppP'
2 non-polymer 'CHLORIDE ION'
3 non-polymer '(4S)-5-carbamimidamido-4-hydroxy-2-oxopentanoic acid'
4 water water
#
_entity_poly.entity_id   1
_entity_poly.type   'polypeptide(L)'
_entity_poly.pdbx_seq_one_letter_code
;MTTQPQLKENLTQWEYLALNSELNIADGHARQALSPGQQKIVNELPVLWAESEQRPVQQIESEAHQAYFTLLGQHGYPAE
PGRVLSCYSSSVSMEILARSLSASVDRVALVHPTFDNIADLLRGNGLDLVPVEEDALHGADLSAELLSSVGCVFVTTPNN
PTGRVLAEERLRRLAEQCAEHGTVLALDTSFRGFDAAAHYDHYAVLQEAGCRWVVIEDTG(LLP)LWPTLDLKAGLLVFS
EDIGLPVEKIYSDILLGVSPLILALIREFSRDAADGGLADLHAFILHNRSVVRRALAGVEGVSFPDPESRSSVERVAFAG
RTGTEVWEELQRHHVFALPCRQFHWAEPSDGDHMVRIALSRSTEPLEKSVQVLRTVLETR
;
_entity_poly.pdbx_strand_id   A,B,C,D
#
loop_
_chem_comp.id
_chem_comp.type
_chem_comp.name
_chem_comp.formula
CL non-polymer 'CHLORIDE ION' 'Cl -1'
EGV non-polymer '(4S)-5-carbamimidamido-4-hydroxy-2-oxopentanoic acid' 'C6 H11 N3 O4'
#
# COMPACT_ATOMS: atom_id res chain seq x y z
N LEU A 23 25.76 17.21 35.35
CA LEU A 23 24.78 17.80 34.44
C LEU A 23 24.00 16.68 33.69
N ASN A 24 23.53 16.99 32.49
CA ASN A 24 22.65 16.13 31.72
C ASN A 24 23.48 15.12 30.93
N ILE A 25 23.40 13.84 31.28
CA ILE A 25 23.93 12.77 30.45
C ILE A 25 22.79 11.79 30.17
N ALA A 26 21.59 12.34 30.01
CA ALA A 26 20.39 11.53 29.86
C ALA A 26 19.96 11.42 28.40
N ASP A 27 19.39 12.48 27.83
CA ASP A 27 18.87 12.34 26.49
C ASP A 27 20.01 12.21 25.48
N GLY A 28 19.72 11.52 24.39
CA GLY A 28 20.73 11.14 23.43
C GLY A 28 21.08 12.21 22.44
N HIS A 29 20.39 13.35 22.47
CA HIS A 29 20.66 14.41 21.51
C HIS A 29 22.10 14.87 21.63
N ALA A 30 22.62 15.42 20.52
CA ALA A 30 24.00 15.87 20.47
C ALA A 30 24.12 17.27 21.05
N ARG A 31 24.93 17.40 22.10
CA ARG A 31 25.09 18.67 22.81
C ARG A 31 26.55 19.05 22.98
N GLN A 32 27.49 18.37 22.33
CA GLN A 32 28.87 18.82 22.36
C GLN A 32 29.02 20.12 21.55
N ALA A 33 30.19 20.74 21.66
CA ALA A 33 30.49 21.94 20.88
C ALA A 33 30.60 21.63 19.39
N LEU A 34 30.27 22.64 18.58
CA LEU A 34 30.51 22.57 17.14
C LEU A 34 31.99 22.41 16.86
N SER A 35 32.30 21.66 15.81
CA SER A 35 33.66 21.68 15.28
C SER A 35 33.92 23.00 14.57
N PRO A 36 35.19 23.31 14.25
CA PRO A 36 35.43 24.53 13.46
C PRO A 36 34.71 24.52 12.13
N GLY A 37 34.67 23.38 11.42
CA GLY A 37 33.96 23.33 10.16
C GLY A 37 32.47 23.57 10.33
N GLN A 38 31.91 23.06 11.42
CA GLN A 38 30.48 23.23 11.67
C GLN A 38 30.18 24.66 12.10
N GLN A 39 31.10 25.28 12.85
CA GLN A 39 30.90 26.68 13.23
C GLN A 39 30.92 27.59 12.00
N LYS A 40 31.73 27.25 10.98
CA LYS A 40 31.72 28.02 9.74
C LYS A 40 30.37 27.96 9.05
N ILE A 41 29.72 26.79 9.07
CA ILE A 41 28.38 26.68 8.51
C ILE A 41 27.42 27.61 9.27
N VAL A 42 27.48 27.59 10.60
CA VAL A 42 26.62 28.43 11.42
C VAL A 42 26.89 29.92 11.15
N ASN A 43 28.15 30.31 11.02
CA ASN A 43 28.47 31.69 10.70
C ASN A 43 27.86 32.13 9.38
N GLU A 44 27.63 31.20 8.46
CA GLU A 44 27.05 31.51 7.16
C GLU A 44 25.55 31.30 7.10
N LEU A 45 24.89 31.12 8.26
CA LEU A 45 23.44 30.98 8.23
C LEU A 45 22.73 32.09 7.46
N PRO A 46 23.16 33.36 7.50
CA PRO A 46 22.45 34.36 6.69
C PRO A 46 22.52 34.08 5.21
N VAL A 47 23.60 33.46 4.74
CA VAL A 47 23.70 33.09 3.33
C VAL A 47 22.80 31.89 3.04
N LEU A 48 22.79 30.90 3.92
CA LEU A 48 21.86 29.79 3.74
C LEU A 48 20.41 30.26 3.76
N TRP A 49 20.10 31.29 4.57
CA TRP A 49 18.77 31.87 4.55
C TRP A 49 18.44 32.47 3.19
N ALA A 50 19.37 33.24 2.60
CA ALA A 50 19.13 33.80 1.28
C ALA A 50 18.95 32.70 0.24
N GLU A 51 19.77 31.65 0.32
CA GLU A 51 19.60 30.53 -0.60
C GLU A 51 18.20 29.94 -0.49
N SER A 52 17.72 29.80 0.73
CA SER A 52 16.42 29.16 0.96
C SER A 52 15.26 30.04 0.51
N GLU A 53 15.44 31.36 0.53
CA GLU A 53 14.43 32.24 -0.05
C GLU A 53 14.42 32.18 -1.56
N GLN A 54 15.58 31.95 -2.18
CA GLN A 54 15.69 32.15 -3.61
C GLN A 54 15.52 30.87 -4.43
N ARG A 55 15.87 29.72 -3.90
CA ARG A 55 15.88 28.51 -4.70
C ARG A 55 14.63 27.68 -4.46
N PRO A 56 14.21 26.88 -5.45
CA PRO A 56 13.12 25.94 -5.22
C PRO A 56 13.46 24.96 -4.11
N VAL A 57 12.53 24.80 -3.16
CA VAL A 57 12.82 23.90 -2.03
C VAL A 57 13.15 22.50 -2.55
N GLN A 58 12.55 22.06 -3.65
CA GLN A 58 12.80 20.71 -4.13
C GLN A 58 14.27 20.48 -4.47
N GLN A 59 14.95 21.52 -4.98
CA GLN A 59 16.37 21.38 -5.29
C GLN A 59 17.18 21.26 -4.01
N ILE A 60 16.85 22.08 -3.02
CA ILE A 60 17.58 22.01 -1.75
C ILE A 60 17.35 20.65 -1.10
N GLU A 61 16.10 20.20 -1.12
CA GLU A 61 15.76 18.91 -0.51
C GLU A 61 16.48 17.75 -1.19
N SER A 62 16.48 17.73 -2.53
CA SER A 62 17.18 16.65 -3.23
C SER A 62 18.65 16.66 -2.89
N GLU A 63 19.24 17.86 -2.78
CA GLU A 63 20.66 17.94 -2.46
C GLU A 63 20.93 17.47 -1.03
N ALA A 64 20.03 17.81 -0.10
CA ALA A 64 20.21 17.36 1.27
C ALA A 64 20.13 15.84 1.35
N HIS A 65 19.12 15.25 0.71
CA HIS A 65 18.98 13.80 0.71
C HIS A 65 20.21 13.16 0.06
N GLN A 66 20.60 13.66 -1.10
CA GLN A 66 21.76 13.08 -1.77
C GLN A 66 22.98 13.11 -0.86
N ALA A 67 23.23 14.25 -0.20
CA ALA A 67 24.42 14.38 0.64
C ALA A 67 24.35 13.42 1.81
N TYR A 68 23.19 13.31 2.46
CA TYR A 68 23.08 12.49 3.66
C TYR A 68 23.10 11.00 3.33
N PHE A 69 22.28 10.56 2.36
CA PHE A 69 22.29 9.14 2.00
C PHE A 69 23.66 8.70 1.48
N THR A 70 24.29 9.51 0.61
CA THR A 70 25.58 9.10 0.06
C THR A 70 26.67 9.06 1.13
N LEU A 71 26.64 10.00 2.08
CA LEU A 71 27.59 10.01 3.19
C LEU A 71 27.61 8.68 3.91
N LEU A 72 26.42 8.09 4.09
CA LEU A 72 26.29 6.89 4.90
C LEU A 72 26.11 5.63 4.06
N GLY A 73 26.50 5.67 2.79
CA GLY A 73 26.59 4.45 2.00
C GLY A 73 25.29 4.00 1.37
N GLN A 74 24.22 4.81 1.47
CA GLN A 74 22.89 4.38 1.06
C GLN A 74 22.60 4.79 -0.38
N HIS A 75 23.46 4.30 -1.28
CA HIS A 75 23.47 4.83 -2.65
C HIS A 75 22.22 4.47 -3.42
N GLY A 76 21.56 3.37 -3.08
CA GLY A 76 20.34 2.94 -3.73
C GLY A 76 19.05 3.56 -3.25
N TYR A 77 19.10 4.60 -2.42
CA TYR A 77 17.88 5.21 -1.94
C TYR A 77 17.06 5.73 -3.13
N PRO A 78 15.73 5.72 -3.02
CA PRO A 78 14.89 6.21 -4.12
C PRO A 78 14.93 7.72 -4.20
N ALA A 79 15.57 8.23 -5.27
CA ALA A 79 15.85 9.65 -5.43
C ALA A 79 14.78 10.39 -6.21
N GLU A 80 13.76 9.71 -6.68
CA GLU A 80 12.66 10.38 -7.38
C GLU A 80 11.93 11.27 -6.38
N PRO A 81 11.59 12.51 -6.74
CA PRO A 81 10.84 13.34 -5.79
C PRO A 81 9.58 12.65 -5.29
N GLY A 82 9.34 12.77 -3.98
CA GLY A 82 8.19 12.18 -3.33
C GLY A 82 8.42 10.84 -2.64
N ARG A 83 9.54 10.18 -2.91
CA ARG A 83 9.79 8.87 -2.33
C ARG A 83 10.44 8.95 -0.96
N VAL A 84 11.14 10.06 -0.71
CA VAL A 84 11.70 10.37 0.60
C VAL A 84 10.91 11.57 1.14
N LEU A 85 10.15 11.33 2.22
CA LEU A 85 9.30 12.34 2.85
C LEU A 85 10.04 12.96 4.04
N SER A 86 10.32 14.25 3.94
CA SER A 86 11.06 14.96 4.99
C SER A 86 10.08 15.42 6.05
N CYS A 87 10.30 14.96 7.28
CA CYS A 87 9.43 15.20 8.42
C CYS A 87 10.18 16.04 9.46
N TYR A 88 9.42 16.70 10.33
CA TYR A 88 10.05 17.49 11.37
C TYR A 88 10.98 16.68 12.25
N SER A 89 10.66 15.42 12.47
CA SER A 89 11.50 14.58 13.31
C SER A 89 11.22 13.13 12.95
N SER A 90 12.12 12.25 13.41
CA SER A 90 11.89 10.82 13.26
C SER A 90 10.65 10.38 14.03
N SER A 91 10.37 10.98 15.19
CA SER A 91 9.15 10.60 15.92
C SER A 91 7.89 11.04 15.18
N VAL A 92 7.94 12.16 14.46
CA VAL A 92 6.80 12.51 13.60
C VAL A 92 6.65 11.47 12.50
N SER A 93 7.77 11.08 11.87
CA SER A 93 7.72 9.97 10.90
C SER A 93 7.09 8.74 11.53
N MET A 94 7.47 8.42 12.77
CA MET A 94 6.95 7.23 13.46
C MET A 94 5.45 7.34 13.76
N GLU A 95 4.98 8.54 14.10
CA GLU A 95 3.55 8.73 14.30
C GLU A 95 2.81 8.49 12.99
N ILE A 96 3.35 9.02 11.88
CA ILE A 96 2.75 8.77 10.58
C ILE A 96 2.71 7.28 10.30
N LEU A 97 3.83 6.59 10.52
CA LEU A 97 3.90 5.16 10.26
C LEU A 97 2.91 4.39 11.14
N ALA A 98 2.89 4.72 12.43
CA ALA A 98 2.00 4.01 13.35
C ALA A 98 0.55 4.20 12.96
N ARG A 99 0.15 5.44 12.67
CA ARG A 99 -1.22 5.68 12.21
C ARG A 99 -1.50 4.96 10.91
N SER A 100 -0.52 4.91 10.01
CA SER A 100 -0.70 4.28 8.73
C SER A 100 -0.85 2.77 8.85
N LEU A 101 -0.17 2.17 9.81
CA LEU A 101 -0.33 0.74 10.06
C LEU A 101 -1.68 0.38 10.67
N SER A 102 -2.27 1.29 11.46
CA SER A 102 -3.35 0.89 12.36
C SER A 102 -4.61 0.38 11.65
N ALA A 103 -4.91 0.81 10.41
CA ALA A 103 -6.13 0.31 9.78
C ALA A 103 -6.05 -1.18 9.43
N SER A 104 -4.87 -1.66 9.00
CA SER A 104 -4.72 -2.99 8.44
C SER A 104 -3.89 -3.93 9.29
N VAL A 105 -3.23 -3.45 10.34
CA VAL A 105 -2.30 -4.27 11.11
C VAL A 105 -2.75 -4.24 12.56
N ASP A 106 -2.88 -5.42 13.17
CA ASP A 106 -3.22 -5.53 14.57
C ASP A 106 -1.99 -5.66 15.45
N ARG A 107 -0.95 -6.36 14.95
CA ARG A 107 0.20 -6.77 15.75
C ARG A 107 1.49 -6.44 15.02
N VAL A 108 2.45 -5.93 15.77
CA VAL A 108 3.78 -5.58 15.27
C VAL A 108 4.82 -6.32 16.09
N ALA A 109 5.76 -7.00 15.41
CA ALA A 109 6.91 -7.54 16.09
C ALA A 109 7.96 -6.44 16.20
N LEU A 110 8.45 -6.18 17.41
CA LEU A 110 9.34 -5.07 17.68
C LEU A 110 10.56 -5.56 18.44
N VAL A 111 11.75 -5.12 18.02
CA VAL A 111 12.95 -5.51 18.74
C VAL A 111 12.88 -5.04 20.19
N HIS A 112 13.43 -5.87 21.08
CA HIS A 112 13.37 -5.65 22.50
C HIS A 112 14.75 -5.94 23.10
N PRO A 113 15.34 -4.99 23.84
CA PRO A 113 14.87 -3.64 24.12
C PRO A 113 14.99 -2.70 22.93
N THR A 114 14.34 -1.55 23.01
CA THR A 114 14.60 -0.46 22.06
C THR A 114 14.08 0.84 22.68
N PHE A 115 14.33 1.94 21.94
CA PHE A 115 13.83 3.29 22.19
C PHE A 115 12.35 3.22 22.56
N ASP A 116 11.97 3.60 23.77
CA ASP A 116 10.60 3.31 24.21
C ASP A 116 9.55 4.14 23.49
N ASN A 117 9.92 5.29 22.92
CA ASN A 117 8.95 6.08 22.16
C ASN A 117 8.34 5.27 21.04
N ILE A 118 9.12 4.38 20.41
CA ILE A 118 8.57 3.59 19.32
C ILE A 118 7.42 2.73 19.81
N ALA A 119 7.64 2.05 20.94
CA ALA A 119 6.58 1.25 21.53
C ALA A 119 5.38 2.10 21.92
N ASP A 120 5.62 3.28 22.50
CA ASP A 120 4.51 4.10 22.98
C ASP A 120 3.72 4.69 21.82
N LEU A 121 4.39 5.02 20.71
CA LEU A 121 3.68 5.53 19.53
C LEU A 121 2.89 4.40 18.86
N LEU A 122 3.45 3.19 18.80
CA LEU A 122 2.69 2.08 18.22
C LEU A 122 1.49 1.74 19.09
N ARG A 123 1.72 1.55 20.40
CA ARG A 123 0.62 1.22 21.29
C ARG A 123 -0.43 2.31 21.33
N GLY A 124 0.00 3.57 21.32
CA GLY A 124 -0.94 4.68 21.37
C GLY A 124 -1.83 4.77 20.16
N ASN A 125 -1.39 4.21 19.04
CA ASN A 125 -2.20 4.14 17.84
C ASN A 125 -2.91 2.80 17.69
N GLY A 126 -2.99 2.00 18.75
CA GLY A 126 -3.83 0.81 18.74
C GLY A 126 -3.15 -0.47 18.32
N LEU A 127 -1.85 -0.48 18.16
CA LEU A 127 -1.16 -1.69 17.73
C LEU A 127 -0.72 -2.49 18.95
N ASP A 128 -0.86 -3.80 18.86
CA ASP A 128 -0.36 -4.70 19.89
C ASP A 128 1.06 -5.11 19.51
N LEU A 129 1.92 -5.23 20.52
CA LEU A 129 3.34 -5.45 20.30
C LEU A 129 3.75 -6.85 20.73
N VAL A 130 4.62 -7.45 19.94
CA VAL A 130 5.24 -8.73 20.23
C VAL A 130 6.74 -8.52 20.31
N PRO A 131 7.40 -8.74 21.44
CA PRO A 131 8.84 -8.49 21.51
C PRO A 131 9.65 -9.59 20.82
N VAL A 132 10.75 -9.17 20.20
CA VAL A 132 11.74 -10.08 19.63
C VAL A 132 13.07 -9.74 20.28
N GLU A 133 13.63 -10.70 21.01
CA GLU A 133 14.89 -10.42 21.68
C GLU A 133 16.01 -10.33 20.65
N GLU A 134 17.09 -9.62 21.01
CA GLU A 134 18.14 -9.35 20.04
C GLU A 134 18.83 -10.64 19.57
N ASP A 135 19.12 -11.56 20.49
CA ASP A 135 19.84 -12.74 20.04
C ASP A 135 19.00 -13.53 19.03
N ALA A 136 17.69 -13.56 19.21
CA ALA A 136 16.80 -14.22 18.26
C ALA A 136 16.77 -13.48 16.92
N LEU A 137 16.74 -12.15 16.95
CA LEU A 137 16.57 -11.38 15.72
C LEU A 137 17.79 -11.52 14.82
N HIS A 138 18.97 -11.47 15.41
CA HIS A 138 20.21 -11.49 14.67
C HIS A 138 20.67 -12.89 14.35
N GLY A 139 20.40 -13.83 15.26
CA GLY A 139 21.05 -15.12 15.23
C GLY A 139 20.36 -16.20 14.44
N ALA A 140 19.09 -16.01 14.10
CA ALA A 140 18.35 -17.05 13.40
C ALA A 140 17.21 -16.41 12.63
N ASP A 141 16.71 -17.13 11.63
CA ASP A 141 15.46 -16.73 10.99
C ASP A 141 14.35 -16.60 12.04
N LEU A 142 13.38 -15.73 11.74
CA LEU A 142 12.16 -15.69 12.55
C LEU A 142 11.24 -16.84 12.19
N SER A 143 10.49 -17.28 13.16
CA SER A 143 9.58 -18.41 12.96
C SER A 143 8.42 -18.02 12.05
N ALA A 144 7.94 -19.01 11.29
CA ALA A 144 6.72 -18.84 10.52
C ALA A 144 5.55 -18.49 11.43
N GLU A 145 5.53 -19.04 12.64
CA GLU A 145 4.44 -18.74 13.56
C GLU A 145 4.40 -17.25 13.89
N LEU A 146 5.56 -16.68 14.17
CA LEU A 146 5.60 -15.26 14.47
C LEU A 146 5.23 -14.43 13.26
N LEU A 147 5.87 -14.72 12.12
CA LEU A 147 5.68 -13.87 10.94
C LEU A 147 4.26 -13.95 10.40
N SER A 148 3.63 -15.13 10.46
CA SER A 148 2.26 -15.21 9.97
C SER A 148 1.27 -14.55 10.91
N SER A 149 1.71 -14.12 12.11
CA SER A 149 0.83 -13.54 13.11
C SER A 149 1.02 -12.02 13.30
N VAL A 150 1.96 -11.41 12.59
CA VAL A 150 2.17 -9.96 12.69
C VAL A 150 2.10 -9.36 11.30
N GLY A 151 1.72 -8.09 11.22
CA GLY A 151 1.62 -7.38 9.96
C GLY A 151 2.82 -6.51 9.66
N CYS A 152 3.67 -6.35 10.66
CA CYS A 152 4.87 -5.52 10.53
C CYS A 152 5.92 -6.05 11.49
N VAL A 153 7.17 -6.07 11.04
CA VAL A 153 8.35 -6.33 11.85
C VAL A 153 9.14 -5.02 11.90
N PHE A 154 9.46 -4.53 13.09
CA PHE A 154 10.12 -3.24 13.26
C PHE A 154 11.47 -3.44 13.95
N VAL A 155 12.53 -2.98 13.31
CA VAL A 155 13.89 -3.14 13.83
C VAL A 155 14.59 -1.79 13.87
N THR A 156 15.12 -1.43 15.03
CA THR A 156 15.97 -0.26 15.19
C THR A 156 17.41 -0.72 14.97
N THR A 157 18.10 -0.14 13.97
CA THR A 157 19.48 -0.57 13.69
C THR A 157 20.30 0.60 13.18
N PRO A 158 21.45 0.91 13.81
CA PRO A 158 21.94 0.34 15.08
C PRO A 158 20.92 0.51 16.17
N ASN A 159 20.78 -0.48 17.07
CA ASN A 159 19.73 -0.35 18.06
C ASN A 159 20.09 0.71 19.10
N ASN A 160 19.07 1.40 19.58
CA ASN A 160 19.16 2.25 20.76
C ASN A 160 18.40 1.52 21.84
N PRO A 161 19.04 1.03 22.93
CA PRO A 161 20.30 1.51 23.51
C PRO A 161 21.54 0.63 23.32
N THR A 162 21.44 -0.50 22.63
CA THR A 162 22.50 -1.50 22.66
C THR A 162 23.58 -1.29 21.62
N GLY A 163 23.30 -0.50 20.59
CA GLY A 163 24.23 -0.31 19.50
C GLY A 163 24.31 -1.47 18.54
N ARG A 164 23.53 -2.52 18.75
CA ARG A 164 23.66 -3.72 17.93
C ARG A 164 23.22 -3.41 16.50
N VAL A 165 24.02 -3.86 15.54
CA VAL A 165 23.78 -3.56 14.12
C VAL A 165 23.26 -4.81 13.42
N LEU A 166 22.15 -4.67 12.72
CA LEU A 166 21.66 -5.72 11.83
C LEU A 166 22.58 -5.87 10.63
N ALA A 167 23.22 -7.04 10.53
CA ALA A 167 24.19 -7.30 9.47
C ALA A 167 23.47 -7.53 8.15
N GLU A 168 24.20 -7.33 7.06
CA GLU A 168 23.60 -7.33 5.73
C GLU A 168 22.92 -8.67 5.43
N GLU A 169 23.58 -9.78 5.78
CA GLU A 169 23.01 -11.08 5.48
C GLU A 169 21.73 -11.30 6.27
N ARG A 170 21.66 -10.80 7.50
CA ARG A 170 20.44 -10.96 8.27
C ARG A 170 19.33 -10.01 7.79
N LEU A 171 19.68 -8.77 7.42
CA LEU A 171 18.67 -7.90 6.80
C LEU A 171 18.08 -8.55 5.56
N ARG A 172 18.92 -9.12 4.70
CA ARG A 172 18.43 -9.75 3.48
C ARG A 172 17.48 -10.88 3.79
N ARG A 173 17.82 -11.73 4.76
CA ARG A 173 16.95 -12.85 5.12
C ARG A 173 15.66 -12.34 5.74
N LEU A 174 15.77 -11.34 6.61
CA LEU A 174 14.59 -10.83 7.24
C LEU A 174 13.65 -10.20 6.21
N ALA A 175 14.21 -9.47 5.25
CA ALA A 175 13.40 -8.89 4.21
C ALA A 175 12.76 -9.96 3.33
N GLU A 176 13.51 -11.02 3.00
CA GLU A 176 12.94 -12.12 2.23
C GLU A 176 11.80 -12.79 2.97
N GLN A 177 11.97 -12.99 4.28
CA GLN A 177 10.92 -13.63 5.08
C GLN A 177 9.69 -12.74 5.18
N CYS A 178 9.88 -11.43 5.33
CA CYS A 178 8.73 -10.52 5.36
C CYS A 178 8.01 -10.55 4.03
N ALA A 179 8.75 -10.67 2.92
CA ALA A 179 8.11 -10.73 1.61
C ALA A 179 7.28 -12.01 1.51
N GLU A 180 7.84 -13.14 1.95
CA GLU A 180 7.18 -14.43 1.91
C GLU A 180 5.88 -14.44 2.69
N HIS A 181 5.79 -13.65 3.77
CA HIS A 181 4.65 -13.67 4.67
C HIS A 181 3.74 -12.46 4.48
N GLY A 182 4.04 -11.60 3.52
CA GLY A 182 3.20 -10.43 3.28
C GLY A 182 3.27 -9.41 4.38
N THR A 183 4.41 -9.35 5.07
CA THR A 183 4.62 -8.55 6.28
C THR A 183 5.44 -7.31 5.92
N VAL A 184 5.11 -6.16 6.51
CA VAL A 184 5.89 -4.94 6.29
C VAL A 184 7.15 -5.00 7.15
N LEU A 185 8.30 -4.70 6.55
CA LEU A 185 9.54 -4.56 7.30
C LEU A 185 9.82 -3.08 7.48
N ALA A 186 9.93 -2.63 8.73
CA ALA A 186 10.18 -1.23 9.04
C ALA A 186 11.50 -1.12 9.81
N LEU A 187 12.35 -0.19 9.41
CA LEU A 187 13.64 0.02 10.05
C LEU A 187 13.71 1.44 10.58
N ASP A 188 14.24 1.59 11.78
CA ASP A 188 14.58 2.90 12.35
C ASP A 188 16.10 2.98 12.41
N THR A 189 16.66 3.90 11.63
CA THR A 189 18.10 3.95 11.41
C THR A 189 18.71 5.28 11.90
N SER A 190 18.14 5.83 12.97
CA SER A 190 18.64 7.09 13.54
C SER A 190 20.13 7.06 13.90
N PHE A 191 20.63 5.93 14.40
CA PHE A 191 22.04 5.84 14.78
C PHE A 191 22.96 5.42 13.63
N ARG A 192 22.46 5.38 12.40
CA ARG A 192 23.26 4.89 11.28
C ARG A 192 24.61 5.57 11.18
N GLY A 193 24.66 6.89 11.36
CA GLY A 193 25.91 7.60 11.07
C GLY A 193 27.04 7.25 11.99
N PHE A 194 26.73 6.72 13.18
CA PHE A 194 27.76 6.43 14.16
C PHE A 194 28.55 5.15 13.88
N ASP A 195 28.03 4.21 13.09
CA ASP A 195 28.63 2.89 13.01
C ASP A 195 28.76 2.47 11.56
N ALA A 196 30.01 2.36 11.08
CA ALA A 196 30.27 2.01 9.68
C ALA A 196 29.73 0.63 9.32
N ALA A 197 29.49 -0.22 10.31
CA ALA A 197 28.86 -1.51 10.04
C ALA A 197 27.46 -1.36 9.50
N ALA A 198 26.81 -0.20 9.73
CA ALA A 198 25.48 0.10 9.21
C ALA A 198 25.53 0.90 7.91
N HIS A 199 26.70 1.01 7.28
CA HIS A 199 26.82 1.79 6.05
C HIS A 199 26.84 0.93 4.78
N TYR A 200 26.61 -0.38 4.88
CA TYR A 200 26.26 -1.10 3.67
C TYR A 200 24.87 -0.62 3.19
N ASP A 201 24.62 -0.79 1.89
CA ASP A 201 23.44 -0.19 1.26
C ASP A 201 22.19 -0.98 1.62
N HIS A 202 21.42 -0.45 2.59
CA HIS A 202 20.19 -1.11 3.04
C HIS A 202 19.12 -1.09 1.96
N TYR A 203 19.06 -0.01 1.17
CA TYR A 203 18.00 0.12 0.16
C TYR A 203 18.18 -0.90 -0.95
N ALA A 204 19.42 -1.16 -1.35
CA ALA A 204 19.67 -2.22 -2.32
C ALA A 204 19.10 -3.54 -1.83
N VAL A 205 19.38 -3.90 -0.58
CA VAL A 205 18.87 -5.15 0.00
C VAL A 205 17.35 -5.18 -0.03
N LEU A 206 16.72 -4.12 0.47
CA LEU A 206 15.26 -4.08 0.55
C LEU A 206 14.63 -4.20 -0.83
N GLN A 207 15.17 -3.48 -1.80
CA GLN A 207 14.59 -3.49 -3.13
C GLN A 207 14.82 -4.85 -3.80
N GLU A 208 15.94 -5.48 -3.53
CA GLU A 208 16.22 -6.79 -4.10
C GLU A 208 15.32 -7.86 -3.50
N ALA A 209 15.00 -7.73 -2.20
CA ALA A 209 14.11 -8.70 -1.57
C ALA A 209 12.65 -8.51 -1.98
N GLY A 210 12.22 -7.27 -2.21
CA GLY A 210 10.88 -7.03 -2.72
C GLY A 210 9.79 -7.16 -1.70
N CYS A 211 10.13 -7.08 -0.41
CA CYS A 211 9.10 -6.91 0.61
C CYS A 211 8.55 -5.49 0.59
N ARG A 212 7.38 -5.32 1.18
CA ARG A 212 6.90 -3.99 1.51
C ARG A 212 7.74 -3.46 2.66
N TRP A 213 8.28 -2.25 2.50
CA TRP A 213 9.23 -1.76 3.49
C TRP A 213 9.11 -0.26 3.71
N VAL A 214 9.56 0.15 4.89
CA VAL A 214 9.65 1.55 5.29
C VAL A 214 10.94 1.69 6.05
N VAL A 215 11.67 2.77 5.80
CA VAL A 215 12.86 3.13 6.58
C VAL A 215 12.65 4.55 7.10
N ILE A 216 12.90 4.76 8.39
CA ILE A 216 12.90 6.11 8.96
C ILE A 216 14.34 6.45 9.29
N GLU A 217 14.94 7.32 8.48
CA GLU A 217 16.25 7.89 8.78
C GLU A 217 16.06 9.11 9.67
N ASP A 218 17.12 9.48 10.37
CA ASP A 218 17.08 10.63 11.28
C ASP A 218 18.39 11.35 11.17
N THR A 219 18.35 12.67 10.93
CA THR A 219 19.60 13.43 11.01
C THR A 219 19.91 13.91 12.42
N GLY A 220 18.95 13.86 13.33
CA GLY A 220 19.03 14.60 14.57
C GLY A 220 20.13 14.20 15.53
N1 LLP A 221 14.73 6.70 16.85
C2 LLP A 221 15.84 6.50 17.59
C2' LLP A 221 16.36 5.09 17.68
C3 LLP A 221 16.45 7.58 18.29
O3 LLP A 221 17.56 7.29 19.01
C4 LLP A 221 15.92 8.88 18.21
C4' LLP A 221 16.61 9.98 18.93
C5 LLP A 221 14.76 9.07 17.42
C6 LLP A 221 14.22 7.95 16.77
C5' LLP A 221 14.05 10.35 17.12
OP4 LLP A 221 14.01 11.23 18.19
P LLP A 221 13.38 12.69 18.01
OP1 LLP A 221 14.32 13.55 17.22
OP2 LLP A 221 13.15 13.09 19.48
OP3 LLP A 221 12.00 12.48 17.33
N LLP A 221 20.40 12.90 15.64
CA LLP A 221 21.32 12.47 16.65
CB LLP A 221 21.08 10.98 16.98
CG LLP A 221 19.73 10.72 17.63
CD LLP A 221 19.85 10.97 19.12
CE LLP A 221 18.48 11.01 19.82
NZ LLP A 221 17.73 9.83 19.51
C LLP A 221 22.79 12.65 16.32
O LLP A 221 23.69 12.66 17.32
H2'1 LLP A 221 15.56 4.43 18.09
H2'2 LLP A 221 17.23 5.08 18.39
H2'3 LLP A 221 16.70 4.70 16.68
H4'1 LLP A 221 16.12 10.98 18.75
H6 LLP A 221 13.32 8.06 16.13
H5'1 LLP A 221 12.98 10.11 16.90
H5'2 LLP A 221 14.49 10.89 16.23
HA LLP A 221 21.11 13.08 17.59
HB2 LLP A 221 21.90 10.61 17.66
HB3 LLP A 221 21.16 10.41 16.02
HG2 LLP A 221 19.40 9.67 17.44
HG3 LLP A 221 18.96 11.41 17.19
HD2 LLP A 221 20.39 11.93 19.30
HD3 LLP A 221 20.47 10.15 19.58
HE2 LLP A 221 17.96 11.97 19.54
HE3 LLP A 221 18.65 11.01 20.94
N LEU A 222 23.15 12.88 15.07
CA LEU A 222 24.55 12.93 14.69
C LEU A 222 25.29 14.17 15.11
N TRP A 223 24.66 15.32 14.91
CA TRP A 223 25.37 16.59 15.01
C TRP A 223 24.69 17.52 15.98
N PRO A 224 25.46 18.41 16.61
CA PRO A 224 24.88 19.35 17.57
C PRO A 224 24.28 20.59 16.89
N THR A 225 23.09 20.39 16.34
CA THR A 225 22.42 21.41 15.54
C THR A 225 21.26 22.06 16.27
N LEU A 226 21.27 22.06 17.60
CA LEU A 226 20.20 22.68 18.38
C LEU A 226 18.84 22.09 18.02
N ASP A 227 18.84 20.79 17.74
CA ASP A 227 17.64 20.03 17.43
C ASP A 227 16.98 20.46 16.12
N LEU A 228 17.75 21.10 15.26
CA LEU A 228 17.35 21.38 13.88
C LEU A 228 17.69 20.14 13.06
N LYS A 229 16.67 19.48 12.54
CA LYS A 229 16.82 18.12 12.05
C LYS A 229 15.64 17.78 11.16
N ALA A 230 15.73 16.60 10.55
CA ALA A 230 14.59 16.00 9.89
C ALA A 230 14.61 14.48 10.07
N GLY A 231 13.41 13.93 10.16
CA GLY A 231 13.25 12.49 9.94
C GLY A 231 12.96 12.31 8.46
N LEU A 232 13.50 11.25 7.88
CA LEU A 232 13.28 10.96 6.47
C LEU A 232 12.52 9.65 6.36
N LEU A 233 11.28 9.74 5.93
CA LEU A 233 10.39 8.59 5.84
C LEU A 233 10.47 8.08 4.41
N VAL A 234 11.06 6.90 4.24
CA VAL A 234 11.27 6.32 2.91
C VAL A 234 10.44 5.05 2.82
N PHE A 235 9.80 4.80 1.67
CA PHE A 235 8.89 3.67 1.59
C PHE A 235 8.97 3.00 0.22
N SER A 236 8.64 1.71 0.20
CA SER A 236 8.60 0.97 -1.05
C SER A 236 7.41 1.41 -1.88
N GLU A 237 7.53 1.28 -3.22
CA GLU A 237 6.44 1.74 -4.07
C GLU A 237 5.14 1.00 -3.78
N ASP A 238 5.24 -0.24 -3.31
CA ASP A 238 4.09 -1.10 -3.02
C ASP A 238 3.73 -1.16 -1.54
N ILE A 239 4.15 -0.17 -0.76
CA ILE A 239 3.98 -0.25 0.70
C ILE A 239 2.53 -0.56 1.08
N GLY A 240 1.56 0.02 0.37
CA GLY A 240 0.19 -0.36 0.60
C GLY A 240 -0.39 0.20 1.87
N LEU A 241 0.24 1.24 2.42
CA LEU A 241 -0.18 1.96 3.61
C LEU A 241 -0.31 3.43 3.27
N PRO A 242 -1.16 4.17 4.02
CA PRO A 242 -1.44 5.57 3.66
C PRO A 242 -0.39 6.54 4.17
N VAL A 243 0.89 6.18 4.04
CA VAL A 243 1.95 7.02 4.59
C VAL A 243 1.98 8.39 3.92
N GLU A 244 1.82 8.43 2.58
CA GLU A 244 1.84 9.71 1.86
C GLU A 244 0.65 10.58 2.24
N LYS A 245 -0.54 9.98 2.34
CA LYS A 245 -1.73 10.74 2.70
C LYS A 245 -1.60 11.30 4.12
N ILE A 246 -1.23 10.47 5.08
CA ILE A 246 -1.14 10.97 6.45
C ILE A 246 0.00 11.96 6.62
N TYR A 247 1.11 11.77 5.89
CA TYR A 247 2.14 12.79 5.86
C TYR A 247 1.56 14.14 5.43
N SER A 248 0.80 14.16 4.35
CA SER A 248 0.24 15.40 3.83
C SER A 248 -0.84 16.00 4.75
N ASP A 249 -1.47 15.19 5.58
CA ASP A 249 -2.35 15.73 6.62
C ASP A 249 -1.56 16.50 7.69
N ILE A 250 -0.31 16.13 7.91
CA ILE A 250 0.47 16.73 8.98
C ILE A 250 1.33 17.88 8.46
N LEU A 251 1.97 17.78 7.30
CA LEU A 251 2.84 18.89 6.90
C LEU A 251 3.02 18.98 5.39
N LEU A 252 3.34 20.22 4.97
CA LEU A 252 3.69 20.56 3.59
C LEU A 252 5.14 20.20 3.29
N GLY A 253 5.96 20.11 4.32
CA GLY A 253 7.38 19.86 4.17
C GLY A 253 8.11 20.54 5.31
N VAL A 254 9.43 20.37 5.32
CA VAL A 254 10.27 20.96 6.36
C VAL A 254 10.87 22.26 5.84
N SER A 255 11.43 23.04 6.76
CA SER A 255 12.04 24.32 6.39
C SER A 255 13.17 24.11 5.39
N PRO A 256 13.22 24.89 4.30
CA PRO A 256 14.40 24.80 3.42
C PRO A 256 15.70 25.13 4.13
N LEU A 257 15.65 25.96 5.17
CA LEU A 257 16.87 26.29 5.89
C LEU A 257 17.41 25.06 6.59
N ILE A 258 16.53 24.26 7.19
CA ILE A 258 16.98 23.05 7.85
C ILE A 258 17.51 22.05 6.83
N LEU A 259 16.86 21.94 5.69
CA LEU A 259 17.38 21.07 4.63
C LEU A 259 18.76 21.54 4.17
N ALA A 260 18.93 22.85 4.00
CA ALA A 260 20.24 23.36 3.61
C ALA A 260 21.27 23.07 4.70
N LEU A 261 20.88 23.22 5.97
CA LEU A 261 21.80 22.92 7.06
C LEU A 261 22.21 21.44 7.05
N ILE A 262 21.24 20.54 6.84
CA ILE A 262 21.55 19.12 6.72
C ILE A 262 22.51 18.88 5.58
N ARG A 263 22.29 19.52 4.45
CA ARG A 263 23.18 19.38 3.32
C ARG A 263 24.61 19.77 3.70
N GLU A 264 24.75 20.94 4.32
CA GLU A 264 26.08 21.43 4.66
C GLU A 264 26.76 20.58 5.74
N PHE A 265 26.02 20.18 6.78
CA PHE A 265 26.63 19.33 7.80
C PHE A 265 27.02 17.98 7.20
N SER A 266 26.23 17.46 6.24
CA SER A 266 26.57 16.21 5.59
C SER A 266 27.83 16.36 4.75
N ARG A 267 27.97 17.50 4.08
CA ARG A 267 29.15 17.74 3.26
C ARG A 267 30.40 17.87 4.13
N ASP A 268 30.29 18.59 5.24
CA ASP A 268 31.39 18.68 6.19
C ASP A 268 31.75 17.30 6.73
N ALA A 269 30.75 16.48 7.02
CA ALA A 269 31.02 15.12 7.50
C ALA A 269 31.76 14.30 6.46
N ALA A 270 31.39 14.47 5.19
CA ALA A 270 32.03 13.72 4.12
C ALA A 270 33.48 14.16 3.91
N ASP A 271 33.79 15.42 4.23
CA ASP A 271 35.13 15.98 4.08
C ASP A 271 36.07 15.61 5.22
N GLY A 272 35.66 14.73 6.13
CA GLY A 272 36.47 14.36 7.29
C GLY A 272 35.73 14.50 8.62
N GLY A 273 34.60 15.19 8.60
CA GLY A 273 33.86 15.39 9.83
C GLY A 273 33.31 14.11 10.42
N LEU A 274 32.93 13.16 9.57
CA LEU A 274 32.36 11.91 10.11
C LEU A 274 33.43 11.09 10.81
N ALA A 275 34.63 11.04 10.24
CA ALA A 275 35.74 10.37 10.91
C ALA A 275 36.06 11.04 12.25
N ASP A 276 36.05 12.38 12.28
CA ASP A 276 36.29 13.08 13.54
C ASP A 276 35.21 12.74 14.56
N LEU A 277 33.95 12.64 14.11
CA LEU A 277 32.85 12.30 15.02
C LEU A 277 33.06 10.92 15.62
N HIS A 278 33.41 9.94 14.78
CA HIS A 278 33.64 8.59 15.29
C HIS A 278 34.78 8.59 16.31
N ALA A 279 35.85 9.33 16.05
CA ALA A 279 36.93 9.40 17.03
C ALA A 279 36.50 10.08 18.32
N PHE A 280 35.61 11.08 18.21
CA PHE A 280 35.11 11.79 19.39
C PHE A 280 34.23 10.88 20.23
N ILE A 281 33.32 10.15 19.59
CA ILE A 281 32.47 9.23 20.33
C ILE A 281 33.31 8.12 20.96
N LEU A 282 34.30 7.60 20.22
CA LEU A 282 35.17 6.57 20.77
C LEU A 282 35.93 7.11 21.98
N HIS A 283 36.37 8.36 21.92
CA HIS A 283 37.09 8.93 23.04
C HIS A 283 36.19 9.02 24.26
N ASN A 284 34.94 9.50 24.08
CA ASN A 284 34.04 9.63 25.22
C ASN A 284 33.61 8.26 25.76
N ARG A 285 33.40 7.28 24.89
CA ARG A 285 33.17 5.91 25.36
C ARG A 285 34.35 5.42 26.18
N SER A 286 35.57 5.70 25.74
CA SER A 286 36.77 5.30 26.47
C SER A 286 36.85 6.00 27.82
N VAL A 287 36.44 7.26 27.88
CA VAL A 287 36.43 7.99 29.14
C VAL A 287 35.52 7.30 30.15
N VAL A 288 34.32 6.93 29.72
CA VAL A 288 33.34 6.32 30.63
C VAL A 288 33.87 4.99 31.13
N ARG A 289 34.38 4.16 30.23
CA ARG A 289 34.81 2.83 30.61
C ARG A 289 36.08 2.87 31.45
N ARG A 290 37.01 3.76 31.12
CA ARG A 290 38.20 3.88 31.95
C ARG A 290 37.83 4.37 33.35
N ALA A 291 36.85 5.26 33.43
CA ALA A 291 36.44 5.79 34.73
C ALA A 291 35.82 4.70 35.60
N LEU A 292 35.06 3.79 35.01
CA LEU A 292 34.32 2.78 35.77
C LEU A 292 34.95 1.40 35.73
N ALA A 293 36.08 1.23 35.05
CA ALA A 293 36.65 -0.09 34.80
C ALA A 293 36.78 -0.90 36.09
N GLY A 294 37.41 -0.34 37.11
CA GLY A 294 37.77 -1.13 38.27
C GLY A 294 36.70 -1.31 39.31
N VAL A 295 35.53 -0.68 39.15
CA VAL A 295 34.54 -0.68 40.22
C VAL A 295 33.90 -2.05 40.34
N GLU A 296 33.80 -2.53 41.58
CA GLU A 296 33.22 -3.85 41.82
C GLU A 296 31.80 -3.91 41.31
N GLY A 297 31.49 -4.96 40.55
CA GLY A 297 30.15 -5.21 40.09
C GLY A 297 29.79 -4.57 38.76
N VAL A 298 30.67 -3.76 38.19
CA VAL A 298 30.36 -2.98 36.99
C VAL A 298 30.81 -3.74 35.75
N SER A 299 29.96 -3.75 34.72
CA SER A 299 30.32 -4.33 33.44
C SER A 299 29.69 -3.51 32.32
N PHE A 300 30.17 -3.74 31.12
CA PHE A 300 29.67 -3.03 29.94
C PHE A 300 29.04 -4.02 28.98
N PRO A 301 27.70 -4.07 28.88
CA PRO A 301 27.07 -5.17 28.12
C PRO A 301 27.31 -5.12 26.62
N ASP A 302 27.74 -3.98 26.07
CA ASP A 302 27.82 -3.79 24.61
C ASP A 302 29.23 -3.38 24.22
N PRO A 303 30.21 -4.29 24.35
CA PRO A 303 31.62 -3.88 24.18
C PRO A 303 31.94 -3.33 22.80
N GLU A 304 31.22 -3.77 21.77
CA GLU A 304 31.51 -3.36 20.40
C GLU A 304 30.60 -2.24 19.90
N SER A 305 29.74 -1.70 20.77
CA SER A 305 28.87 -0.61 20.32
C SER A 305 29.70 0.60 19.93
N ARG A 306 29.29 1.25 18.84
CA ARG A 306 29.86 2.54 18.44
C ARG A 306 28.82 3.66 18.51
N SER A 307 27.67 3.39 19.11
CA SER A 307 26.61 4.38 19.16
C SER A 307 26.91 5.45 20.19
N SER A 308 26.11 6.51 20.16
CA SER A 308 26.39 7.67 21.00
C SER A 308 25.77 7.55 22.40
N VAL A 309 25.31 6.37 22.78
CA VAL A 309 24.85 6.11 24.13
C VAL A 309 25.52 4.83 24.61
N GLU A 310 25.68 4.71 25.93
CA GLU A 310 26.45 3.62 26.53
C GLU A 310 25.68 3.03 27.70
N ARG A 311 25.43 1.73 27.64
CA ARG A 311 24.86 1.01 28.77
C ARG A 311 25.95 0.61 29.75
N VAL A 312 25.65 0.76 31.04
CA VAL A 312 26.53 0.34 32.13
C VAL A 312 25.72 -0.58 33.02
N ALA A 313 26.23 -1.78 33.24
CA ALA A 313 25.58 -2.76 34.09
C ALA A 313 26.32 -2.82 35.41
N PHE A 314 25.58 -3.04 36.48
CA PHE A 314 26.24 -3.12 37.78
C PHE A 314 25.42 -4.02 38.67
N ALA A 315 26.10 -4.99 39.28
CA ALA A 315 25.46 -5.88 40.23
C ALA A 315 25.38 -5.19 41.60
N GLY A 316 24.28 -5.47 42.30
CA GLY A 316 24.10 -5.00 43.65
C GLY A 316 23.11 -3.88 43.81
N ARG A 317 22.80 -3.15 42.75
CA ARG A 317 21.87 -2.03 42.83
C ARG A 317 21.01 -2.01 41.58
N THR A 318 19.85 -1.38 41.71
CA THR A 318 18.98 -1.18 40.57
C THR A 318 19.37 0.13 39.88
N GLY A 319 19.24 0.16 38.54
CA GLY A 319 19.47 1.40 37.83
C GLY A 319 18.59 2.54 38.34
N THR A 320 17.42 2.21 38.87
CA THR A 320 16.57 3.22 39.47
C THR A 320 17.21 3.80 40.73
N GLU A 321 17.80 2.93 41.56
CA GLU A 321 18.49 3.41 42.75
C GLU A 321 19.71 4.23 42.39
N VAL A 322 20.47 3.80 41.38
CA VAL A 322 21.64 4.56 40.96
C VAL A 322 21.21 5.89 40.38
N TRP A 323 20.14 5.88 39.59
CA TRP A 323 19.59 7.11 39.06
C TRP A 323 19.23 8.08 40.17
N GLU A 324 18.53 7.58 41.20
CA GLU A 324 18.14 8.40 42.33
C GLU A 324 19.35 9.06 42.98
N GLU A 325 20.41 8.27 43.20
CA GLU A 325 21.58 8.79 43.90
C GLU A 325 22.29 9.86 43.07
N LEU A 326 22.45 9.60 41.77
CA LEU A 326 23.06 10.60 40.89
C LEU A 326 22.29 11.92 40.95
N GLN A 327 20.97 11.83 40.94
CA GLN A 327 20.13 13.01 40.96
C GLN A 327 20.40 13.86 42.20
N ARG A 328 20.69 13.21 43.35
CA ARG A 328 21.07 13.95 44.53
C ARG A 328 22.34 14.76 44.32
N HIS A 329 23.25 14.27 43.47
CA HIS A 329 24.47 14.99 43.13
C HIS A 329 24.34 15.78 41.85
N HIS A 330 23.10 16.04 41.41
CA HIS A 330 22.81 16.94 40.29
C HIS A 330 23.29 16.37 38.96
N VAL A 331 23.36 15.04 38.87
CA VAL A 331 23.74 14.35 37.64
C VAL A 331 22.53 13.57 37.15
N PHE A 332 22.19 13.72 35.88
CA PHE A 332 20.97 13.13 35.33
C PHE A 332 21.33 12.16 34.23
N ALA A 333 21.22 10.86 34.53
CA ALA A 333 21.34 9.80 33.55
C ALA A 333 19.95 9.18 33.31
N LEU A 334 19.93 7.95 32.80
CA LEU A 334 18.66 7.26 32.56
C LEU A 334 18.73 5.85 33.12
N PRO A 335 17.71 5.40 33.84
CA PRO A 335 17.62 3.97 34.14
C PRO A 335 17.17 3.25 32.88
N CYS A 336 17.50 1.97 32.79
CA CYS A 336 17.27 1.24 31.55
C CYS A 336 15.92 0.53 31.49
N ARG A 337 15.17 0.47 32.59
CA ARG A 337 13.89 -0.22 32.61
C ARG A 337 13.03 0.15 31.40
N GLN A 338 12.92 1.44 31.09
CA GLN A 338 11.99 1.92 30.06
C GLN A 338 12.27 1.31 28.69
N PHE A 339 13.54 1.02 28.40
CA PHE A 339 13.89 0.47 27.10
C PHE A 339 13.38 -0.96 26.95
N HIS A 340 13.16 -1.65 28.05
CA HIS A 340 12.65 -3.01 28.01
C HIS A 340 11.13 -2.94 28.11
N TRP A 341 10.56 -2.45 27.01
CA TRP A 341 9.18 -2.00 26.98
C TRP A 341 8.18 -3.13 27.18
N ALA A 342 8.62 -4.39 27.08
CA ALA A 342 7.75 -5.54 27.29
C ALA A 342 8.00 -6.20 28.62
N GLU A 343 9.14 -5.95 29.24
CA GLU A 343 9.53 -6.60 30.49
C GLU A 343 10.51 -5.68 31.20
N PRO A 344 10.03 -4.62 31.85
CA PRO A 344 10.96 -3.58 32.34
C PRO A 344 11.99 -4.09 33.32
N SER A 345 11.68 -5.15 34.07
CA SER A 345 12.65 -5.68 35.03
C SER A 345 13.90 -6.19 34.35
N ASP A 346 13.81 -6.51 33.04
CA ASP A 346 15.00 -6.91 32.30
C ASP A 346 16.10 -5.85 32.34
N GLY A 347 15.75 -4.60 32.59
CA GLY A 347 16.72 -3.53 32.58
C GLY A 347 17.01 -2.86 33.91
N ASP A 348 16.51 -3.37 35.03
CA ASP A 348 16.68 -2.57 36.24
C ASP A 348 18.04 -2.76 36.90
N HIS A 349 18.99 -3.47 36.26
CA HIS A 349 20.37 -3.47 36.71
C HIS A 349 21.30 -2.71 35.75
N MET A 350 20.75 -1.79 34.97
CA MET A 350 21.54 -1.01 34.03
C MET A 350 21.09 0.44 34.04
N VAL A 351 22.05 1.33 33.73
CA VAL A 351 21.76 2.71 33.37
C VAL A 351 22.35 2.99 32.00
N ARG A 352 21.86 4.05 31.36
CA ARG A 352 22.37 4.50 30.09
C ARG A 352 22.96 5.90 30.22
N ILE A 353 24.10 6.11 29.56
CA ILE A 353 24.85 7.36 29.60
C ILE A 353 24.93 7.92 28.19
N ALA A 354 24.67 9.22 28.05
CA ALA A 354 24.77 9.89 26.77
C ALA A 354 26.22 10.32 26.52
N LEU A 355 26.73 10.00 25.33
CA LEU A 355 28.10 10.33 24.96
C LEU A 355 28.22 11.55 24.05
N SER A 356 27.13 12.03 23.44
CA SER A 356 27.21 13.20 22.57
C SER A 356 27.18 14.44 23.45
N ARG A 357 28.31 14.65 24.11
CA ARG A 357 28.53 15.68 25.12
C ARG A 357 29.97 16.15 25.03
N SER A 358 30.19 17.40 25.43
CA SER A 358 31.56 17.86 25.61
C SER A 358 32.26 16.98 26.63
N THR A 359 33.51 16.62 26.34
CA THR A 359 34.17 15.61 27.16
C THR A 359 34.26 16.05 28.61
N GLU A 360 34.38 17.36 28.86
CA GLU A 360 34.61 17.80 30.24
C GLU A 360 33.41 17.56 31.14
N PRO A 361 32.20 18.03 30.80
CA PRO A 361 31.04 17.66 31.64
C PRO A 361 30.74 16.17 31.68
N LEU A 362 31.03 15.43 30.60
CA LEU A 362 30.86 13.99 30.66
C LEU A 362 31.77 13.39 31.73
N GLU A 363 33.05 13.77 31.70
CA GLU A 363 34.00 13.27 32.70
C GLU A 363 33.56 13.62 34.10
N LYS A 364 33.08 14.84 34.31
CA LYS A 364 32.56 15.22 35.61
C LYS A 364 31.40 14.34 36.03
N SER A 365 30.50 14.03 35.09
CA SER A 365 29.36 13.19 35.40
C SER A 365 29.80 11.78 35.79
N VAL A 366 30.74 11.21 35.03
CA VAL A 366 31.16 9.84 35.28
C VAL A 366 31.95 9.75 36.57
N GLN A 367 32.64 10.83 36.97
CA GLN A 367 33.35 10.81 38.23
C GLN A 367 32.37 10.73 39.41
N VAL A 368 31.23 11.41 39.31
CA VAL A 368 30.21 11.29 40.36
C VAL A 368 29.68 9.86 40.38
N LEU A 369 29.43 9.29 39.20
CA LEU A 369 28.90 7.94 39.14
C LEU A 369 29.87 6.95 39.76
N ARG A 370 31.17 7.09 39.46
CA ARG A 370 32.16 6.19 40.05
C ARG A 370 32.12 6.27 41.57
N THR A 371 32.11 7.49 42.11
CA THR A 371 32.07 7.66 43.56
C THR A 371 30.83 7.00 44.14
N VAL A 372 29.68 7.24 43.52
CA VAL A 372 28.42 6.65 43.96
C VAL A 372 28.52 5.12 43.97
N LEU A 373 29.09 4.53 42.91
CA LEU A 373 29.15 3.08 42.82
C LEU A 373 30.18 2.49 43.77
N GLU A 374 31.16 3.28 44.22
CA GLU A 374 32.17 2.77 45.14
C GLU A 374 31.71 2.83 46.59
N THR A 375 30.81 3.76 46.92
CA THR A 375 30.20 3.81 48.25
C THR A 375 29.22 2.65 48.41
N LEU B 7 -7.29 13.28 -7.94
CA LEU B 7 -6.01 12.67 -7.58
C LEU B 7 -5.30 13.48 -6.49
N LYS B 8 -5.79 14.70 -6.23
CA LYS B 8 -5.29 15.53 -5.14
C LYS B 8 -6.22 15.31 -3.95
N GLU B 9 -5.77 14.49 -2.99
CA GLU B 9 -6.65 13.99 -1.95
C GLU B 9 -7.00 15.04 -0.90
N ASN B 10 -6.30 16.17 -0.88
CA ASN B 10 -6.53 17.20 0.13
C ASN B 10 -5.84 18.47 -0.36
N LEU B 11 -6.07 19.58 0.36
CA LEU B 11 -5.56 20.87 -0.10
C LEU B 11 -4.03 20.90 -0.11
N THR B 12 -3.40 20.23 0.85
CA THR B 12 -1.93 20.20 0.90
C THR B 12 -1.36 19.58 -0.37
N GLN B 13 -2.02 18.56 -0.92
CA GLN B 13 -1.53 17.94 -2.14
C GLN B 13 -1.68 18.87 -3.34
N TRP B 14 -2.70 19.74 -3.34
CA TRP B 14 -2.73 20.83 -4.33
C TRP B 14 -1.57 21.80 -4.10
N GLU B 15 -1.20 22.02 -2.84
CA GLU B 15 -0.12 22.96 -2.56
C GLU B 15 1.25 22.41 -2.95
N TYR B 16 1.45 21.09 -2.93
CA TYR B 16 2.74 20.54 -3.37
C TYR B 16 3.06 20.98 -4.80
N LEU B 17 2.03 21.08 -5.64
CA LEU B 17 2.23 21.35 -7.06
C LEU B 17 2.82 22.74 -7.29
N ALA B 18 2.67 23.63 -6.31
CA ALA B 18 3.06 25.03 -6.45
C ALA B 18 4.41 25.35 -5.81
N LEU B 19 4.94 24.48 -4.94
CA LEU B 19 6.02 24.84 -4.04
C LEU B 19 7.26 25.33 -4.78
N ASN B 20 7.48 24.88 -6.00
CA ASN B 20 8.71 25.15 -6.72
C ASN B 20 8.50 26.11 -7.88
N SER B 21 7.33 26.76 -7.93
CA SER B 21 6.96 27.67 -9.00
C SER B 21 7.13 29.12 -8.58
N GLU B 22 7.52 29.96 -9.54
CA GLU B 22 7.68 31.38 -9.26
C GLU B 22 6.34 32.05 -8.93
N LEU B 23 5.24 31.58 -9.52
CA LEU B 23 3.95 32.20 -9.28
C LEU B 23 3.08 31.27 -8.45
N ASN B 24 3.64 30.86 -7.32
CA ASN B 24 2.89 30.11 -6.31
C ASN B 24 2.04 31.12 -5.54
N ILE B 25 0.71 31.04 -5.71
CA ILE B 25 -0.22 31.81 -4.87
C ILE B 25 -1.19 30.83 -4.20
N ALA B 26 -0.67 29.66 -3.84
CA ALA B 26 -1.46 28.57 -3.31
C ALA B 26 -1.33 28.46 -1.80
N ASP B 27 -0.20 27.94 -1.30
CA ASP B 27 -0.15 27.69 0.14
C ASP B 27 -0.13 29.02 0.89
N GLY B 28 -0.58 28.97 2.13
CA GLY B 28 -0.77 30.19 2.86
C GLY B 28 0.43 30.70 3.61
N HIS B 29 1.56 29.99 3.54
CA HIS B 29 2.75 30.39 4.25
C HIS B 29 3.23 31.76 3.78
N ALA B 30 3.98 32.43 4.64
CA ALA B 30 4.49 33.76 4.30
C ALA B 30 5.77 33.63 3.48
N ARG B 31 5.74 34.17 2.27
CA ARG B 31 6.87 34.11 1.36
C ARG B 31 7.26 35.47 0.79
N GLN B 32 6.74 36.57 1.34
CA GLN B 32 7.19 37.89 0.92
C GLN B 32 8.60 38.16 1.44
N ALA B 33 9.19 39.24 0.95
CA ALA B 33 10.52 39.62 1.39
C ALA B 33 10.52 40.00 2.86
N LEU B 34 11.65 39.75 3.52
CA LEU B 34 11.86 40.26 4.87
C LEU B 34 11.86 41.77 4.87
N SER B 35 11.33 42.36 5.94
CA SER B 35 11.52 43.79 6.17
C SER B 35 12.95 44.05 6.62
N PRO B 36 13.41 45.31 6.55
CA PRO B 36 14.76 45.60 7.06
C PRO B 36 14.98 45.17 8.50
N GLY B 37 13.98 45.36 9.36
CA GLY B 37 14.13 44.95 10.74
C GLY B 37 14.22 43.44 10.89
N GLN B 38 13.47 42.71 10.05
CA GLN B 38 13.53 41.25 10.10
C GLN B 38 14.85 40.74 9.52
N GLN B 39 15.38 41.42 8.49
CA GLN B 39 16.68 41.00 7.97
C GLN B 39 17.76 41.18 9.02
N LYS B 40 17.66 42.21 9.86
CA LYS B 40 18.62 42.39 10.95
C LYS B 40 18.62 41.16 11.87
N ILE B 41 17.45 40.57 12.13
CA ILE B 41 17.38 39.35 12.93
C ILE B 41 18.13 38.23 12.22
N VAL B 42 17.86 38.05 10.95
CA VAL B 42 18.51 36.97 10.19
C VAL B 42 20.03 37.15 10.22
N ASN B 43 20.50 38.41 10.14
CA ASN B 43 21.94 38.65 10.10
C ASN B 43 22.61 38.25 11.41
N GLU B 44 21.84 38.26 12.50
CA GLU B 44 22.31 37.91 13.84
C GLU B 44 22.09 36.44 14.19
N LEU B 45 21.71 35.61 13.23
CA LEU B 45 21.49 34.20 13.52
C LEU B 45 22.69 33.53 14.18
N PRO B 46 23.94 33.83 13.83
CA PRO B 46 25.05 33.20 14.57
C PRO B 46 25.10 33.60 16.04
N VAL B 47 24.68 34.83 16.38
CA VAL B 47 24.62 35.26 17.77
C VAL B 47 23.49 34.54 18.50
N LEU B 48 22.33 34.43 17.85
CA LEU B 48 21.23 33.68 18.42
C LEU B 48 21.58 32.22 18.60
N TRP B 49 22.38 31.66 17.69
CA TRP B 49 22.84 30.28 17.85
C TRP B 49 23.68 30.12 19.12
N ALA B 50 24.66 31.00 19.29
CA ALA B 50 25.49 30.98 20.49
C ALA B 50 24.65 31.16 21.75
N GLU B 51 23.67 32.07 21.72
CA GLU B 51 22.76 32.23 22.85
C GLU B 51 22.02 30.93 23.17
N SER B 52 21.52 30.27 22.12
CA SER B 52 20.80 29.01 22.27
C SER B 52 21.68 27.87 22.81
N GLU B 53 22.99 27.90 22.51
CA GLU B 53 23.91 26.93 23.10
C GLU B 53 24.16 27.21 24.57
N GLN B 54 24.04 28.46 25.00
CA GLN B 54 24.55 28.86 26.29
C GLN B 54 23.47 29.03 27.36
N ARG B 55 22.22 29.25 26.97
CA ARG B 55 21.18 29.49 27.95
C ARG B 55 20.27 28.28 28.08
N PRO B 56 19.61 28.12 29.23
CA PRO B 56 18.60 27.07 29.36
C PRO B 56 17.44 27.32 28.41
N VAL B 57 17.01 26.27 27.74
CA VAL B 57 15.96 26.42 26.74
C VAL B 57 14.69 26.95 27.38
N GLN B 58 14.44 26.63 28.66
CA GLN B 58 13.20 27.07 29.33
C GLN B 58 13.13 28.60 29.40
N GLN B 59 14.26 29.27 29.55
CA GLN B 59 14.24 30.71 29.64
C GLN B 59 13.97 31.32 28.26
N ILE B 60 14.60 30.77 27.23
CA ILE B 60 14.34 31.25 25.88
C ILE B 60 12.88 30.99 25.52
N GLU B 61 12.38 29.80 25.86
CA GLU B 61 10.98 29.49 25.57
C GLU B 61 10.04 30.44 26.30
N SER B 62 10.31 30.70 27.57
N SER B 62 10.30 30.71 27.58
CA SER B 62 9.46 31.62 28.34
CA SER B 62 9.44 31.62 28.32
C SER B 62 9.42 32.99 27.69
C SER B 62 9.42 33.01 27.69
N GLU B 63 10.58 33.47 27.22
CA GLU B 63 10.63 34.80 26.60
C GLU B 63 9.91 34.81 25.25
N ALA B 64 10.03 33.72 24.49
CA ALA B 64 9.34 33.61 23.21
C ALA B 64 7.84 33.64 23.41
N HIS B 65 7.33 32.86 24.37
CA HIS B 65 5.90 32.87 24.65
C HIS B 65 5.44 34.25 25.13
N GLN B 66 6.15 34.84 26.10
CA GLN B 66 5.73 36.16 26.57
C GLN B 66 5.66 37.15 25.42
N ALA B 67 6.67 37.13 24.54
CA ALA B 67 6.69 38.10 23.46
C ALA B 67 5.51 37.90 22.50
N TYR B 68 5.21 36.65 22.14
CA TYR B 68 4.19 36.36 21.14
C TYR B 68 2.79 36.62 21.68
N PHE B 69 2.47 36.06 22.86
CA PHE B 69 1.16 36.24 23.46
C PHE B 69 0.87 37.72 23.74
N THR B 70 1.84 38.45 24.30
CA THR B 70 1.58 39.85 24.62
C THR B 70 1.43 40.69 23.37
N LEU B 71 2.23 40.40 22.33
CA LEU B 71 2.09 41.10 21.06
C LEU B 71 0.65 41.09 20.58
N LEU B 72 -0.04 39.97 20.76
CA LEU B 72 -1.37 39.78 20.19
C LEU B 72 -2.48 39.89 21.24
N GLY B 73 -2.20 40.51 22.39
CA GLY B 73 -3.24 40.89 23.32
C GLY B 73 -3.62 39.79 24.29
N GLN B 74 -2.91 38.69 24.28
CA GLN B 74 -3.30 37.50 25.04
C GLN B 74 -2.61 37.48 26.40
N HIS B 75 -2.88 38.53 27.18
CA HIS B 75 -2.15 38.77 28.42
C HIS B 75 -2.43 37.72 29.49
N GLY B 76 -3.62 37.12 29.49
CA GLY B 76 -3.97 36.11 30.47
C GLY B 76 -3.53 34.69 30.16
N TYR B 77 -2.66 34.48 29.16
CA TYR B 77 -2.18 33.14 28.89
C TYR B 77 -1.52 32.57 30.14
N PRO B 78 -1.60 31.25 30.34
CA PRO B 78 -0.96 30.63 31.50
C PRO B 78 0.55 30.55 31.31
N ALA B 79 1.28 31.31 32.12
CA ALA B 79 2.72 31.48 31.95
C ALA B 79 3.54 30.49 32.78
N GLU B 80 2.90 29.67 33.57
CA GLU B 80 3.61 28.67 34.35
C GLU B 80 4.27 27.67 33.40
N PRO B 81 5.51 27.26 33.66
CA PRO B 81 6.15 26.27 32.79
C PRO B 81 5.31 25.00 32.66
N GLY B 82 5.12 24.55 31.41
CA GLY B 82 4.39 23.33 31.10
C GLY B 82 2.95 23.55 30.67
N ARG B 83 2.40 24.75 30.85
CA ARG B 83 1.04 25.03 30.43
C ARG B 83 0.95 25.35 28.95
N VAL B 84 2.06 25.77 28.35
CA VAL B 84 2.14 26.01 26.91
C VAL B 84 3.13 24.99 26.36
N LEU B 85 2.66 24.06 25.54
CA LEU B 85 3.54 23.05 24.96
C LEU B 85 3.96 23.50 23.57
N SER B 86 5.27 23.69 23.36
CA SER B 86 5.77 24.15 22.06
C SER B 86 5.98 22.93 21.15
N CYS B 87 5.29 22.93 20.02
CA CYS B 87 5.29 21.83 19.06
C CYS B 87 5.97 22.29 17.77
N TYR B 88 6.43 21.32 16.97
CA TYR B 88 7.04 21.67 15.68
C TYR B 88 6.10 22.49 14.79
N SER B 89 4.80 22.30 14.90
CA SER B 89 3.87 23.04 14.06
C SER B 89 2.50 22.95 14.70
N SER B 90 1.61 23.79 14.21
CA SER B 90 0.23 23.71 14.68
C SER B 90 -0.41 22.39 14.28
N SER B 91 -0.06 21.85 13.11
CA SER B 91 -0.62 20.54 12.76
C SER B 91 -0.11 19.42 13.68
N VAL B 92 1.15 19.49 14.13
CA VAL B 92 1.60 18.52 15.14
C VAL B 92 0.81 18.71 16.45
N SER B 93 0.57 19.96 16.84
CA SER B 93 -0.31 20.20 17.99
C SER B 93 -1.68 19.56 17.76
N MET B 94 -2.21 19.73 16.54
CA MET B 94 -3.53 19.21 16.21
C MET B 94 -3.54 17.67 16.23
N GLU B 95 -2.47 17.03 15.76
CA GLU B 95 -2.38 15.58 15.86
C GLU B 95 -2.41 15.13 17.31
N ILE B 96 -1.67 15.83 18.16
CA ILE B 96 -1.66 15.51 19.59
C ILE B 96 -3.06 15.67 20.17
N LEU B 97 -3.72 16.79 19.84
CA LEU B 97 -5.07 17.04 20.37
C LEU B 97 -6.04 15.99 19.87
N ALA B 98 -5.95 15.65 18.59
CA ALA B 98 -6.92 14.71 18.03
C ALA B 98 -6.74 13.34 18.66
N ARG B 99 -5.51 12.85 18.76
CA ARG B 99 -5.30 11.55 19.36
C ARG B 99 -5.70 11.58 20.83
N SER B 100 -5.49 12.72 21.50
CA SER B 100 -5.89 12.87 22.90
C SER B 100 -7.41 12.86 23.04
N LEU B 101 -8.11 13.59 22.17
CA LEU B 101 -9.57 13.57 22.19
C LEU B 101 -10.11 12.16 22.02
N SER B 102 -9.50 11.36 21.16
CA SER B 102 -10.03 10.04 20.83
C SER B 102 -10.05 9.12 22.04
N ALA B 103 -9.34 9.48 23.10
CA ALA B 103 -9.35 8.67 24.33
C ALA B 103 -10.71 8.70 25.02
N SER B 104 -11.47 9.80 24.89
CA SER B 104 -12.69 9.96 25.67
C SER B 104 -13.84 10.60 24.92
N VAL B 105 -13.64 11.02 23.67
CA VAL B 105 -14.65 11.71 22.88
C VAL B 105 -14.92 10.90 21.63
N ASP B 106 -16.19 10.83 21.23
CA ASP B 106 -16.61 10.16 20.01
C ASP B 106 -16.86 11.14 18.85
N ARG B 107 -17.41 12.33 19.12
CA ARG B 107 -17.87 13.25 18.08
C ARG B 107 -17.40 14.68 18.41
N VAL B 108 -17.07 15.44 17.35
CA VAL B 108 -16.59 16.81 17.47
C VAL B 108 -17.41 17.69 16.56
N ALA B 109 -17.92 18.81 17.09
CA ALA B 109 -18.52 19.84 16.25
C ALA B 109 -17.40 20.74 15.73
N LEU B 110 -17.35 20.91 14.40
CA LEU B 110 -16.25 21.60 13.75
C LEU B 110 -16.77 22.65 12.77
N VAL B 111 -16.22 23.85 12.84
CA VAL B 111 -16.64 24.90 11.92
C VAL B 111 -16.39 24.46 10.47
N HIS B 112 -17.32 24.83 9.59
CA HIS B 112 -17.31 24.40 8.20
C HIS B 112 -17.64 25.63 7.36
N PRO B 113 -16.82 26.00 6.37
CA PRO B 113 -15.53 25.40 5.97
C PRO B 113 -14.44 25.73 6.95
N THR B 114 -13.33 25.00 6.86
CA THR B 114 -12.11 25.37 7.57
C THR B 114 -10.96 24.65 6.88
N PHE B 115 -9.75 24.95 7.32
CA PHE B 115 -8.56 24.33 6.75
C PHE B 115 -8.67 22.81 6.91
N ASP B 116 -8.49 22.08 5.80
CA ASP B 116 -9.01 20.72 5.76
C ASP B 116 -8.20 19.76 6.61
N ASN B 117 -6.97 20.12 6.99
CA ASN B 117 -6.23 19.12 7.72
C ASN B 117 -6.74 19.00 9.15
N ILE B 118 -7.45 20.01 9.67
CA ILE B 118 -8.10 19.87 10.98
C ILE B 118 -9.09 18.71 10.93
N ALA B 119 -9.96 18.73 9.90
CA ALA B 119 -10.93 17.66 9.74
C ALA B 119 -10.25 16.34 9.50
N ASP B 120 -9.20 16.33 8.67
CA ASP B 120 -8.56 15.07 8.31
C ASP B 120 -7.79 14.43 9.48
N LEU B 121 -7.20 15.25 10.35
CA LEU B 121 -6.51 14.72 11.53
C LEU B 121 -7.50 14.22 12.56
N LEU B 122 -8.64 14.89 12.70
CA LEU B 122 -9.65 14.40 13.62
C LEU B 122 -10.27 13.11 13.12
N ARG B 123 -10.68 13.10 11.86
CA ARG B 123 -11.25 11.88 11.31
C ARG B 123 -10.25 10.74 11.35
N GLY B 124 -8.98 11.04 11.03
CA GLY B 124 -7.96 10.01 11.02
C GLY B 124 -7.72 9.38 12.37
N ASN B 125 -8.01 10.12 13.44
CA ASN B 125 -7.89 9.58 14.78
C ASN B 125 -9.20 9.04 15.31
N GLY B 126 -10.20 8.85 14.45
CA GLY B 126 -11.42 8.17 14.84
C GLY B 126 -12.54 9.04 15.36
N LEU B 127 -12.44 10.36 15.22
CA LEU B 127 -13.50 11.25 15.67
C LEU B 127 -14.54 11.46 14.56
N ASP B 128 -15.81 11.34 14.94
CA ASP B 128 -16.90 11.66 14.03
C ASP B 128 -17.12 13.16 14.05
N LEU B 129 -17.33 13.76 12.89
CA LEU B 129 -17.40 15.20 12.79
C LEU B 129 -18.82 15.66 12.48
N VAL B 130 -19.24 16.71 13.18
CA VAL B 130 -20.52 17.37 12.92
C VAL B 130 -20.21 18.77 12.41
N PRO B 131 -20.56 19.12 11.17
CA PRO B 131 -20.25 20.48 10.69
C PRO B 131 -21.14 21.54 11.31
N VAL B 132 -20.55 22.68 11.63
CA VAL B 132 -21.28 23.86 12.08
C VAL B 132 -20.96 24.98 11.10
N GLU B 133 -21.97 25.41 10.33
CA GLU B 133 -21.75 26.47 9.37
C GLU B 133 -21.47 27.78 10.10
N GLU B 134 -20.80 28.69 9.41
CA GLU B 134 -20.35 29.91 10.07
C GLU B 134 -21.53 30.73 10.58
N ASP B 135 -22.62 30.80 9.82
CA ASP B 135 -23.76 31.61 10.27
C ASP B 135 -24.30 31.08 11.58
N ALA B 136 -24.40 29.75 11.71
CA ALA B 136 -24.88 29.15 12.95
C ALA B 136 -23.91 29.42 14.10
N LEU B 137 -22.62 29.27 13.85
CA LEU B 137 -21.62 29.42 14.90
C LEU B 137 -21.59 30.84 15.47
N HIS B 138 -21.59 31.83 14.60
CA HIS B 138 -21.49 33.22 15.02
C HIS B 138 -22.83 33.80 15.44
N GLY B 139 -23.93 33.32 14.86
CA GLY B 139 -25.19 34.04 14.97
C GLY B 139 -26.10 33.56 16.07
N ALA B 140 -25.89 32.35 16.60
CA ALA B 140 -26.84 31.81 17.57
C ALA B 140 -26.13 30.87 18.51
N ASP B 141 -26.71 30.68 19.69
CA ASP B 141 -26.22 29.64 20.58
C ASP B 141 -26.25 28.29 19.86
N LEU B 142 -25.32 27.42 20.18
CA LEU B 142 -25.45 26.03 19.74
C LEU B 142 -26.58 25.34 20.50
N SER B 143 -27.22 24.38 19.81
CA SER B 143 -28.38 23.74 20.39
C SER B 143 -27.95 22.78 21.50
N ALA B 144 -28.85 22.57 22.46
CA ALA B 144 -28.55 21.61 23.52
C ALA B 144 -28.41 20.21 22.95
N GLU B 145 -29.17 19.93 21.89
CA GLU B 145 -29.07 18.62 21.24
C GLU B 145 -27.68 18.41 20.67
N LEU B 146 -27.13 19.44 20.02
CA LEU B 146 -25.78 19.31 19.51
C LEU B 146 -24.78 19.15 20.64
N LEU B 147 -24.86 20.02 21.65
CA LEU B 147 -23.84 20.02 22.69
C LEU B 147 -23.86 18.72 23.48
N SER B 148 -25.03 18.12 23.66
CA SER B 148 -25.12 16.86 24.36
C SER B 148 -24.67 15.68 23.51
N SER B 149 -24.45 15.89 22.21
CA SER B 149 -24.00 14.83 21.33
C SER B 149 -22.52 14.90 20.95
N VAL B 150 -21.80 15.96 21.34
CA VAL B 150 -20.39 16.04 21.01
C VAL B 150 -19.58 16.24 22.28
N GLY B 151 -18.31 15.88 22.21
CA GLY B 151 -17.41 16.04 23.34
C GLY B 151 -16.50 17.25 23.23
N CYS B 152 -16.52 17.89 22.06
CA CYS B 152 -15.63 18.99 21.75
C CYS B 152 -16.29 19.82 20.66
N VAL B 153 -16.17 21.13 20.79
CA VAL B 153 -16.52 22.10 19.76
C VAL B 153 -15.21 22.75 19.35
N PHE B 154 -14.91 22.73 18.04
CA PHE B 154 -13.63 23.20 17.54
C PHE B 154 -13.86 24.37 16.58
N VAL B 155 -13.25 25.53 16.89
CA VAL B 155 -13.43 26.74 16.11
C VAL B 155 -12.07 27.29 15.69
N THR B 156 -11.92 27.49 14.39
CA THR B 156 -10.76 28.18 13.84
C THR B 156 -11.12 29.66 13.77
N THR B 157 -10.31 30.51 14.43
CA THR B 157 -10.62 31.94 14.44
C THR B 157 -9.35 32.76 14.54
N PRO B 158 -9.11 33.69 13.61
CA PRO B 158 -9.88 33.94 12.38
C PRO B 158 -9.91 32.71 11.52
N ASN B 159 -11.04 32.48 10.87
CA ASN B 159 -11.14 31.23 10.12
C ASN B 159 -10.28 31.29 8.88
N ASN B 160 -9.80 30.14 8.50
CA ASN B 160 -9.12 29.88 7.23
C ASN B 160 -10.08 28.97 6.49
N PRO B 161 -10.71 29.40 5.39
CA PRO B 161 -10.28 30.46 4.46
C PRO B 161 -11.02 31.79 4.49
N THR B 162 -11.99 31.94 5.38
CA THR B 162 -12.93 33.03 5.27
C THR B 162 -12.52 34.30 5.99
N GLY B 163 -11.56 34.21 6.91
CA GLY B 163 -11.18 35.34 7.75
C GLY B 163 -12.16 35.70 8.84
N ARG B 164 -13.25 34.98 8.99
CA ARG B 164 -14.29 35.38 9.93
C ARG B 164 -13.76 35.23 11.34
N VAL B 165 -14.00 36.23 12.18
CA VAL B 165 -13.45 36.27 13.53
C VAL B 165 -14.59 36.02 14.52
N LEU B 166 -14.35 35.09 15.45
CA LEU B 166 -15.30 34.86 16.52
C LEU B 166 -15.20 36.01 17.51
N ALA B 167 -16.26 36.82 17.58
CA ALA B 167 -16.27 37.99 18.44
C ALA B 167 -16.32 37.58 19.91
N GLU B 168 -15.86 38.51 20.77
CA GLU B 168 -15.68 38.21 22.19
C GLU B 168 -16.98 37.77 22.81
N GLU B 169 -18.09 38.43 22.45
CA GLU B 169 -19.35 38.09 23.09
C GLU B 169 -19.80 36.69 22.70
N ARG B 170 -19.49 36.25 21.48
CA ARG B 170 -19.85 34.89 21.09
C ARG B 170 -18.87 33.87 21.66
N LEU B 171 -17.57 34.19 21.70
CA LEU B 171 -16.65 33.29 22.41
C LEU B 171 -17.12 33.09 23.83
N ARG B 172 -17.52 34.17 24.49
CA ARG B 172 -17.96 34.08 25.87
C ARG B 172 -19.16 33.16 25.99
N ARG B 173 -20.16 33.36 25.13
CA ARG B 173 -21.34 32.52 25.20
C ARG B 173 -21.03 31.06 24.89
N LEU B 174 -20.19 30.82 23.88
CA LEU B 174 -19.83 29.46 23.53
C LEU B 174 -19.09 28.77 24.68
N ALA B 175 -18.15 29.49 25.31
CA ALA B 175 -17.44 28.91 26.44
C ALA B 175 -18.38 28.65 27.62
N GLU B 176 -19.35 29.54 27.86
CA GLU B 176 -20.35 29.27 28.89
C GLU B 176 -21.16 28.03 28.55
N GLN B 177 -21.59 27.87 27.29
CA GLN B 177 -22.33 26.69 26.87
C GLN B 177 -21.51 25.42 27.07
N CYS B 178 -20.22 25.45 26.68
CA CYS B 178 -19.37 24.28 26.84
C CYS B 178 -19.20 23.94 28.32
N ALA B 179 -19.01 24.96 29.17
CA ALA B 179 -18.92 24.72 30.60
C ALA B 179 -20.20 24.08 31.13
N GLU B 180 -21.35 24.61 30.72
CA GLU B 180 -22.63 24.09 31.21
C GLU B 180 -22.81 22.61 30.83
N HIS B 181 -22.27 22.21 29.68
CA HIS B 181 -22.39 20.83 29.19
C HIS B 181 -21.18 19.94 29.44
N GLY B 182 -20.08 20.48 29.97
CA GLY B 182 -18.90 19.65 30.15
C GLY B 182 -18.12 19.38 28.88
N THR B 183 -18.32 20.19 27.85
CA THR B 183 -17.71 20.04 26.54
C THR B 183 -16.35 20.73 26.49
N VAL B 184 -15.41 20.17 25.73
CA VAL B 184 -14.14 20.85 25.47
C VAL B 184 -14.35 21.91 24.39
N LEU B 185 -13.91 23.13 24.65
CA LEU B 185 -13.86 24.17 23.61
C LEU B 185 -12.42 24.26 23.11
N ALA B 186 -12.22 24.02 21.82
CA ALA B 186 -10.89 24.05 21.22
C ALA B 186 -10.85 25.14 20.17
N LEU B 187 -9.78 25.93 20.16
CA LEU B 187 -9.64 27.02 19.23
C LEU B 187 -8.32 26.85 18.47
N ASP B 188 -8.37 27.10 17.15
CA ASP B 188 -7.17 27.18 16.32
C ASP B 188 -7.04 28.64 15.89
N THR B 189 -5.98 29.30 16.35
CA THR B 189 -5.83 30.75 16.20
C THR B 189 -4.61 31.13 15.36
N SER B 190 -4.28 30.29 14.37
CA SER B 190 -3.15 30.55 13.48
C SER B 190 -3.17 31.95 12.87
N PHE B 191 -4.34 32.43 12.48
CA PHE B 191 -4.46 33.71 11.78
C PHE B 191 -4.61 34.88 12.75
N ARG B 192 -4.47 34.65 14.06
CA ARG B 192 -4.71 35.69 15.06
C ARG B 192 -3.99 36.98 14.71
N GLY B 193 -2.71 36.89 14.35
CA GLY B 193 -1.92 38.12 14.20
C GLY B 193 -2.38 39.04 13.08
N PHE B 194 -3.15 38.53 12.12
CA PHE B 194 -3.58 39.35 11.00
C PHE B 194 -4.73 40.30 11.31
N ASP B 195 -5.56 40.03 12.32
CA ASP B 195 -6.80 40.77 12.49
C ASP B 195 -6.92 41.23 13.94
N ALA B 196 -6.86 42.55 14.15
CA ALA B 196 -6.95 43.13 15.49
C ALA B 196 -8.25 42.79 16.19
N ALA B 197 -9.29 42.42 15.43
CA ALA B 197 -10.53 41.97 16.05
C ALA B 197 -10.34 40.69 16.85
N ALA B 198 -9.26 39.96 16.59
CA ALA B 198 -8.95 38.75 17.33
C ALA B 198 -7.94 38.99 18.44
N HIS B 199 -7.66 40.24 18.79
CA HIS B 199 -6.64 40.54 19.78
C HIS B 199 -7.21 40.88 21.14
N TYR B 200 -8.52 40.75 21.33
CA TYR B 200 -9.03 40.73 22.69
C TYR B 200 -8.54 39.48 23.38
N ASP B 201 -8.47 39.52 24.71
CA ASP B 201 -7.80 38.45 25.46
C ASP B 201 -8.71 37.23 25.52
N HIS B 202 -8.38 36.20 24.72
CA HIS B 202 -9.20 34.98 24.67
C HIS B 202 -9.06 34.15 25.92
N TYR B 203 -7.89 34.17 26.53
CA TYR B 203 -7.66 33.36 27.72
C TYR B 203 -8.45 33.90 28.90
N ALA B 204 -8.62 35.21 28.98
CA ALA B 204 -9.45 35.79 30.02
C ALA B 204 -10.89 35.32 29.88
N VAL B 205 -11.40 35.30 28.65
CA VAL B 205 -12.75 34.81 28.39
C VAL B 205 -12.86 33.34 28.79
N LEU B 206 -11.92 32.52 28.33
CA LEU B 206 -12.01 31.09 28.60
C LEU B 206 -11.92 30.79 30.09
N GLN B 207 -11.00 31.44 30.78
CA GLN B 207 -10.84 31.20 32.22
C GLN B 207 -12.04 31.70 32.99
N GLU B 208 -12.60 32.86 32.61
CA GLU B 208 -13.77 33.36 33.33
C GLU B 208 -14.96 32.42 33.17
N ALA B 209 -15.10 31.80 32.00
CA ALA B 209 -16.24 30.90 31.76
C ALA B 209 -16.03 29.58 32.46
N GLY B 210 -14.78 29.15 32.62
CA GLY B 210 -14.51 27.94 33.37
C GLY B 210 -14.82 26.65 32.64
N CYS B 211 -14.85 26.68 31.32
CA CYS B 211 -14.96 25.45 30.56
C CYS B 211 -13.59 24.78 30.42
N ARG B 212 -13.63 23.51 30.03
CA ARG B 212 -12.42 22.84 29.58
C ARG B 212 -12.07 23.41 28.22
N TRP B 213 -10.79 23.74 28.02
CA TRP B 213 -10.42 24.38 26.77
C TRP B 213 -9.01 24.05 26.34
N VAL B 214 -8.81 24.19 25.03
CA VAL B 214 -7.49 24.05 24.41
C VAL B 214 -7.42 25.12 23.34
N VAL B 215 -6.27 25.78 23.23
CA VAL B 215 -6.03 26.73 22.17
C VAL B 215 -4.74 26.32 21.49
N ILE B 216 -4.75 26.28 20.16
CA ILE B 216 -3.53 26.03 19.42
C ILE B 216 -3.16 27.33 18.72
N GLU B 217 -2.15 27.99 19.26
CA GLU B 217 -1.58 29.14 18.57
C GLU B 217 -0.57 28.65 17.54
N ASP B 218 -0.26 29.52 16.59
CA ASP B 218 0.70 29.16 15.55
C ASP B 218 1.47 30.42 15.21
N THR B 219 2.79 30.33 15.18
CA THR B 219 3.57 31.48 14.76
C THR B 219 3.85 31.47 13.27
N GLY B 220 3.54 30.36 12.59
CA GLY B 220 4.09 30.11 11.26
C GLY B 220 3.53 30.94 10.14
N1 LLP B 221 -4.35 25.94 11.31
C2 LLP B 221 -4.62 26.92 10.42
C2' LLP B 221 -5.98 27.54 10.51
C3 LLP B 221 -3.66 27.34 9.44
O3 LLP B 221 -4.07 28.34 8.62
C4 LLP B 221 -2.41 26.72 9.40
C4' LLP B 221 -1.40 27.17 8.42
C5 LLP B 221 -2.19 25.69 10.35
C6 LLP B 221 -3.17 25.35 11.25
C5' LLP B 221 -0.97 24.88 10.59
OP4 LLP B 221 -0.10 24.89 9.59
P LLP B 221 1.24 24.01 9.61
OP1 LLP B 221 1.09 22.86 10.55
OP2 LLP B 221 2.38 25.04 9.89
OP3 LLP B 221 1.24 23.65 8.09
N LLP B 221 2.31 31.44 10.25
CA LLP B 221 1.71 32.11 9.10
CB LLP B 221 0.17 31.93 9.12
CG LLP B 221 -0.29 30.52 8.81
CD LLP B 221 -0.25 30.26 7.32
CE LLP B 221 -0.51 28.78 6.97
NZ LLP B 221 -1.60 28.23 7.74
C LLP B 221 2.00 33.60 9.00
O LLP B 221 1.83 34.24 7.97
H2'1 LLP B 221 -6.75 26.75 10.35
H2'2 LLP B 221 -6.09 28.30 9.69
H2'3 LLP B 221 -6.16 28.04 11.49
H4'1 LLP B 221 -0.71 26.33 8.09
H6 LLP B 221 -2.99 24.56 12.00
H5'1 LLP B 221 -1.30 23.80 10.68
H5'2 LLP B 221 -0.43 25.17 11.54
HA LLP B 221 2.12 31.62 8.17
HB2 LLP B 221 -0.29 32.63 8.38
HB3 LLP B 221 -0.20 32.22 10.14
HG2 LLP B 221 -1.33 30.37 9.19
HG3 LLP B 221 0.36 29.78 9.34
HD2 LLP B 221 0.75 30.55 6.92
HD3 LLP B 221 -1.01 30.90 6.81
HE2 LLP B 221 0.45 28.22 7.09
HE3 LLP B 221 -0.82 28.72 5.89
N LEU B 222 2.48 34.17 10.10
CA LEU B 222 2.58 35.62 10.21
C LEU B 222 3.76 36.23 9.48
N TRP B 223 4.90 35.58 9.60
CA TRP B 223 6.15 36.17 9.16
C TRP B 223 6.88 35.22 8.22
N PRO B 224 7.65 35.75 7.29
CA PRO B 224 8.41 34.92 6.33
C PRO B 224 9.69 34.37 6.93
N THR B 225 9.51 33.31 7.72
CA THR B 225 10.59 32.67 8.45
C THR B 225 10.97 31.31 7.88
N LEU B 226 10.71 31.07 6.59
CA LEU B 226 11.12 29.83 5.92
C LEU B 226 10.57 28.64 6.67
N ASP B 227 9.35 28.79 7.16
CA ASP B 227 8.65 27.71 7.86
C ASP B 227 9.31 27.34 9.18
N LEU B 228 10.16 28.20 9.74
CA LEU B 228 10.68 28.04 11.08
C LEU B 228 9.65 28.63 12.02
N LYS B 229 9.09 27.80 12.89
CA LYS B 229 7.84 28.16 13.55
C LYS B 229 7.61 27.23 14.74
N ALA B 230 6.57 27.53 15.49
CA ALA B 230 6.07 26.59 16.47
C ALA B 230 4.56 26.67 16.53
N GLY B 231 3.95 25.52 16.77
CA GLY B 231 2.59 25.48 17.26
C GLY B 231 2.65 25.49 18.78
N LEU B 232 1.74 26.25 19.39
CA LEU B 232 1.70 26.39 20.84
C LEU B 232 0.38 25.82 21.34
N LEU B 233 0.46 24.67 22.00
CA LEU B 233 -0.71 23.95 22.49
C LEU B 233 -0.92 24.35 23.95
N VAL B 234 -1.97 25.13 24.19
CA VAL B 234 -2.29 25.68 25.50
C VAL B 234 -3.57 25.02 25.98
N PHE B 235 -3.59 24.56 27.25
CA PHE B 235 -4.75 23.81 27.73
C PHE B 235 -5.10 24.25 29.14
N SER B 236 -6.39 24.15 29.46
CA SER B 236 -6.88 24.40 30.81
C SER B 236 -6.36 23.32 31.76
N GLU B 237 -6.25 23.69 33.04
CA GLU B 237 -5.72 22.74 34.02
C GLU B 237 -6.60 21.50 34.12
N ASP B 238 -7.91 21.67 33.93
CA ASP B 238 -8.85 20.56 34.01
C ASP B 238 -9.17 19.96 32.64
N ILE B 239 -8.26 20.07 31.66
CA ILE B 239 -8.62 19.66 30.31
C ILE B 239 -9.10 18.20 30.30
N GLY B 240 -8.48 17.34 31.10
CA GLY B 240 -8.91 15.96 31.22
C GLY B 240 -8.71 15.12 29.98
N LEU B 241 -7.76 15.49 29.15
CA LEU B 241 -7.30 14.75 27.99
C LEU B 241 -5.82 14.51 28.13
N PRO B 242 -5.28 13.45 27.56
CA PRO B 242 -3.86 13.13 27.76
C PRO B 242 -2.90 13.88 26.84
N VAL B 243 -3.14 15.18 26.66
N VAL B 243 -3.11 15.19 26.67
CA VAL B 243 -2.31 15.98 25.78
CA VAL B 243 -2.28 15.95 25.73
C VAL B 243 -0.85 15.90 26.20
C VAL B 243 -0.82 15.99 26.19
N GLU B 244 -0.57 16.07 27.49
CA GLU B 244 0.82 16.13 27.95
C GLU B 244 1.57 14.83 27.68
N LYS B 245 0.91 13.69 27.91
CA LYS B 245 1.55 12.39 27.68
C LYS B 245 1.80 12.16 26.20
N ILE B 246 0.81 12.48 25.35
CA ILE B 246 0.99 12.22 23.93
C ILE B 246 2.02 13.19 23.35
N TYR B 247 2.00 14.45 23.81
CA TYR B 247 3.07 15.39 23.46
C TYR B 247 4.43 14.76 23.72
N SER B 248 4.62 14.22 24.92
CA SER B 248 5.93 13.70 25.26
C SER B 248 6.28 12.43 24.50
N ASP B 249 5.30 11.72 23.94
CA ASP B 249 5.61 10.60 23.06
C ASP B 249 6.14 11.08 21.71
N ILE B 250 5.78 12.27 21.30
CA ILE B 250 6.16 12.78 19.98
C ILE B 250 7.44 13.61 20.05
N LEU B 251 7.66 14.39 21.11
CA LEU B 251 8.82 15.28 21.10
C LEU B 251 9.19 15.73 22.51
N LEU B 252 10.48 16.06 22.64
CA LEU B 252 11.05 16.64 23.86
C LEU B 252 10.82 18.16 23.93
N GLY B 253 10.69 18.82 22.80
CA GLY B 253 10.57 20.26 22.74
C GLY B 253 11.06 20.71 21.38
N VAL B 254 11.00 22.01 21.15
CA VAL B 254 11.43 22.55 19.88
C VAL B 254 12.82 23.17 20.02
N SER B 255 13.42 23.50 18.90
CA SER B 255 14.77 24.04 18.91
C SER B 255 14.82 25.36 19.65
N PRO B 256 15.81 25.58 20.53
CA PRO B 256 15.96 26.91 21.13
C PRO B 256 16.18 28.00 20.10
N LEU B 257 16.81 27.68 18.96
CA LEU B 257 17.03 28.70 17.94
C LEU B 257 15.70 29.19 17.35
N ILE B 258 14.76 28.27 17.15
CA ILE B 258 13.45 28.68 16.63
C ILE B 258 12.71 29.51 17.66
N LEU B 259 12.81 29.15 18.94
CA LEU B 259 12.16 29.95 19.97
C LEU B 259 12.79 31.32 20.07
N ALA B 260 14.13 31.39 19.94
CA ALA B 260 14.80 32.68 19.91
C ALA B 260 14.32 33.50 18.70
N LEU B 261 14.17 32.86 17.55
CA LEU B 261 13.68 33.58 16.38
C LEU B 261 12.27 34.11 16.62
N ILE B 262 11.40 33.29 17.22
CA ILE B 262 10.04 33.73 17.50
C ILE B 262 10.05 34.94 18.42
N ARG B 263 10.92 34.89 19.43
CA ARG B 263 11.06 36.02 20.34
C ARG B 263 11.45 37.28 19.58
N GLU B 264 12.45 37.18 18.70
CA GLU B 264 12.95 38.38 18.01
C GLU B 264 11.94 38.89 17.00
N PHE B 265 11.29 38.01 16.24
CA PHE B 265 10.29 38.45 15.27
C PHE B 265 9.10 39.07 15.99
N SER B 266 8.74 38.53 17.15
CA SER B 266 7.65 39.09 17.94
C SER B 266 8.00 40.47 18.45
N ARG B 267 9.24 40.67 18.88
CA ARG B 267 9.63 42.00 19.36
C ARG B 267 9.65 43.02 18.23
N ASP B 268 10.13 42.62 17.05
CA ASP B 268 10.11 43.51 15.90
C ASP B 268 8.68 43.86 15.52
N ALA B 269 7.78 42.87 15.58
CA ALA B 269 6.36 43.10 15.33
C ALA B 269 5.79 44.10 16.34
N ALA B 270 6.19 44.00 17.61
CA ALA B 270 5.68 44.92 18.62
C ALA B 270 6.19 46.33 18.41
N ASP B 271 7.36 46.49 17.81
CA ASP B 271 7.97 47.79 17.58
C ASP B 271 7.46 48.48 16.33
N GLY B 272 6.44 47.94 15.67
CA GLY B 272 5.89 48.56 14.47
C GLY B 272 5.75 47.58 13.32
N GLY B 273 6.38 46.41 13.42
CA GLY B 273 6.30 45.43 12.35
C GLY B 273 4.90 44.92 12.12
N LEU B 274 4.09 44.81 13.18
CA LEU B 274 2.75 44.23 12.99
C LEU B 274 1.87 45.20 12.21
N ALA B 275 1.94 46.50 12.53
CA ALA B 275 1.20 47.48 11.77
C ALA B 275 1.62 47.48 10.30
N ASP B 276 2.93 47.35 10.06
CA ASP B 276 3.41 47.28 8.68
C ASP B 276 2.88 46.04 7.98
N LEU B 277 2.79 44.92 8.70
CA LEU B 277 2.26 43.70 8.10
C LEU B 277 0.80 43.89 7.73
N HIS B 278 0.01 44.49 8.63
CA HIS B 278 -1.39 44.73 8.31
C HIS B 278 -1.53 45.61 7.08
N ALA B 279 -0.71 46.65 6.97
CA ALA B 279 -0.80 47.52 5.79
C ALA B 279 -0.39 46.77 4.52
N PHE B 280 0.59 45.86 4.65
CA PHE B 280 1.05 45.09 3.50
C PHE B 280 -0.03 44.14 3.00
N ILE B 281 -0.64 43.38 3.91
CA ILE B 281 -1.74 42.50 3.54
C ILE B 281 -2.91 43.28 2.95
N LEU B 282 -3.28 44.43 3.56
CA LEU B 282 -4.34 45.26 3.01
C LEU B 282 -4.00 45.71 1.59
N HIS B 283 -2.75 46.07 1.35
CA HIS B 283 -2.34 46.48 0.02
C HIS B 283 -2.51 45.35 -0.98
N ASN B 284 -2.08 44.15 -0.60
CA ASN B 284 -2.15 43.02 -1.53
C ASN B 284 -3.58 42.58 -1.75
N ARG B 285 -4.41 42.59 -0.71
CA ARG B 285 -5.84 42.35 -0.93
C ARG B 285 -6.42 43.35 -1.93
N SER B 286 -6.03 44.62 -1.82
CA SER B 286 -6.52 45.65 -2.72
C SER B 286 -6.07 45.41 -4.16
N VAL B 287 -4.83 44.94 -4.37
CA VAL B 287 -4.43 44.74 -5.76
C VAL B 287 -5.21 43.58 -6.35
N VAL B 288 -5.50 42.55 -5.55
CA VAL B 288 -6.29 41.43 -6.06
C VAL B 288 -7.68 41.89 -6.44
N ARG B 289 -8.35 42.66 -5.57
CA ARG B 289 -9.73 43.05 -5.84
C ARG B 289 -9.80 44.05 -6.98
N ARG B 290 -8.82 44.94 -7.08
CA ARG B 290 -8.76 45.88 -8.20
C ARG B 290 -8.54 45.15 -9.52
N ALA B 291 -7.73 44.08 -9.52
CA ALA B 291 -7.43 43.39 -10.78
C ALA B 291 -8.64 42.62 -11.30
N LEU B 292 -9.44 42.07 -10.39
CA LEU B 292 -10.60 41.24 -10.73
C LEU B 292 -11.88 42.04 -10.56
N ALA B 293 -11.81 43.25 -11.09
CA ALA B 293 -12.77 44.31 -10.76
C ALA B 293 -14.10 44.12 -11.46
N GLY B 294 -14.12 44.42 -12.75
CA GLY B 294 -15.32 44.31 -13.54
C GLY B 294 -15.28 43.05 -14.36
N VAL B 295 -14.55 42.05 -13.87
CA VAL B 295 -14.59 40.75 -14.54
C VAL B 295 -15.99 40.19 -14.30
N GLU B 296 -16.76 40.06 -15.36
CA GLU B 296 -18.13 39.59 -15.23
C GLU B 296 -18.13 38.23 -14.53
N GLY B 297 -19.05 38.07 -13.59
CA GLY B 297 -19.18 36.82 -12.87
C GLY B 297 -18.30 36.67 -11.64
N VAL B 298 -17.41 37.62 -11.36
CA VAL B 298 -16.48 37.50 -10.23
C VAL B 298 -17.06 38.23 -9.02
N SER B 299 -16.86 37.65 -7.85
CA SER B 299 -17.19 38.32 -6.60
C SER B 299 -16.26 37.84 -5.50
N PHE B 300 -16.29 38.56 -4.39
CA PHE B 300 -15.43 38.27 -3.25
C PHE B 300 -16.28 37.89 -2.05
N PRO B 301 -16.29 36.60 -1.66
CA PRO B 301 -17.24 36.16 -0.62
C PRO B 301 -16.97 36.74 0.76
N ASP B 302 -15.76 37.21 1.05
CA ASP B 302 -15.39 37.67 2.39
C ASP B 302 -14.94 39.13 2.35
N PRO B 303 -15.89 40.06 2.14
CA PRO B 303 -15.48 41.45 1.91
C PRO B 303 -14.71 42.05 3.06
N GLU B 304 -14.96 41.61 4.30
CA GLU B 304 -14.33 42.20 5.48
C GLU B 304 -13.10 41.44 5.96
N SER B 305 -12.68 40.40 5.27
CA SER B 305 -11.54 39.61 5.76
C SER B 305 -10.28 40.45 5.80
N ARG B 306 -9.48 40.23 6.84
CA ARG B 306 -8.14 40.79 6.95
C ARG B 306 -7.07 39.71 6.97
N SER B 307 -7.42 38.46 6.66
CA SER B 307 -6.45 37.39 6.72
C SER B 307 -5.56 37.41 5.47
N SER B 308 -4.54 36.57 5.51
CA SER B 308 -3.53 36.55 4.46
C SER B 308 -3.89 35.66 3.30
N VAL B 309 -5.13 35.18 3.24
CA VAL B 309 -5.61 34.45 2.09
C VAL B 309 -6.93 35.08 1.65
N GLU B 310 -7.26 34.90 0.37
CA GLU B 310 -8.42 35.57 -0.22
C GLU B 310 -9.18 34.60 -1.12
N ARG B 311 -10.46 34.42 -0.84
CA ARG B 311 -11.35 33.64 -1.71
C ARG B 311 -11.89 34.51 -2.83
N VAL B 312 -11.97 33.92 -4.01
CA VAL B 312 -12.57 34.56 -5.18
C VAL B 312 -13.60 33.59 -5.74
N ALA B 313 -14.82 34.07 -5.99
CA ALA B 313 -15.89 33.27 -6.55
C ALA B 313 -16.14 33.65 -7.99
N PHE B 314 -16.62 32.69 -8.76
CA PHE B 314 -16.95 32.98 -10.15
C PHE B 314 -18.25 32.28 -10.51
N ALA B 315 -19.04 32.93 -11.34
CA ALA B 315 -20.18 32.26 -11.93
C ALA B 315 -19.70 31.59 -13.22
N GLY B 316 -20.27 30.43 -13.52
CA GLY B 316 -20.10 29.83 -14.81
C GLY B 316 -18.93 28.89 -14.96
N ARG B 317 -18.05 28.79 -13.97
CA ARG B 317 -16.97 27.81 -14.03
C ARG B 317 -16.64 27.33 -12.61
N THR B 318 -15.93 26.22 -12.56
CA THR B 318 -15.49 25.64 -11.29
C THR B 318 -14.06 26.07 -10.96
N GLY B 319 -13.74 26.00 -9.66
CA GLY B 319 -12.40 26.33 -9.23
C GLY B 319 -11.35 25.37 -9.78
N THR B 320 -11.73 24.10 -9.95
CA THR B 320 -10.84 23.13 -10.58
C THR B 320 -10.51 23.53 -12.01
N GLU B 321 -11.51 23.95 -12.78
CA GLU B 321 -11.26 24.37 -14.16
C GLU B 321 -10.42 25.65 -14.21
N VAL B 322 -10.76 26.63 -13.36
CA VAL B 322 -9.95 27.85 -13.28
C VAL B 322 -8.52 27.50 -12.90
N TRP B 323 -8.35 26.61 -11.93
CA TRP B 323 -7.02 26.20 -11.51
C TRP B 323 -6.23 25.65 -12.70
N GLU B 324 -6.88 24.82 -13.53
CA GLU B 324 -6.15 24.17 -14.62
C GLU B 324 -5.74 25.17 -15.68
N GLU B 325 -6.60 26.14 -15.98
CA GLU B 325 -6.20 27.13 -16.96
C GLU B 325 -5.11 28.04 -16.40
N LEU B 326 -5.16 28.32 -15.11
CA LEU B 326 -4.10 29.08 -14.47
C LEU B 326 -2.76 28.35 -14.58
N GLN B 327 -2.79 27.04 -14.32
CA GLN B 327 -1.53 26.29 -14.24
C GLN B 327 -0.85 26.19 -15.60
N ARG B 328 -1.63 26.19 -16.68
CA ARG B 328 -1.06 26.23 -18.02
C ARG B 328 -0.25 27.50 -18.24
N HIS B 329 -0.48 28.54 -17.44
CA HIS B 329 0.34 29.74 -17.43
C HIS B 329 1.33 29.76 -16.27
N HIS B 330 1.53 28.62 -15.63
CA HIS B 330 2.49 28.47 -14.53
C HIS B 330 2.12 29.31 -13.31
N VAL B 331 0.83 29.60 -13.12
CA VAL B 331 0.30 30.23 -11.91
C VAL B 331 -0.43 29.15 -11.13
N PHE B 332 -0.15 29.06 -9.83
CA PHE B 332 -0.73 28.02 -8.99
C PHE B 332 -1.53 28.62 -7.85
N ALA B 333 -2.86 28.46 -7.92
CA ALA B 333 -3.76 28.85 -6.85
C ALA B 333 -4.30 27.57 -6.20
N LEU B 334 -5.36 27.71 -5.42
CA LEU B 334 -5.91 26.56 -4.69
C LEU B 334 -7.42 26.48 -4.91
N PRO B 335 -7.93 25.37 -5.46
CA PRO B 335 -9.40 25.21 -5.50
C PRO B 335 -9.96 25.10 -4.11
N CYS B 336 -11.18 25.60 -3.94
CA CYS B 336 -11.72 25.72 -2.60
C CYS B 336 -12.50 24.50 -2.12
N ARG B 337 -12.83 23.56 -3.01
CA ARG B 337 -13.70 22.44 -2.63
C ARG B 337 -13.33 21.86 -1.28
N GLN B 338 -12.05 21.61 -1.07
CA GLN B 338 -11.70 20.77 0.07
C GLN B 338 -11.70 21.49 1.42
N PHE B 339 -11.80 22.83 1.45
CA PHE B 339 -12.11 23.50 2.71
C PHE B 339 -13.51 23.16 3.19
N HIS B 340 -14.39 22.76 2.27
CA HIS B 340 -15.76 22.40 2.63
C HIS B 340 -15.78 20.89 2.86
N TRP B 341 -15.18 20.54 3.99
CA TRP B 341 -14.80 19.17 4.30
C TRP B 341 -16.03 18.28 4.51
N ALA B 342 -17.20 18.84 4.72
CA ALA B 342 -18.44 18.07 4.84
C ALA B 342 -19.28 18.09 3.56
N GLU B 343 -19.04 19.04 2.66
CA GLU B 343 -19.85 19.18 1.45
C GLU B 343 -18.99 19.90 0.41
N PRO B 344 -18.09 19.19 -0.26
CA PRO B 344 -17.10 19.89 -1.09
C PRO B 344 -17.71 20.70 -2.21
N SER B 345 -18.88 20.30 -2.71
CA SER B 345 -19.51 21.06 -3.78
C SER B 345 -19.83 22.51 -3.36
N ASP B 346 -19.91 22.79 -2.05
CA ASP B 346 -20.10 24.15 -1.58
C ASP B 346 -18.97 25.07 -2.07
N GLY B 347 -17.79 24.52 -2.32
CA GLY B 347 -16.64 25.30 -2.75
C GLY B 347 -16.31 25.17 -4.22
N ASP B 348 -17.26 24.64 -5.00
CA ASP B 348 -16.94 24.29 -6.38
C ASP B 348 -16.69 25.51 -7.26
N HIS B 349 -17.14 26.69 -6.86
CA HIS B 349 -17.03 27.86 -7.72
C HIS B 349 -16.13 28.91 -7.09
N MET B 350 -15.17 28.49 -6.27
CA MET B 350 -14.19 29.39 -5.68
C MET B 350 -12.77 28.84 -5.81
N VAL B 351 -11.82 29.78 -5.90
CA VAL B 351 -10.41 29.47 -5.65
C VAL B 351 -9.91 30.39 -4.53
N ARG B 352 -8.80 30.00 -3.94
CA ARG B 352 -8.17 30.78 -2.88
C ARG B 352 -6.80 31.25 -3.35
N ILE B 353 -6.51 32.52 -3.07
CA ILE B 353 -5.25 33.19 -3.44
C ILE B 353 -4.48 33.54 -2.18
N ALA B 354 -3.19 33.23 -2.16
CA ALA B 354 -2.31 33.57 -1.05
C ALA B 354 -1.82 35.01 -1.18
N LEU B 355 -1.96 35.78 -0.10
CA LEU B 355 -1.59 37.18 -0.09
C LEU B 355 -0.24 37.45 0.56
N SER B 356 0.31 36.48 1.30
CA SER B 356 1.63 36.66 1.92
C SER B 356 2.70 36.36 0.87
N ARG B 357 2.81 37.30 -0.06
CA ARG B 357 3.62 37.20 -1.26
C ARG B 357 4.12 38.59 -1.59
N SER B 358 5.29 38.67 -2.19
CA SER B 358 5.71 39.95 -2.74
C SER B 358 4.67 40.43 -3.74
N THR B 359 4.45 41.75 -3.77
CA THR B 359 3.32 42.28 -4.52
C THR B 359 3.49 42.03 -6.01
N GLU B 360 4.72 42.07 -6.51
CA GLU B 360 4.94 41.98 -7.95
C GLU B 360 4.55 40.62 -8.51
N PRO B 361 5.00 39.49 -7.96
CA PRO B 361 4.48 38.20 -8.47
C PRO B 361 3.01 37.99 -8.15
N LEU B 362 2.50 38.52 -7.05
CA LEU B 362 1.06 38.47 -6.83
C LEU B 362 0.32 39.22 -7.92
N GLU B 363 0.74 40.45 -8.20
CA GLU B 363 0.17 41.25 -9.28
C GLU B 363 0.18 40.47 -10.60
N LYS B 364 1.33 39.86 -10.91
CA LYS B 364 1.44 39.11 -12.17
C LYS B 364 0.44 37.97 -12.19
N SER B 365 0.31 37.24 -11.08
CA SER B 365 -0.57 36.09 -11.03
C SER B 365 -2.02 36.47 -11.23
N VAL B 366 -2.47 37.55 -10.60
CA VAL B 366 -3.87 37.93 -10.72
C VAL B 366 -4.17 38.62 -12.05
N GLN B 367 -3.16 39.17 -12.73
CA GLN B 367 -3.41 39.63 -14.09
C GLN B 367 -3.65 38.44 -15.01
N VAL B 368 -2.90 37.35 -14.80
CA VAL B 368 -3.16 36.11 -15.52
C VAL B 368 -4.56 35.62 -15.21
N LEU B 369 -4.94 35.62 -13.94
CA LEU B 369 -6.28 35.17 -13.59
C LEU B 369 -7.34 36.04 -14.29
N ARG B 370 -7.12 37.35 -14.35
CA ARG B 370 -8.06 38.22 -15.03
C ARG B 370 -8.29 37.79 -16.48
N THR B 371 -7.21 37.41 -17.17
CA THR B 371 -7.35 36.99 -18.56
C THR B 371 -8.08 35.66 -18.67
N VAL B 372 -7.62 34.66 -17.92
CA VAL B 372 -8.33 33.37 -17.85
C VAL B 372 -9.82 33.63 -17.64
N LEU B 373 -10.16 34.36 -16.57
CA LEU B 373 -11.54 34.57 -16.18
C LEU B 373 -12.31 35.38 -17.22
N GLU B 374 -11.62 35.78 -18.28
CA GLU B 374 -12.26 36.47 -19.41
C GLU B 374 -12.20 35.61 -20.67
N THR B 375 -12.11 34.29 -20.51
CA THR B 375 -11.98 33.34 -21.62
C THR B 375 -11.08 33.91 -22.72
N LEU C 23 -31.37 -26.87 -24.45
CA LEU C 23 -31.74 -25.46 -24.34
C LEU C 23 -31.26 -24.89 -22.99
N ASN C 24 -30.07 -24.32 -22.98
CA ASN C 24 -29.46 -23.77 -21.78
C ASN C 24 -29.77 -22.28 -21.70
N ILE C 25 -30.52 -21.89 -20.66
CA ILE C 25 -30.77 -20.49 -20.33
C ILE C 25 -30.39 -20.31 -18.86
N ALA C 26 -29.31 -20.98 -18.46
CA ALA C 26 -28.87 -21.02 -17.08
C ALA C 26 -27.67 -20.10 -16.88
N ASP C 27 -26.51 -20.53 -17.41
CA ASP C 27 -25.25 -19.83 -17.16
C ASP C 27 -25.31 -18.43 -17.74
N GLY C 28 -24.75 -17.47 -17.01
CA GLY C 28 -24.82 -16.09 -17.47
C GLY C 28 -23.91 -15.70 -18.59
N HIS C 29 -22.89 -16.51 -18.91
CA HIS C 29 -21.99 -16.08 -19.96
C HIS C 29 -22.69 -16.02 -21.32
N ALA C 30 -22.09 -15.27 -22.22
CA ALA C 30 -22.71 -14.96 -23.49
C ALA C 30 -22.49 -16.09 -24.48
N ARG C 31 -23.58 -16.51 -25.14
CA ARG C 31 -23.56 -17.61 -26.10
C ARG C 31 -24.26 -17.25 -27.39
N GLN C 32 -24.70 -16.00 -27.55
CA GLN C 32 -25.27 -15.56 -28.82
C GLN C 32 -24.17 -15.54 -29.88
N ALA C 33 -24.59 -15.47 -31.13
CA ALA C 33 -23.66 -15.37 -32.24
C ALA C 33 -22.88 -14.06 -32.18
N LEU C 34 -21.66 -14.11 -32.72
CA LEU C 34 -20.90 -12.89 -32.96
C LEU C 34 -21.65 -11.94 -33.88
N SER C 35 -21.52 -10.64 -33.60
CA SER C 35 -21.94 -9.62 -34.56
C SER C 35 -20.97 -9.61 -35.73
N PRO C 36 -21.32 -8.94 -36.84
CA PRO C 36 -20.34 -8.86 -37.94
C PRO C 36 -19.04 -8.19 -37.54
N GLY C 37 -19.11 -7.14 -36.72
CA GLY C 37 -17.90 -6.49 -36.26
C GLY C 37 -17.04 -7.40 -35.42
N GLN C 38 -17.68 -8.23 -34.59
CA GLN C 38 -16.91 -9.14 -33.75
C GLN C 38 -16.34 -10.30 -34.57
N GLN C 39 -17.11 -10.82 -35.53
CA GLN C 39 -16.59 -11.91 -36.35
C GLN C 39 -15.39 -11.44 -37.14
N LYS C 40 -15.36 -10.17 -37.51
CA LYS C 40 -14.19 -9.62 -38.21
C LYS C 40 -12.95 -9.70 -37.32
N ILE C 41 -13.08 -9.37 -36.04
CA ILE C 41 -11.95 -9.50 -35.12
C ILE C 41 -11.49 -10.95 -35.05
N VAL C 42 -12.43 -11.87 -34.88
CA VAL C 42 -12.11 -13.30 -34.81
C VAL C 42 -11.39 -13.74 -36.08
N ASN C 43 -11.86 -13.27 -37.25
CA ASN C 43 -11.19 -13.65 -38.50
C ASN C 43 -9.77 -13.13 -38.58
N GLU C 44 -9.43 -12.11 -37.78
CA GLU C 44 -8.08 -11.55 -37.75
C GLU C 44 -7.26 -12.03 -36.54
N LEU C 45 -7.70 -13.09 -35.87
CA LEU C 45 -6.91 -13.62 -34.77
C LEU C 45 -5.46 -13.91 -35.14
N PRO C 46 -5.14 -14.43 -36.32
CA PRO C 46 -3.72 -14.65 -36.65
C PRO C 46 -2.92 -13.36 -36.69
N VAL C 47 -3.57 -12.24 -37.02
CA VAL C 47 -2.91 -10.94 -37.00
C VAL C 47 -2.66 -10.47 -35.58
N LEU C 48 -3.66 -10.60 -34.70
CA LEU C 48 -3.44 -10.31 -33.29
C LEU C 48 -2.35 -11.18 -32.69
N TRP C 49 -2.23 -12.42 -33.16
CA TRP C 49 -1.12 -13.26 -32.70
C TRP C 49 0.22 -12.66 -33.11
N ALA C 50 0.34 -12.29 -34.38
CA ALA C 50 1.60 -11.68 -34.83
C ALA C 50 1.90 -10.42 -34.03
N GLU C 51 0.88 -9.59 -33.79
CA GLU C 51 1.07 -8.39 -32.98
C GLU C 51 1.58 -8.75 -31.59
N SER C 52 1.01 -9.80 -30.99
CA SER C 52 1.40 -10.23 -29.65
C SER C 52 2.82 -10.78 -29.61
N GLU C 53 3.32 -11.33 -30.72
CA GLU C 53 4.70 -11.77 -30.73
C GLU C 53 5.65 -10.59 -30.90
N GLN C 54 5.20 -9.53 -31.57
CA GLN C 54 6.08 -8.43 -31.94
C GLN C 54 6.13 -7.32 -30.90
N ARG C 55 5.02 -7.07 -30.16
CA ARG C 55 4.96 -5.90 -29.29
C ARG C 55 5.11 -6.31 -27.83
N PRO C 56 5.62 -5.42 -26.98
CA PRO C 56 5.68 -5.74 -25.56
C PRO C 56 4.29 -5.87 -24.97
N VAL C 57 4.10 -6.92 -24.16
CA VAL C 57 2.78 -7.17 -23.59
C VAL C 57 2.29 -5.97 -22.79
N GLN C 58 3.20 -5.22 -22.15
CA GLN C 58 2.75 -4.09 -21.32
C GLN C 58 2.07 -3.01 -22.16
N GLN C 59 2.50 -2.86 -23.41
CA GLN C 59 1.86 -1.89 -24.29
C GLN C 59 0.47 -2.36 -24.70
N ILE C 60 0.34 -3.64 -25.08
CA ILE C 60 -0.98 -4.18 -25.41
C ILE C 60 -1.91 -4.10 -24.21
N GLU C 61 -1.40 -4.48 -23.03
CA GLU C 61 -2.20 -4.42 -21.80
C GLU C 61 -2.73 -3.02 -21.53
N SER C 62 -1.85 -2.01 -21.61
CA SER C 62 -2.27 -0.62 -21.39
C SER C 62 -3.36 -0.21 -22.38
N GLU C 63 -3.24 -0.62 -23.64
CA GLU C 63 -4.26 -0.27 -24.63
C GLU C 63 -5.58 -0.95 -24.33
N ALA C 64 -5.53 -2.20 -23.86
CA ALA C 64 -6.75 -2.94 -23.56
C ALA C 64 -7.46 -2.31 -22.37
N HIS C 65 -6.71 -1.96 -21.33
CA HIS C 65 -7.33 -1.30 -20.18
C HIS C 65 -7.91 0.04 -20.60
N GLN C 66 -7.14 0.83 -21.33
CA GLN C 66 -7.63 2.13 -21.77
C GLN C 66 -8.93 1.98 -22.55
N ALA C 67 -8.99 1.01 -23.47
CA ALA C 67 -10.18 0.82 -24.28
C ALA C 67 -11.37 0.37 -23.44
N TYR C 68 -11.14 -0.56 -22.51
CA TYR C 68 -12.25 -1.09 -21.73
C TYR C 68 -12.76 -0.07 -20.71
N PHE C 69 -11.86 0.53 -19.94
CA PHE C 69 -12.29 1.49 -18.92
C PHE C 69 -12.95 2.71 -19.55
N THR C 70 -12.39 3.23 -20.65
CA THR C 70 -12.99 4.44 -21.22
C THR C 70 -14.34 4.11 -21.86
N LEU C 71 -14.47 2.91 -22.43
CA LEU C 71 -15.75 2.50 -23.00
C LEU C 71 -16.87 2.67 -22.00
N LEU C 72 -16.60 2.31 -20.75
CA LEU C 72 -17.61 2.24 -19.71
C LEU C 72 -17.55 3.43 -18.75
N GLY C 73 -16.93 4.53 -19.18
CA GLY C 73 -16.99 5.78 -18.43
C GLY C 73 -16.06 5.89 -17.25
N GLN C 74 -15.13 4.94 -17.08
CA GLN C 74 -14.30 4.91 -15.88
C GLN C 74 -12.99 5.64 -16.13
N HIS C 75 -13.12 6.91 -16.50
CA HIS C 75 -11.96 7.64 -16.98
C HIS C 75 -10.91 7.86 -15.90
N GLY C 76 -11.29 7.85 -14.64
CA GLY C 76 -10.34 8.05 -13.56
C GLY C 76 -9.57 6.82 -13.10
N TYR C 77 -9.72 5.70 -13.79
CA TYR C 77 -8.99 4.50 -13.40
C TYR C 77 -7.49 4.78 -13.31
N PRO C 78 -6.78 4.09 -12.41
CA PRO C 78 -5.32 4.26 -12.31
C PRO C 78 -4.59 3.60 -13.47
N ALA C 79 -4.01 4.45 -14.32
CA ALA C 79 -3.47 4.01 -15.60
C ALA C 79 -1.96 3.80 -15.54
N GLU C 80 -1.33 4.10 -14.43
CA GLU C 80 0.09 3.79 -14.28
C GLU C 80 0.32 2.30 -14.39
N PRO C 81 1.31 1.86 -15.18
CA PRO C 81 1.67 0.43 -15.18
C PRO C 81 1.75 -0.13 -13.77
N GLY C 82 1.10 -1.28 -13.57
CA GLY C 82 1.12 -1.99 -12.31
C GLY C 82 -0.08 -1.75 -11.41
N ARG C 83 -0.91 -0.75 -11.71
CA ARG C 83 -2.03 -0.47 -10.83
C ARG C 83 -3.25 -1.33 -11.15
N VAL C 84 -3.42 -1.75 -12.40
CA VAL C 84 -4.51 -2.65 -12.77
C VAL C 84 -3.87 -4.00 -13.01
N LEU C 85 -4.27 -5.00 -12.23
CA LEU C 85 -3.69 -6.32 -12.31
C LEU C 85 -4.60 -7.21 -13.16
N SER C 86 -4.10 -7.68 -14.30
CA SER C 86 -4.93 -8.49 -15.18
C SER C 86 -4.87 -9.94 -14.74
N CYS C 87 -6.04 -10.53 -14.52
CA CYS C 87 -6.18 -11.89 -13.99
C CYS C 87 -6.91 -12.75 -15.01
N TYR C 88 -6.71 -14.08 -14.91
CA TYR C 88 -7.34 -14.98 -15.88
C TYR C 88 -8.85 -14.84 -15.88
N SER C 89 -9.43 -14.52 -14.72
CA SER C 89 -10.87 -14.32 -14.62
C SER C 89 -11.14 -13.46 -13.41
N SER C 90 -12.38 -12.96 -13.36
CA SER C 90 -12.85 -12.25 -12.18
C SER C 90 -12.83 -13.14 -10.94
N SER C 91 -13.18 -14.43 -11.08
CA SER C 91 -13.10 -15.32 -9.92
C SER C 91 -11.67 -15.54 -9.43
N VAL C 92 -10.68 -15.56 -10.33
CA VAL C 92 -9.29 -15.59 -9.87
C VAL C 92 -8.97 -14.30 -9.11
N SER C 93 -9.40 -13.14 -9.63
CA SER C 93 -9.28 -11.90 -8.88
C SER C 93 -9.92 -12.02 -7.51
N MET C 94 -11.12 -12.61 -7.45
CA MET C 94 -11.82 -12.78 -6.17
C MET C 94 -11.08 -13.73 -5.21
N GLU C 95 -10.46 -14.80 -5.73
CA GLU C 95 -9.64 -15.66 -4.89
C GLU C 95 -8.48 -14.89 -4.28
N ILE C 96 -7.81 -14.10 -5.11
CA ILE C 96 -6.74 -13.23 -4.63
C ILE C 96 -7.25 -12.31 -3.55
N LEU C 97 -8.40 -11.65 -3.78
CA LEU C 97 -8.90 -10.68 -2.81
C LEU C 97 -9.31 -11.37 -1.53
N ALA C 98 -9.99 -12.51 -1.64
CA ALA C 98 -10.45 -13.19 -0.43
C ALA C 98 -9.29 -13.68 0.41
N ARG C 99 -8.25 -14.26 -0.23
CA ARG C 99 -7.15 -14.72 0.57
C ARG C 99 -6.39 -13.52 1.16
N SER C 100 -6.30 -12.42 0.41
CA SER C 100 -5.66 -11.20 0.92
C SER C 100 -6.41 -10.66 2.12
N LEU C 101 -7.74 -10.63 2.02
CA LEU C 101 -8.55 -10.15 3.14
C LEU C 101 -8.27 -10.97 4.40
N SER C 102 -8.14 -12.29 4.24
CA SER C 102 -7.98 -13.17 5.40
C SER C 102 -6.70 -12.90 6.18
N ALA C 103 -5.75 -12.17 5.63
CA ALA C 103 -4.57 -11.82 6.41
C ALA C 103 -4.91 -10.97 7.62
N SER C 104 -5.96 -10.12 7.55
CA SER C 104 -6.21 -9.17 8.61
C SER C 104 -7.70 -8.99 8.91
N VAL C 105 -8.58 -9.62 8.15
CA VAL C 105 -10.03 -9.44 8.30
C VAL C 105 -10.65 -10.77 8.65
N ASP C 106 -11.62 -10.76 9.57
CA ASP C 106 -12.36 -11.95 9.92
C ASP C 106 -13.79 -11.99 9.41
N ARG C 107 -14.41 -10.82 9.18
CA ARG C 107 -15.80 -10.71 8.78
C ARG C 107 -15.97 -9.72 7.64
N VAL C 108 -16.88 -10.07 6.72
CA VAL C 108 -17.20 -9.28 5.55
C VAL C 108 -18.69 -9.07 5.49
N ALA C 109 -19.11 -7.85 5.25
CA ALA C 109 -20.50 -7.54 4.94
C ALA C 109 -20.67 -7.69 3.44
N LEU C 110 -21.62 -8.53 3.03
CA LEU C 110 -21.81 -8.89 1.62
C LEU C 110 -23.26 -8.66 1.22
N VAL C 111 -23.47 -8.04 0.05
CA VAL C 111 -24.84 -7.82 -0.41
C VAL C 111 -25.55 -9.14 -0.63
N HIS C 112 -26.85 -9.15 -0.30
CA HIS C 112 -27.69 -10.34 -0.28
C HIS C 112 -29.02 -10.00 -0.94
N PRO C 113 -29.45 -10.73 -1.99
CA PRO C 113 -28.76 -11.84 -2.66
C PRO C 113 -27.59 -11.36 -3.51
N THR C 114 -26.74 -12.30 -3.93
CA THR C 114 -25.76 -12.02 -4.95
C THR C 114 -25.28 -13.34 -5.52
N PHE C 115 -24.40 -13.25 -6.52
CA PHE C 115 -23.70 -14.35 -7.13
C PHE C 115 -23.07 -15.16 -6.00
N ASP C 116 -23.53 -16.40 -5.78
CA ASP C 116 -23.13 -17.09 -4.56
C ASP C 116 -21.67 -17.54 -4.58
N ASN C 117 -21.02 -17.59 -5.75
CA ASN C 117 -19.63 -17.93 -5.76
C ASN C 117 -18.80 -17.00 -4.90
N ILE C 118 -19.17 -15.73 -4.83
CA ILE C 118 -18.46 -14.76 -3.99
C ILE C 118 -18.50 -15.22 -2.53
N ALA C 119 -19.67 -15.64 -2.07
CA ALA C 119 -19.75 -16.13 -0.70
C ALA C 119 -18.89 -17.37 -0.50
N ASP C 120 -18.84 -18.27 -1.49
CA ASP C 120 -18.06 -19.48 -1.34
C ASP C 120 -16.56 -19.18 -1.29
N LEU C 121 -16.09 -18.24 -2.10
CA LEU C 121 -14.66 -17.87 -2.09
C LEU C 121 -14.27 -17.18 -0.79
N LEU C 122 -15.13 -16.29 -0.27
CA LEU C 122 -14.85 -15.65 1.01
C LEU C 122 -14.86 -16.66 2.15
N ARG C 123 -15.93 -17.46 2.26
CA ARG C 123 -15.98 -18.47 3.31
C ARG C 123 -14.83 -19.47 3.21
N GLY C 124 -14.49 -19.90 1.99
CA GLY C 124 -13.43 -20.87 1.84
C GLY C 124 -12.09 -20.32 2.26
N ASN C 125 -11.94 -19.01 2.26
CA ASN C 125 -10.70 -18.41 2.73
C ASN C 125 -10.79 -17.96 4.16
N GLY C 126 -11.82 -18.38 4.88
CA GLY C 126 -11.90 -18.17 6.31
C GLY C 126 -12.63 -16.92 6.75
N LEU C 127 -13.36 -16.27 5.86
CA LEU C 127 -14.10 -15.06 6.22
C LEU C 127 -15.52 -15.44 6.62
N ASP C 128 -16.02 -14.83 7.71
CA ASP C 128 -17.39 -14.96 8.13
C ASP C 128 -18.22 -13.81 7.55
N LEU C 129 -19.43 -14.13 7.11
CA LEU C 129 -20.23 -13.22 6.30
C LEU C 129 -21.43 -12.67 7.06
N VAL C 130 -21.67 -11.39 6.87
CA VAL C 130 -22.85 -10.70 7.38
C VAL C 130 -23.65 -10.22 6.18
N PRO C 131 -24.87 -10.69 5.97
CA PRO C 131 -25.65 -10.21 4.84
C PRO C 131 -26.14 -8.78 5.03
N VAL C 132 -26.13 -8.05 3.93
CA VAL C 132 -26.81 -6.75 3.86
C VAL C 132 -27.85 -6.85 2.74
N GLU C 133 -29.13 -6.69 3.09
CA GLU C 133 -30.17 -6.70 2.07
C GLU C 133 -30.06 -5.48 1.18
N GLU C 134 -30.54 -5.62 -0.06
CA GLU C 134 -30.40 -4.55 -1.04
C GLU C 134 -31.05 -3.24 -0.60
N ASP C 135 -32.29 -3.30 -0.10
CA ASP C 135 -32.95 -2.06 0.27
C ASP C 135 -32.16 -1.32 1.35
N ALA C 136 -31.58 -2.07 2.28
CA ALA C 136 -30.77 -1.45 3.33
C ALA C 136 -29.49 -0.85 2.76
N LEU C 137 -28.82 -1.58 1.88
CA LEU C 137 -27.55 -1.11 1.32
C LEU C 137 -27.76 0.16 0.52
N HIS C 138 -28.79 0.17 -0.32
CA HIS C 138 -29.00 1.30 -1.23
C HIS C 138 -29.72 2.46 -0.57
N GLY C 139 -30.57 2.20 0.43
CA GLY C 139 -31.49 3.22 0.87
C GLY C 139 -31.15 3.97 2.14
N ALA C 140 -30.12 3.52 2.86
CA ALA C 140 -29.73 4.13 4.13
C ALA C 140 -28.26 3.86 4.40
N ASP C 141 -27.68 4.73 5.22
CA ASP C 141 -26.33 4.52 5.74
C ASP C 141 -26.24 3.17 6.43
N LEU C 142 -25.06 2.56 6.36
CA LEU C 142 -24.76 1.41 7.20
C LEU C 142 -24.59 1.87 8.65
N SER C 143 -24.95 1.00 9.58
CA SER C 143 -24.82 1.39 10.98
C SER C 143 -23.38 1.28 11.43
N ALA C 144 -23.07 2.06 12.47
CA ALA C 144 -21.75 2.00 13.10
C ALA C 144 -21.47 0.65 13.70
N GLU C 145 -22.52 -0.03 14.19
CA GLU C 145 -22.30 -1.35 14.75
C GLU C 145 -21.92 -2.35 13.67
N LEU C 146 -22.43 -2.21 12.45
CA LEU C 146 -21.98 -3.08 11.36
C LEU C 146 -20.53 -2.80 11.00
N LEU C 147 -20.17 -1.53 10.90
CA LEU C 147 -18.83 -1.23 10.42
C LEU C 147 -17.75 -1.54 11.45
N SER C 148 -18.10 -1.59 12.74
CA SER C 148 -17.18 -2.06 13.77
C SER C 148 -17.10 -3.59 13.80
N SER C 149 -17.98 -4.28 13.08
CA SER C 149 -18.03 -5.73 13.10
C SER C 149 -17.45 -6.38 11.86
N VAL C 150 -17.12 -5.61 10.83
CA VAL C 150 -16.60 -6.16 9.59
C VAL C 150 -15.38 -5.34 9.18
N GLY C 151 -14.54 -5.97 8.37
CA GLY C 151 -13.37 -5.30 7.84
C GLY C 151 -13.48 -4.95 6.39
N CYS C 152 -14.56 -5.40 5.75
CA CYS C 152 -14.76 -5.15 4.32
C CYS C 152 -16.26 -5.13 4.09
N VAL C 153 -16.68 -4.27 3.18
CA VAL C 153 -18.04 -4.24 2.66
C VAL C 153 -17.93 -4.58 1.17
N PHE C 154 -18.69 -5.56 0.71
CA PHE C 154 -18.56 -6.09 -0.64
C PHE C 154 -19.88 -5.95 -1.38
N VAL C 155 -19.85 -5.21 -2.49
CA VAL C 155 -21.07 -4.86 -3.24
C VAL C 155 -20.86 -5.26 -4.70
N THR C 156 -21.75 -6.08 -5.23
CA THR C 156 -21.81 -6.43 -6.64
C THR C 156 -22.70 -5.39 -7.30
N THR C 157 -22.17 -4.63 -8.26
CA THR C 157 -23.01 -3.60 -8.88
C THR C 157 -22.61 -3.44 -10.35
N PRO C 158 -23.55 -3.56 -11.30
CA PRO C 158 -24.94 -3.98 -11.10
C PRO C 158 -24.99 -5.36 -10.49
N ASN C 159 -25.94 -5.59 -9.59
CA ASN C 159 -25.95 -6.84 -8.88
C ASN C 159 -26.39 -7.96 -9.82
N ASN C 160 -25.86 -9.15 -9.56
CA ASN C 160 -26.30 -10.39 -10.16
C ASN C 160 -26.92 -11.16 -9.02
N PRO C 161 -28.23 -11.47 -9.00
CA PRO C 161 -29.15 -11.56 -10.14
C PRO C 161 -30.12 -10.40 -10.37
N THR C 162 -30.10 -9.36 -9.55
CA THR C 162 -31.21 -8.41 -9.52
C THR C 162 -31.02 -7.27 -10.50
N GLY C 163 -29.81 -7.04 -10.96
CA GLY C 163 -29.54 -5.90 -11.83
C GLY C 163 -29.46 -4.58 -11.13
N ARG C 164 -29.59 -4.55 -9.81
CA ARG C 164 -29.68 -3.28 -9.10
C ARG C 164 -28.35 -2.57 -9.14
N VAL C 165 -28.39 -1.28 -9.49
CA VAL C 165 -27.18 -0.48 -9.66
C VAL C 165 -27.01 0.42 -8.45
N LEU C 166 -25.81 0.38 -7.86
CA LEU C 166 -25.43 1.29 -6.79
C LEU C 166 -25.25 2.69 -7.37
N ALA C 167 -26.13 3.60 -6.98
CA ALA C 167 -26.12 4.94 -7.53
C ALA C 167 -24.94 5.74 -6.98
N GLU C 168 -24.53 6.76 -7.73
CA GLU C 168 -23.33 7.51 -7.38
C GLU C 168 -23.43 8.12 -5.98
N GLU C 169 -24.59 8.63 -5.63
CA GLU C 169 -24.71 9.31 -4.34
C GLU C 169 -24.53 8.32 -3.19
N ARG C 170 -25.04 7.09 -3.35
CA ARG C 170 -24.86 6.06 -2.33
C ARG C 170 -23.45 5.47 -2.34
N LEU C 171 -22.84 5.27 -3.52
CA LEU C 171 -21.45 4.84 -3.53
C LEU C 171 -20.58 5.84 -2.79
N ARG C 172 -20.83 7.13 -3.00
CA ARG C 172 -20.04 8.16 -2.31
C ARG C 172 -20.20 8.06 -0.80
N ARG C 173 -21.44 7.93 -0.33
CA ARG C 173 -21.67 7.89 1.11
C ARG C 173 -21.09 6.62 1.71
N LEU C 174 -21.22 5.50 1.01
CA LEU C 174 -20.66 4.23 1.46
C LEU C 174 -19.14 4.29 1.53
N ALA C 175 -18.51 4.88 0.51
CA ALA C 175 -17.06 5.04 0.53
C ALA C 175 -16.62 5.97 1.66
N GLU C 176 -17.40 7.04 1.91
CA GLU C 176 -17.08 7.93 3.03
C GLU C 176 -17.22 7.20 4.36
N GLN C 177 -18.29 6.41 4.54
CA GLN C 177 -18.41 5.61 5.76
C GLN C 177 -17.25 4.62 5.92
N CYS C 178 -16.84 3.94 4.85
CA CYS C 178 -15.73 3.01 4.98
C CYS C 178 -14.46 3.77 5.35
N ALA C 179 -14.28 4.96 4.77
CA ALA C 179 -13.12 5.79 5.09
C ALA C 179 -13.08 6.14 6.57
N GLU C 180 -14.26 6.45 7.15
CA GLU C 180 -14.33 6.84 8.55
C GLU C 180 -13.95 5.68 9.45
N HIS C 181 -14.26 4.45 9.04
CA HIS C 181 -14.08 3.27 9.88
C HIS C 181 -12.86 2.43 9.52
N GLY C 182 -12.08 2.81 8.52
CA GLY C 182 -10.96 1.99 8.12
C GLY C 182 -11.34 0.71 7.39
N THR C 183 -12.55 0.64 6.86
CA THR C 183 -13.10 -0.55 6.21
C THR C 183 -12.69 -0.58 4.75
N VAL C 184 -12.44 -1.78 4.22
CA VAL C 184 -12.21 -1.93 2.79
C VAL C 184 -13.56 -1.94 2.06
N LEU C 185 -13.72 -1.09 1.04
CA LEU C 185 -14.89 -1.16 0.17
C LEU C 185 -14.49 -1.92 -1.10
N ALA C 186 -15.18 -3.02 -1.38
CA ALA C 186 -14.86 -3.85 -2.54
C ALA C 186 -16.08 -3.92 -3.44
N LEU C 187 -15.88 -3.71 -4.75
CA LEU C 187 -16.96 -3.71 -5.75
C LEU C 187 -16.66 -4.78 -6.79
N ASP C 188 -17.67 -5.56 -7.14
CA ASP C 188 -17.60 -6.50 -8.26
C ASP C 188 -18.47 -5.92 -9.35
N THR C 189 -17.83 -5.52 -10.46
CA THR C 189 -18.53 -4.76 -11.50
C THR C 189 -18.62 -5.51 -12.82
N SER C 190 -18.76 -6.83 -12.75
CA SER C 190 -18.84 -7.66 -13.95
C SER C 190 -19.93 -7.22 -14.91
N PHE C 191 -21.10 -6.83 -14.40
CA PHE C 191 -22.23 -6.45 -15.24
C PHE C 191 -22.20 -4.98 -15.69
N ARG C 192 -21.14 -4.25 -15.37
CA ARG C 192 -21.10 -2.81 -15.64
C ARG C 192 -21.47 -2.48 -17.08
N GLY C 193 -20.91 -3.22 -18.05
CA GLY C 193 -21.15 -2.85 -19.44
C GLY C 193 -22.60 -2.89 -19.88
N PHE C 194 -23.46 -3.62 -19.16
CA PHE C 194 -24.85 -3.73 -19.60
C PHE C 194 -25.72 -2.52 -19.26
N ASP C 195 -25.34 -1.70 -18.28
CA ASP C 195 -26.26 -0.72 -17.71
C ASP C 195 -25.54 0.64 -17.63
N ALA C 196 -25.99 1.58 -18.45
CA ALA C 196 -25.40 2.93 -18.48
C ALA C 196 -25.48 3.63 -17.13
N ALA C 197 -26.42 3.24 -16.26
CA ALA C 197 -26.49 3.84 -14.94
C ALA C 197 -25.25 3.54 -14.12
N ALA C 198 -24.48 2.52 -14.51
CA ALA C 198 -23.25 2.15 -13.83
C ALA C 198 -22.02 2.71 -14.55
N HIS C 199 -22.21 3.65 -15.48
CA HIS C 199 -21.10 4.19 -16.24
C HIS C 199 -20.66 5.56 -15.74
N TYR C 200 -21.22 6.05 -14.64
CA TYR C 200 -20.57 7.16 -13.97
C TYR C 200 -19.22 6.69 -13.43
N ASP C 201 -18.31 7.64 -13.23
CA ASP C 201 -16.93 7.25 -12.94
C ASP C 201 -16.79 6.81 -11.48
N HIS C 202 -16.71 5.48 -11.26
CA HIS C 202 -16.60 4.95 -9.90
C HIS C 202 -15.26 5.27 -9.28
N TYR C 203 -14.19 5.26 -10.11
CA TYR C 203 -12.85 5.49 -9.59
C TYR C 203 -12.71 6.92 -9.08
N ALA C 204 -13.32 7.87 -9.77
CA ALA C 204 -13.33 9.23 -9.28
C ALA C 204 -13.98 9.32 -7.91
N VAL C 205 -15.08 8.58 -7.71
CA VAL C 205 -15.79 8.64 -6.43
C VAL C 205 -14.93 8.05 -5.34
N LEU C 206 -14.39 6.85 -5.59
CA LEU C 206 -13.57 6.14 -4.61
C LEU C 206 -12.32 6.94 -4.25
N GLN C 207 -11.65 7.51 -5.24
CA GLN C 207 -10.45 8.28 -4.96
C GLN C 207 -10.74 9.57 -4.20
N GLU C 208 -11.87 10.21 -4.47
CA GLU C 208 -12.21 11.42 -3.71
C GLU C 208 -12.59 11.06 -2.27
N ALA C 209 -13.30 9.95 -2.06
CA ALA C 209 -13.67 9.57 -0.71
C ALA C 209 -12.46 9.10 0.10
N GLY C 210 -11.48 8.49 -0.56
CA GLY C 210 -10.24 8.13 0.10
C GLY C 210 -10.33 6.97 1.05
N CYS C 211 -11.30 6.08 0.85
CA CYS C 211 -11.33 4.83 1.60
C CYS C 211 -10.34 3.84 0.99
N ARG C 212 -10.04 2.79 1.74
CA ARG C 212 -9.40 1.61 1.18
C ARG C 212 -10.40 0.98 0.23
N TRP C 213 -9.99 0.71 -1.00
CA TRP C 213 -10.95 0.19 -1.96
C TRP C 213 -10.30 -0.81 -2.90
N VAL C 214 -11.15 -1.66 -3.44
CA VAL C 214 -10.79 -2.63 -4.47
C VAL C 214 -11.97 -2.73 -5.41
N VAL C 215 -11.69 -2.74 -6.72
CA VAL C 215 -12.71 -2.99 -7.73
C VAL C 215 -12.23 -4.18 -8.57
N ILE C 216 -13.13 -5.13 -8.80
CA ILE C 216 -12.86 -6.22 -9.75
C ILE C 216 -13.74 -6.01 -10.96
N GLU C 217 -13.16 -5.56 -12.05
CA GLU C 217 -13.84 -5.53 -13.32
C GLU C 217 -13.74 -6.90 -13.99
N ASP C 218 -14.62 -7.13 -14.96
CA ASP C 218 -14.69 -8.41 -15.65
C ASP C 218 -15.08 -8.13 -17.08
N THR C 219 -14.32 -8.65 -18.03
CA THR C 219 -14.74 -8.55 -19.43
C THR C 219 -15.61 -9.72 -19.85
N GLY C 220 -15.67 -10.78 -19.05
CA GLY C 220 -16.19 -12.06 -19.48
C GLY C 220 -17.68 -12.18 -19.78
N1 LLP C 221 -18.95 -11.77 -10.67
C2 LLP C 221 -20.18 -11.81 -11.19
C2' LLP C 221 -21.28 -11.03 -10.54
C3 LLP C 221 -20.50 -12.60 -12.35
O3 LLP C 221 -21.79 -12.57 -12.79
C4 LLP C 221 -19.48 -13.33 -13.00
C4' LLP C 221 -19.83 -14.09 -14.20
C5 LLP C 221 -18.18 -13.28 -12.42
C6 LLP C 221 -17.98 -12.49 -11.28
C5' LLP C 221 -16.94 -13.96 -12.97
OP4 LLP C 221 -17.21 -15.27 -13.41
P LLP C 221 -16.06 -16.10 -14.10
OP1 LLP C 221 -15.67 -15.53 -15.42
OP2 LLP C 221 -16.76 -17.50 -14.14
OP3 LLP C 221 -14.89 -16.19 -13.06
N LLP C 221 -18.51 -11.29 -19.22
CA LLP C 221 -19.93 -11.44 -19.41
CB LLP C 221 -20.73 -11.04 -18.15
CG LLP C 221 -20.52 -12.01 -17.00
CD LLP C 221 -21.48 -13.17 -17.12
CE LLP C 221 -21.08 -14.33 -16.18
NZ LLP C 221 -20.96 -13.96 -14.78
C LLP C 221 -20.56 -10.64 -20.57
O LLP C 221 -21.69 -11.12 -21.07
H2'1 LLP C 221 -21.38 -11.37 -9.48
H2'2 LLP C 221 -22.24 -11.25 -11.06
H2'3 LLP C 221 -21.10 -9.94 -10.56
H4'1 LLP C 221 -18.95 -14.60 -14.66
H6 LLP C 221 -16.97 -12.43 -10.84
H5'1 LLP C 221 -16.22 -14.08 -12.12
H5'2 LLP C 221 -16.45 -13.38 -13.79
HA LLP C 221 -20.14 -12.53 -19.62
HB2 LLP C 221 -21.82 -10.97 -18.40
HB3 LLP C 221 -20.39 -10.01 -17.86
HG2 LLP C 221 -20.67 -11.47 -16.03
HG3 LLP C 221 -19.46 -12.38 -17.01
HD2 LLP C 221 -21.50 -13.53 -18.18
HD3 LLP C 221 -22.51 -12.81 -16.87
HE2 LLP C 221 -20.15 -14.81 -16.59
HE3 LLP C 221 -21.91 -15.11 -16.22
N LEU C 222 -19.80 -9.77 -21.21
CA LEU C 222 -20.37 -8.89 -22.22
C LEU C 222 -20.50 -9.54 -23.59
N TRP C 223 -19.49 -10.30 -23.97
CA TRP C 223 -19.31 -10.71 -25.35
C TRP C 223 -19.11 -12.20 -25.47
N PRO C 224 -19.54 -12.79 -26.58
CA PRO C 224 -19.37 -14.24 -26.80
C PRO C 224 -17.98 -14.56 -27.30
N THR C 225 -17.04 -14.59 -26.35
CA THR C 225 -15.63 -14.79 -26.65
C THR C 225 -15.12 -16.17 -26.21
N LEU C 226 -15.98 -17.17 -26.13
CA LEU C 226 -15.57 -18.52 -25.74
C LEU C 226 -14.78 -18.50 -24.45
N ASP C 227 -15.19 -17.63 -23.55
CA ASP C 227 -14.62 -17.49 -22.21
C ASP C 227 -13.19 -16.97 -22.26
N LEU C 228 -12.77 -16.34 -23.35
CA LEU C 228 -11.52 -15.62 -23.37
C LEU C 228 -11.77 -14.24 -22.78
N LYS C 229 -11.12 -13.95 -21.66
CA LYS C 229 -11.57 -12.83 -20.82
C LYS C 229 -10.45 -12.48 -19.86
N ALA C 230 -10.70 -11.42 -19.11
CA ALA C 230 -9.84 -11.09 -17.99
C ALA C 230 -10.67 -10.48 -16.87
N GLY C 231 -10.25 -10.78 -15.64
CA GLY C 231 -10.64 -10.00 -14.50
C GLY C 231 -9.59 -8.92 -14.31
N LEU C 232 -10.04 -7.72 -13.97
CA LEU C 232 -9.15 -6.58 -13.77
C LEU C 232 -9.25 -6.17 -12.33
N LEU C 233 -8.19 -6.42 -11.59
CA LEU C 233 -8.14 -6.21 -10.15
C LEU C 233 -7.47 -4.87 -9.90
N VAL C 234 -8.23 -3.93 -9.36
CA VAL C 234 -7.76 -2.56 -9.16
C VAL C 234 -7.92 -2.22 -7.69
N PHE C 235 -6.91 -1.57 -7.10
CA PHE C 235 -7.04 -1.27 -5.67
C PHE C 235 -6.31 0.02 -5.33
N SER C 236 -6.68 0.55 -4.17
CA SER C 236 -6.13 1.82 -3.72
C SER C 236 -4.68 1.62 -3.27
N GLU C 237 -3.91 2.72 -3.32
CA GLU C 237 -2.52 2.64 -2.90
C GLU C 237 -2.36 2.40 -1.40
N ASP C 238 -3.42 2.59 -0.63
CA ASP C 238 -3.40 2.32 0.82
C ASP C 238 -4.22 1.08 1.19
N ILE C 239 -4.28 0.10 0.28
CA ILE C 239 -5.23 -0.99 0.45
C ILE C 239 -4.91 -1.75 1.74
N GLY C 240 -3.64 -1.87 2.09
CA GLY C 240 -3.29 -2.52 3.35
C GLY C 240 -3.55 -4.01 3.40
N LEU C 241 -3.57 -4.67 2.25
CA LEU C 241 -3.76 -6.09 2.09
C LEU C 241 -2.66 -6.58 1.17
N PRO C 242 -2.27 -7.83 1.28
CA PRO C 242 -1.17 -8.35 0.44
C PRO C 242 -1.61 -8.77 -0.95
N VAL C 243 -2.46 -7.96 -1.61
CA VAL C 243 -3.02 -8.32 -2.91
C VAL C 243 -1.94 -8.41 -3.97
N GLU C 244 -0.96 -7.49 -3.98
CA GLU C 244 0.05 -7.58 -5.03
C GLU C 244 0.90 -8.85 -4.88
N LYS C 245 1.26 -9.20 -3.64
CA LYS C 245 2.03 -10.42 -3.40
C LYS C 245 1.26 -11.65 -3.85
N ILE C 246 0.00 -11.75 -3.44
CA ILE C 246 -0.76 -12.96 -3.74
C ILE C 246 -1.08 -13.06 -5.22
N TYR C 247 -1.34 -11.94 -5.87
CA TYR C 247 -1.45 -11.94 -7.33
C TYR C 247 -0.21 -12.55 -7.96
N SER C 248 0.97 -12.05 -7.57
CA SER C 248 2.18 -12.53 -8.20
C SER C 248 2.50 -13.98 -7.84
N ASP C 249 1.99 -14.46 -6.72
CA ASP C 249 2.15 -15.88 -6.42
C ASP C 249 1.33 -16.75 -7.36
N ILE C 250 0.23 -16.23 -7.87
CA ILE C 250 -0.65 -17.01 -8.72
C ILE C 250 -0.34 -16.81 -10.21
N LEU C 251 0.07 -15.61 -10.66
CA LEU C 251 0.32 -15.45 -12.09
C LEU C 251 1.23 -14.25 -12.35
N LEU C 252 1.87 -14.30 -13.54
CA LEU C 252 2.69 -13.23 -14.09
C LEU C 252 1.84 -12.23 -14.86
N GLY C 253 0.74 -12.68 -15.43
CA GLY C 253 -0.14 -11.84 -16.22
C GLY C 253 -0.93 -12.72 -17.15
N VAL C 254 -1.72 -12.09 -18.01
CA VAL C 254 -2.58 -12.80 -18.94
C VAL C 254 -2.00 -12.75 -20.34
N SER C 255 -2.51 -13.61 -21.21
CA SER C 255 -1.98 -13.72 -22.57
C SER C 255 -2.12 -12.39 -23.28
N PRO C 256 -1.08 -11.96 -24.00
CA PRO C 256 -1.25 -10.77 -24.85
C PRO C 256 -2.33 -10.94 -25.89
N LEU C 257 -2.58 -12.16 -26.37
CA LEU C 257 -3.62 -12.37 -27.37
C LEU C 257 -5.00 -12.06 -26.79
N ILE C 258 -5.23 -12.46 -25.53
CA ILE C 258 -6.51 -12.16 -24.88
C ILE C 258 -6.64 -10.67 -24.61
N LEU C 259 -5.56 -10.02 -24.20
CA LEU C 259 -5.58 -8.57 -24.01
C LEU C 259 -5.85 -7.86 -25.33
N ALA C 260 -5.22 -8.30 -26.41
CA ALA C 260 -5.51 -7.71 -27.71
C ALA C 260 -6.97 -7.94 -28.09
N LEU C 261 -7.48 -9.14 -27.83
CA LEU C 261 -8.88 -9.43 -28.11
C LEU C 261 -9.79 -8.50 -27.34
N ILE C 262 -9.51 -8.30 -26.04
CA ILE C 262 -10.31 -7.37 -25.24
C ILE C 262 -10.23 -5.98 -25.82
N ARG C 263 -9.02 -5.53 -26.18
CA ARG C 263 -8.89 -4.21 -26.76
C ARG C 263 -9.76 -4.06 -28.01
N GLU C 264 -9.74 -5.06 -28.89
CA GLU C 264 -10.49 -4.97 -30.13
C GLU C 264 -12.00 -5.05 -29.90
N PHE C 265 -12.46 -5.95 -29.01
CA PHE C 265 -13.88 -6.01 -28.72
C PHE C 265 -14.35 -4.71 -28.07
N SER C 266 -13.48 -4.08 -27.27
CA SER C 266 -13.84 -2.83 -26.59
C SER C 266 -13.97 -1.71 -27.61
N ARG C 267 -13.07 -1.69 -28.60
CA ARG C 267 -13.13 -0.67 -29.64
C ARG C 267 -14.35 -0.85 -30.54
N ASP C 268 -14.68 -2.10 -30.88
CA ASP C 268 -15.92 -2.36 -31.60
C ASP C 268 -17.13 -1.92 -30.80
N ALA C 269 -17.13 -2.20 -29.48
CA ALA C 269 -18.20 -1.75 -28.63
C ALA C 269 -18.32 -0.23 -28.64
N ALA C 270 -17.18 0.48 -28.61
CA ALA C 270 -17.21 1.93 -28.60
C ALA C 270 -17.72 2.49 -29.91
N ASP C 271 -17.54 1.75 -31.01
CA ASP C 271 -17.93 2.20 -32.34
C ASP C 271 -19.38 1.88 -32.68
N GLY C 272 -20.20 1.56 -31.69
CA GLY C 272 -21.61 1.24 -31.88
C GLY C 272 -22.00 -0.12 -31.36
N GLY C 273 -21.03 -1.00 -31.11
CA GLY C 273 -21.35 -2.34 -30.63
C GLY C 273 -22.03 -2.35 -29.26
N LEU C 274 -21.69 -1.42 -28.38
CA LEU C 274 -22.30 -1.46 -27.06
C LEU C 274 -23.77 -1.07 -27.13
N ALA C 275 -24.10 -0.09 -27.97
CA ALA C 275 -25.50 0.26 -28.21
C ALA C 275 -26.25 -0.93 -28.80
N ASP C 276 -25.63 -1.63 -29.75
CA ASP C 276 -26.25 -2.82 -30.30
C ASP C 276 -26.47 -3.89 -29.22
N LEU C 277 -25.50 -4.04 -28.32
CA LEU C 277 -25.64 -5.01 -27.24
C LEU C 277 -26.80 -4.63 -26.32
N HIS C 278 -26.89 -3.36 -25.93
CA HIS C 278 -28.01 -2.94 -25.10
C HIS C 278 -29.35 -3.21 -25.77
N ALA C 279 -29.44 -2.95 -27.08
CA ALA C 279 -30.71 -3.19 -27.78
C ALA C 279 -31.02 -4.67 -27.87
N PHE C 280 -29.99 -5.50 -28.01
CA PHE C 280 -30.16 -6.94 -28.09
C PHE C 280 -30.66 -7.51 -26.78
N ILE C 281 -30.02 -7.12 -25.68
CA ILE C 281 -30.46 -7.54 -24.35
C ILE C 281 -31.86 -7.03 -24.07
N LEU C 282 -32.13 -5.75 -24.38
CA LEU C 282 -33.48 -5.23 -24.22
C LEU C 282 -34.50 -6.04 -25.01
N HIS C 283 -34.17 -6.40 -26.24
CA HIS C 283 -35.08 -7.20 -27.05
C HIS C 283 -35.34 -8.56 -26.42
N ASN C 284 -34.30 -9.23 -25.91
CA ASN C 284 -34.46 -10.55 -25.32
C ASN C 284 -35.25 -10.47 -24.01
N ARG C 285 -34.95 -9.45 -23.20
CA ARG C 285 -35.77 -9.20 -22.02
C ARG C 285 -37.23 -9.05 -22.40
N SER C 286 -37.50 -8.35 -23.50
CA SER C 286 -38.89 -8.13 -23.91
C SER C 286 -39.53 -9.43 -24.39
N VAL C 287 -38.75 -10.28 -25.06
CA VAL C 287 -39.25 -11.61 -25.42
C VAL C 287 -39.75 -12.35 -24.18
N VAL C 288 -38.92 -12.38 -23.13
CA VAL C 288 -39.29 -13.11 -21.93
C VAL C 288 -40.54 -12.50 -21.31
N ARG C 289 -40.54 -11.18 -21.15
CA ARG C 289 -41.64 -10.53 -20.45
C ARG C 289 -42.92 -10.61 -21.26
N ARG C 290 -42.84 -10.38 -22.57
CA ARG C 290 -44.04 -10.47 -23.40
C ARG C 290 -44.61 -11.88 -23.36
N ALA C 291 -43.74 -12.89 -23.33
CA ALA C 291 -44.20 -14.28 -23.35
C ALA C 291 -44.90 -14.69 -22.06
N LEU C 292 -44.51 -14.11 -20.92
CA LEU C 292 -45.01 -14.55 -19.61
C LEU C 292 -45.93 -13.57 -18.93
N ALA C 293 -46.05 -12.34 -19.43
CA ALA C 293 -46.78 -11.30 -18.72
C ALA C 293 -48.19 -11.76 -18.34
N GLY C 294 -48.90 -12.36 -19.29
CA GLY C 294 -50.29 -12.71 -19.08
C GLY C 294 -50.54 -13.98 -18.30
N VAL C 295 -49.52 -14.61 -17.72
CA VAL C 295 -49.69 -15.86 -17.00
C VAL C 295 -50.02 -15.55 -15.55
N GLU C 296 -51.10 -16.17 -15.04
CA GLU C 296 -51.53 -15.92 -13.67
C GLU C 296 -50.40 -16.19 -12.69
N GLY C 297 -50.16 -15.21 -11.82
CA GLY C 297 -49.20 -15.38 -10.77
C GLY C 297 -47.77 -15.06 -11.15
N VAL C 298 -47.51 -14.64 -12.36
CA VAL C 298 -46.16 -14.31 -12.78
C VAL C 298 -45.93 -12.83 -12.58
N SER C 299 -44.73 -12.48 -12.08
CA SER C 299 -44.32 -11.10 -11.99
C SER C 299 -42.83 -11.01 -12.25
N PHE C 300 -42.37 -9.79 -12.51
CA PHE C 300 -40.94 -9.54 -12.75
C PHE C 300 -40.40 -8.61 -11.65
N PRO C 301 -39.60 -9.13 -10.71
CA PRO C 301 -39.25 -8.32 -9.53
C PRO C 301 -38.36 -7.12 -9.83
N ASP C 302 -37.67 -7.09 -10.97
CA ASP C 302 -36.67 -6.06 -11.27
C ASP C 302 -37.06 -5.38 -12.58
N PRO C 303 -38.12 -4.57 -12.59
CA PRO C 303 -38.58 -3.99 -13.86
C PRO C 303 -37.54 -3.16 -14.57
N GLU C 304 -36.66 -2.48 -13.83
CA GLU C 304 -35.66 -1.59 -14.42
C GLU C 304 -34.33 -2.27 -14.72
N SER C 305 -34.19 -3.56 -14.46
CA SER C 305 -32.90 -4.20 -14.72
C SER C 305 -32.59 -4.15 -16.20
N ARG C 306 -31.31 -3.92 -16.50
CA ARG C 306 -30.79 -4.01 -17.85
C ARG C 306 -29.71 -5.07 -17.95
N SER C 307 -29.56 -5.90 -16.93
CA SER C 307 -28.52 -6.89 -16.93
C SER C 307 -28.91 -8.05 -17.84
N SER C 308 -27.92 -8.91 -18.11
CA SER C 308 -28.10 -10.00 -19.05
C SER C 308 -28.72 -11.24 -18.41
N VAL C 309 -29.20 -11.13 -17.17
CA VAL C 309 -29.98 -12.20 -16.55
C VAL C 309 -31.27 -11.57 -16.03
N GLU C 310 -32.32 -12.39 -15.95
CA GLU C 310 -33.67 -11.91 -15.65
C GLU C 310 -34.31 -12.84 -14.62
N ARG C 311 -34.77 -12.28 -13.50
CA ARG C 311 -35.53 -13.02 -12.50
C ARG C 311 -37.01 -13.03 -12.86
N VAL C 312 -37.67 -14.17 -12.66
CA VAL C 312 -39.12 -14.30 -12.85
C VAL C 312 -39.69 -14.89 -11.56
N ALA C 313 -40.74 -14.27 -11.04
CA ALA C 313 -41.34 -14.71 -9.79
C ALA C 313 -42.72 -15.32 -10.06
N PHE C 314 -43.08 -16.29 -9.24
CA PHE C 314 -44.41 -16.86 -9.32
C PHE C 314 -44.99 -17.06 -7.93
N ALA C 315 -46.26 -16.71 -7.80
CA ALA C 315 -47.04 -17.17 -6.68
C ALA C 315 -47.62 -18.53 -7.05
N GLY C 316 -47.54 -19.47 -6.13
CA GLY C 316 -48.17 -20.77 -6.29
C GLY C 316 -47.23 -21.92 -6.51
N ARG C 317 -45.96 -21.65 -6.85
CA ARG C 317 -45.01 -22.74 -7.01
C ARG C 317 -43.62 -22.24 -6.71
N THR C 318 -42.74 -23.18 -6.39
CA THR C 318 -41.35 -22.86 -6.07
C THR C 318 -40.48 -22.89 -7.31
N GLY C 319 -39.43 -22.10 -7.29
CA GLY C 319 -38.49 -22.11 -8.40
C GLY C 319 -37.88 -23.47 -8.62
N THR C 320 -37.65 -24.21 -7.53
CA THR C 320 -37.13 -25.55 -7.66
C THR C 320 -38.09 -26.45 -8.44
N GLU C 321 -39.38 -26.39 -8.12
CA GLU C 321 -40.35 -27.21 -8.85
C GLU C 321 -40.38 -26.84 -10.33
N VAL C 322 -40.38 -25.54 -10.62
CA VAL C 322 -40.41 -25.08 -12.01
C VAL C 322 -39.15 -25.53 -12.75
N TRP C 323 -38.01 -25.39 -12.11
CA TRP C 323 -36.75 -25.83 -12.71
C TRP C 323 -36.77 -27.33 -12.99
N GLU C 324 -37.33 -28.13 -12.08
CA GLU C 324 -37.42 -29.56 -12.32
C GLU C 324 -38.32 -29.85 -13.52
N GLU C 325 -39.48 -29.20 -13.57
CA GLU C 325 -40.40 -29.45 -14.68
C GLU C 325 -39.76 -29.05 -16.00
N LEU C 326 -39.09 -27.90 -16.02
CA LEU C 326 -38.41 -27.45 -17.23
C LEU C 326 -37.39 -28.48 -17.72
N GLN C 327 -36.64 -29.08 -16.79
CA GLN C 327 -35.63 -30.07 -17.18
C GLN C 327 -36.27 -31.27 -17.87
N ARG C 328 -37.47 -31.66 -17.42
CA ARG C 328 -38.20 -32.72 -18.12
C ARG C 328 -38.41 -32.37 -19.58
N HIS C 329 -38.50 -31.08 -19.89
CA HIS C 329 -38.66 -30.64 -21.28
C HIS C 329 -37.35 -30.18 -21.88
N HIS C 330 -36.21 -30.50 -21.24
CA HIS C 330 -34.89 -30.27 -21.80
C HIS C 330 -34.55 -28.79 -21.86
N VAL C 331 -35.14 -28.00 -20.95
CA VAL C 331 -34.81 -26.58 -20.80
C VAL C 331 -34.15 -26.43 -19.44
N PHE C 332 -33.03 -25.70 -19.40
CA PHE C 332 -32.20 -25.58 -18.22
C PHE C 332 -32.07 -24.12 -17.83
N ALA C 333 -32.79 -23.74 -16.77
CA ALA C 333 -32.71 -22.42 -16.18
C ALA C 333 -32.09 -22.57 -14.80
N LEU C 334 -32.33 -21.60 -13.91
CA LEU C 334 -31.82 -21.69 -12.53
C LEU C 334 -32.89 -21.34 -11.52
N PRO C 335 -33.03 -22.12 -10.45
CA PRO C 335 -33.81 -21.63 -9.31
C PRO C 335 -33.00 -20.56 -8.60
N CYS C 336 -33.70 -19.70 -7.87
CA CYS C 336 -33.01 -18.56 -7.28
C CYS C 336 -32.56 -18.76 -5.84
N ARG C 337 -32.88 -19.90 -5.20
CA ARG C 337 -32.47 -20.10 -3.81
C ARG C 337 -30.99 -19.84 -3.61
N GLN C 338 -30.15 -20.31 -4.56
CA GLN C 338 -28.70 -20.28 -4.39
C GLN C 338 -28.17 -18.85 -4.24
N PHE C 339 -28.85 -17.87 -4.86
CA PHE C 339 -28.37 -16.48 -4.78
C PHE C 339 -28.62 -15.87 -3.41
N HIS C 340 -29.55 -16.42 -2.66
CA HIS C 340 -29.85 -15.93 -1.31
C HIS C 340 -29.03 -16.79 -0.34
N TRP C 341 -27.73 -16.49 -0.34
CA TRP C 341 -26.70 -17.31 0.29
C TRP C 341 -26.82 -17.31 1.81
N ALA C 342 -27.62 -16.44 2.39
CA ALA C 342 -27.86 -16.42 3.84
C ALA C 342 -29.27 -16.83 4.22
N GLU C 343 -30.22 -16.74 3.32
CA GLU C 343 -31.62 -17.03 3.61
C GLU C 343 -32.26 -17.55 2.34
N PRO C 344 -32.01 -18.82 2.01
CA PRO C 344 -32.42 -19.33 0.68
C PRO C 344 -33.91 -19.31 0.44
N SER C 345 -34.75 -19.40 1.48
CA SER C 345 -36.18 -19.34 1.25
C SER C 345 -36.62 -18.01 0.67
N ASP C 346 -35.80 -16.96 0.80
CA ASP C 346 -36.13 -15.69 0.15
C ASP C 346 -36.25 -15.83 -1.36
N GLY C 347 -35.55 -16.80 -1.96
CA GLY C 347 -35.59 -17.00 -3.39
C GLY C 347 -36.41 -18.20 -3.82
N ASP C 348 -37.24 -18.72 -2.93
CA ASP C 348 -37.95 -19.98 -3.20
C ASP C 348 -38.99 -19.85 -4.32
N HIS C 349 -39.40 -18.65 -4.69
CA HIS C 349 -40.49 -18.50 -5.65
C HIS C 349 -40.04 -17.77 -6.91
N MET C 350 -38.77 -17.91 -7.27
CA MET C 350 -38.25 -17.29 -8.48
C MET C 350 -37.32 -18.24 -9.21
N VAL C 351 -37.23 -18.03 -10.52
CA VAL C 351 -36.18 -18.60 -11.35
C VAL C 351 -35.42 -17.46 -12.02
N ARG C 352 -34.24 -17.80 -12.56
CA ARG C 352 -33.42 -16.86 -13.30
C ARG C 352 -33.16 -17.39 -14.71
N ILE C 353 -33.28 -16.48 -15.69
CA ILE C 353 -33.17 -16.79 -17.11
C ILE C 353 -32.00 -16.00 -17.67
N ALA C 354 -31.13 -16.68 -18.42
CA ALA C 354 -30.00 -16.02 -19.07
C ALA C 354 -30.45 -15.41 -20.38
N LEU C 355 -30.09 -14.14 -20.59
CA LEU C 355 -30.51 -13.43 -21.80
C LEU C 355 -29.42 -13.33 -22.85
N SER C 356 -28.14 -13.58 -22.53
CA SER C 356 -27.09 -13.50 -23.54
C SER C 356 -27.10 -14.80 -24.33
N ARG C 357 -28.11 -14.90 -25.20
CA ARG C 357 -28.43 -16.07 -26.00
C ARG C 357 -28.99 -15.59 -27.32
N SER C 358 -28.79 -16.38 -28.38
CA SER C 358 -29.49 -16.09 -29.62
C SER C 358 -31.00 -16.09 -29.36
N THR C 359 -31.71 -15.18 -30.04
CA THR C 359 -33.10 -14.95 -29.67
C THR C 359 -33.96 -16.18 -29.93
N GLU C 360 -33.67 -16.91 -31.01
CA GLU C 360 -34.51 -18.06 -31.36
C GLU C 360 -34.50 -19.14 -30.29
N PRO C 361 -33.36 -19.64 -29.83
CA PRO C 361 -33.40 -20.62 -28.73
C PRO C 361 -33.96 -20.06 -27.44
N LEU C 362 -33.70 -18.79 -27.15
CA LEU C 362 -34.32 -18.20 -25.96
C LEU C 362 -35.84 -18.21 -26.08
N GLU C 363 -36.36 -17.93 -27.26
CA GLU C 363 -37.80 -17.93 -27.46
C GLU C 363 -38.38 -19.31 -27.23
N LYS C 364 -37.76 -20.34 -27.80
CA LYS C 364 -38.23 -21.70 -27.56
C LYS C 364 -38.26 -22.01 -26.07
N SER C 365 -37.17 -21.65 -25.37
CA SER C 365 -37.07 -21.92 -23.94
C SER C 365 -38.21 -21.27 -23.19
N VAL C 366 -38.51 -20.02 -23.50
CA VAL C 366 -39.55 -19.28 -22.80
C VAL C 366 -40.92 -19.80 -23.17
N GLN C 367 -41.11 -20.26 -24.41
CA GLN C 367 -42.38 -20.88 -24.77
C GLN C 367 -42.64 -22.11 -23.92
N VAL C 368 -41.62 -22.93 -23.70
CA VAL C 368 -41.77 -24.09 -22.82
C VAL C 368 -42.13 -23.63 -21.42
N LEU C 369 -41.44 -22.61 -20.92
CA LEU C 369 -41.75 -22.11 -19.57
C LEU C 369 -43.18 -21.61 -19.48
N ARG C 370 -43.65 -20.84 -20.46
CA ARG C 370 -45.04 -20.37 -20.43
C ARG C 370 -46.01 -21.54 -20.36
N THR C 371 -45.78 -22.56 -21.20
CA THR C 371 -46.63 -23.75 -21.20
C THR C 371 -46.66 -24.40 -19.82
N VAL C 372 -45.49 -24.49 -19.18
CA VAL C 372 -45.37 -25.10 -17.85
C VAL C 372 -46.16 -24.30 -16.81
N LEU C 373 -46.01 -22.98 -16.82
CA LEU C 373 -46.70 -22.14 -15.85
C LEU C 373 -48.19 -22.05 -16.12
N GLU C 374 -48.62 -22.27 -17.36
CA GLU C 374 -50.04 -22.23 -17.69
C GLU C 374 -50.76 -23.48 -17.22
N THR C 375 -50.08 -24.63 -17.22
CA THR C 375 -50.64 -25.85 -16.65
C THR C 375 -50.40 -25.89 -15.14
N LEU D 23 16.61 -7.96 -23.93
CA LEU D 23 17.14 -9.33 -23.94
C LEU D 23 16.79 -10.12 -22.67
N ASN D 24 15.58 -10.64 -22.63
CA ASN D 24 15.07 -11.34 -21.46
C ASN D 24 15.44 -12.82 -21.55
N ILE D 25 16.25 -13.29 -20.60
CA ILE D 25 16.53 -14.73 -20.47
C ILE D 25 16.19 -15.16 -19.05
N ALA D 26 15.11 -14.57 -18.52
CA ALA D 26 14.70 -14.81 -17.13
C ALA D 26 13.50 -15.73 -17.06
N ASP D 27 12.35 -15.27 -17.57
CA ASP D 27 11.12 -16.03 -17.44
C ASP D 27 11.20 -17.34 -18.21
N GLY D 28 10.65 -18.40 -17.62
CA GLY D 28 10.76 -19.72 -18.22
C GLY D 28 9.84 -19.98 -19.41
N HIS D 29 8.82 -19.15 -19.63
CA HIS D 29 7.88 -19.44 -20.70
C HIS D 29 8.57 -19.34 -22.05
N ALA D 30 7.99 -19.99 -23.05
CA ALA D 30 8.64 -20.13 -24.35
C ALA D 30 8.36 -18.90 -25.21
N ARG D 31 9.42 -18.32 -25.78
CA ARG D 31 9.32 -17.12 -26.60
C ARG D 31 10.00 -17.27 -27.95
N GLN D 32 10.50 -18.46 -28.29
CA GLN D 32 11.06 -18.66 -29.60
C GLN D 32 9.97 -18.61 -30.66
N ALA D 33 10.39 -18.54 -31.92
CA ALA D 33 9.45 -18.49 -33.03
C ALA D 33 8.65 -19.78 -33.12
N LEU D 34 7.41 -19.66 -33.61
CA LEU D 34 6.65 -20.83 -33.98
C LEU D 34 7.37 -21.60 -35.08
N SER D 35 7.26 -22.93 -35.03
CA SER D 35 7.65 -23.73 -36.17
C SER D 35 6.65 -23.55 -37.30
N PRO D 36 7.03 -23.91 -38.54
CA PRO D 36 6.08 -23.84 -39.64
C PRO D 36 4.78 -24.59 -39.35
N GLY D 37 4.86 -25.77 -38.73
CA GLY D 37 3.64 -26.52 -38.43
C GLY D 37 2.79 -25.86 -37.36
N GLN D 38 3.44 -25.19 -36.40
CA GLN D 38 2.69 -24.47 -35.37
C GLN D 38 2.08 -23.20 -35.94
N GLN D 39 2.75 -22.57 -36.89
CA GLN D 39 2.14 -21.40 -37.53
C GLN D 39 0.90 -21.78 -38.30
N LYS D 40 0.87 -23.00 -38.88
CA LYS D 40 -0.33 -23.44 -39.59
C LYS D 40 -1.50 -23.55 -38.64
N ILE D 41 -1.26 -23.94 -37.38
CA ILE D 41 -2.33 -23.98 -36.39
C ILE D 41 -2.87 -22.58 -36.13
N VAL D 42 -1.97 -21.63 -35.90
CA VAL D 42 -2.36 -20.25 -35.65
C VAL D 42 -3.16 -19.69 -36.80
N ASN D 43 -2.74 -19.98 -38.04
CA ASN D 43 -3.48 -19.49 -39.19
C ASN D 43 -4.90 -20.03 -39.22
N GLU D 44 -5.16 -21.16 -38.55
CA GLU D 44 -6.47 -21.79 -38.50
C GLU D 44 -7.29 -21.40 -37.28
N LEU D 45 -6.84 -20.43 -36.49
CA LEU D 45 -7.61 -20.04 -35.32
C LEU D 45 -9.06 -19.70 -35.68
N PRO D 46 -9.37 -19.03 -36.78
CA PRO D 46 -10.79 -18.75 -37.03
C PRO D 46 -11.60 -20.02 -37.25
N VAL D 47 -10.99 -21.08 -37.78
CA VAL D 47 -11.65 -22.36 -37.94
C VAL D 47 -11.82 -23.05 -36.59
N LEU D 48 -10.78 -23.01 -35.75
CA LEU D 48 -10.89 -23.56 -34.40
C LEU D 48 -11.95 -22.85 -33.58
N TRP D 49 -12.09 -21.53 -33.76
CA TRP D 49 -13.17 -20.78 -33.11
C TRP D 49 -14.54 -21.31 -33.54
N ALA D 50 -14.75 -21.50 -34.84
CA ALA D 50 -16.03 -22.00 -35.30
C ALA D 50 -16.31 -23.37 -34.73
N GLU D 51 -15.30 -24.25 -34.72
CA GLU D 51 -15.46 -25.54 -34.05
C GLU D 51 -15.83 -25.37 -32.59
N SER D 52 -15.15 -24.46 -31.90
CA SER D 52 -15.41 -24.25 -30.48
C SER D 52 -16.80 -23.69 -30.23
N GLU D 53 -17.37 -22.98 -31.20
CA GLU D 53 -18.74 -22.50 -31.09
C GLU D 53 -19.75 -23.60 -31.27
N GLN D 54 -19.44 -24.59 -32.09
CA GLN D 54 -20.41 -25.58 -32.53
C GLN D 54 -20.39 -26.85 -31.71
N ARG D 55 -19.23 -27.29 -31.21
CA ARG D 55 -19.14 -28.58 -30.55
C ARG D 55 -19.29 -28.44 -29.04
N PRO D 56 -19.71 -29.49 -28.36
CA PRO D 56 -19.67 -29.49 -26.89
C PRO D 56 -18.23 -29.34 -26.40
N VAL D 57 -18.04 -28.49 -25.39
CA VAL D 57 -16.68 -28.26 -24.90
C VAL D 57 -16.11 -29.56 -24.33
N GLN D 58 -16.96 -30.42 -23.76
CA GLN D 58 -16.48 -31.66 -23.18
C GLN D 58 -15.78 -32.52 -24.23
N GLN D 59 -16.28 -32.51 -25.47
CA GLN D 59 -15.67 -33.30 -26.53
C GLN D 59 -14.30 -32.74 -26.89
N ILE D 60 -14.19 -31.42 -27.04
CA ILE D 60 -12.90 -30.82 -27.33
C ILE D 60 -11.94 -31.07 -26.19
N GLU D 61 -12.43 -30.96 -24.95
CA GLU D 61 -11.58 -31.16 -23.78
C GLU D 61 -11.04 -32.59 -23.75
N SER D 62 -11.90 -33.58 -23.97
N SER D 62 -11.91 -33.58 -23.96
CA SER D 62 -11.45 -34.96 -23.99
CA SER D 62 -11.46 -34.97 -24.00
C SER D 62 -10.39 -35.18 -25.06
C SER D 62 -10.39 -35.18 -25.06
N GLU D 63 -10.55 -34.56 -26.22
CA GLU D 63 -9.56 -34.72 -27.29
C GLU D 63 -8.24 -34.06 -26.94
N ALA D 64 -8.28 -32.86 -26.33
CA ALA D 64 -7.07 -32.18 -25.88
C ALA D 64 -6.33 -33.02 -24.86
N HIS D 65 -7.05 -33.56 -23.87
CA HIS D 65 -6.42 -34.40 -22.85
C HIS D 65 -5.80 -35.63 -23.50
N GLN D 66 -6.56 -36.33 -24.34
CA GLN D 66 -6.02 -37.52 -24.95
C GLN D 66 -4.75 -37.21 -25.73
N ALA D 67 -4.77 -36.13 -26.51
CA ALA D 67 -3.60 -35.81 -27.31
C ALA D 67 -2.39 -35.50 -26.44
N TYR D 68 -2.59 -34.73 -25.37
CA TYR D 68 -1.47 -34.29 -24.56
C TYR D 68 -0.92 -35.45 -23.73
N PHE D 69 -1.80 -36.18 -23.04
CA PHE D 69 -1.32 -37.27 -22.19
C PHE D 69 -0.65 -38.37 -23.03
N THR D 70 -1.23 -38.73 -24.18
CA THR D 70 -0.63 -39.81 -24.96
C THR D 70 0.69 -39.37 -25.58
N LEU D 71 0.76 -38.10 -26.03
CA LEU D 71 2.00 -37.55 -26.54
C LEU D 71 3.17 -37.80 -25.61
N LEU D 72 2.93 -37.69 -24.30
CA LEU D 72 3.98 -37.76 -23.30
C LEU D 72 3.99 -39.09 -22.53
N GLY D 73 3.35 -40.12 -23.08
CA GLY D 73 3.46 -41.46 -22.53
C GLY D 73 2.56 -41.77 -21.37
N GLN D 74 1.61 -40.89 -21.04
CA GLN D 74 0.80 -41.04 -19.83
C GLN D 74 -0.52 -41.75 -20.17
N HIS D 75 -0.37 -42.97 -20.74
CA HIS D 75 -1.51 -43.65 -21.32
C HIS D 75 -2.57 -44.03 -20.28
N GLY D 76 -2.14 -44.29 -19.04
CA GLY D 76 -3.03 -44.69 -17.96
C GLY D 76 -3.79 -43.58 -17.27
N TYR D 77 -3.74 -42.35 -17.78
CA TYR D 77 -4.45 -41.26 -17.14
C TYR D 77 -5.94 -41.59 -17.06
N PRO D 78 -6.61 -41.12 -15.99
CA PRO D 78 -8.05 -41.37 -15.86
C PRO D 78 -8.84 -40.55 -16.86
N ALA D 79 -9.43 -41.22 -17.85
CA ALA D 79 -10.06 -40.53 -18.97
C ALA D 79 -11.55 -40.27 -18.77
N GLU D 80 -12.12 -40.71 -17.67
CA GLU D 80 -13.54 -40.45 -17.41
C GLU D 80 -13.75 -38.95 -17.22
N PRO D 81 -14.86 -38.39 -17.69
CA PRO D 81 -15.11 -36.95 -17.47
C PRO D 81 -15.17 -36.59 -15.99
N GLY D 82 -14.50 -35.48 -15.64
CA GLY D 82 -14.41 -35.01 -14.28
C GLY D 82 -13.16 -35.43 -13.53
N ARG D 83 -12.38 -36.36 -14.08
CA ARG D 83 -11.18 -36.80 -13.37
C ARG D 83 -9.98 -35.91 -13.66
N VAL D 84 -9.97 -35.24 -14.82
CA VAL D 84 -8.94 -34.28 -15.16
C VAL D 84 -9.62 -32.92 -15.18
N LEU D 85 -9.23 -32.03 -14.26
CA LEU D 85 -9.83 -30.71 -14.12
C LEU D 85 -8.96 -29.70 -14.84
N SER D 86 -9.48 -29.09 -15.90
CA SER D 86 -8.69 -28.16 -16.69
C SER D 86 -8.76 -26.77 -16.04
N CYS D 87 -7.59 -26.21 -15.73
CA CYS D 87 -7.49 -24.95 -15.01
C CYS D 87 -6.80 -23.91 -15.89
N TYR D 88 -6.98 -22.64 -15.56
CA TYR D 88 -6.36 -21.59 -16.37
C TYR D 88 -4.85 -21.72 -16.42
N SER D 89 -4.25 -22.28 -15.38
CA SER D 89 -2.81 -22.40 -15.33
C SER D 89 -2.48 -23.43 -14.28
N SER D 90 -1.24 -23.88 -14.33
CA SER D 90 -0.75 -24.80 -13.30
C SER D 90 -0.69 -24.13 -11.93
N SER D 91 -0.39 -22.82 -11.87
CA SER D 91 -0.42 -22.17 -10.56
C SER D 91 -1.85 -22.03 -10.03
N VAL D 92 -2.86 -21.91 -10.90
CA VAL D 92 -4.24 -21.94 -10.42
C VAL D 92 -4.56 -23.32 -9.87
N SER D 93 -4.14 -24.38 -10.58
CA SER D 93 -4.26 -25.74 -10.04
C SER D 93 -3.60 -25.82 -8.67
N MET D 94 -2.41 -25.24 -8.53
CA MET D 94 -1.67 -25.31 -7.28
C MET D 94 -2.36 -24.54 -6.17
N GLU D 95 -3.00 -23.40 -6.49
CA GLU D 95 -3.79 -22.70 -5.47
C GLU D 95 -4.95 -23.57 -4.98
N ILE D 96 -5.65 -24.22 -5.93
CA ILE D 96 -6.73 -25.14 -5.57
C ILE D 96 -6.20 -26.23 -4.67
N LEU D 97 -5.06 -26.86 -5.05
CA LEU D 97 -4.48 -27.92 -4.25
C LEU D 97 -4.06 -27.43 -2.87
N ALA D 98 -3.42 -26.27 -2.82
CA ALA D 98 -2.95 -25.75 -1.54
C ALA D 98 -4.10 -25.45 -0.61
N ARG D 99 -5.13 -24.76 -1.11
CA ARG D 99 -6.26 -24.49 -0.23
C ARG D 99 -6.96 -25.80 0.17
N SER D 100 -7.02 -26.77 -0.75
CA SER D 100 -7.60 -28.08 -0.42
C SER D 100 -6.81 -28.81 0.66
N LEU D 101 -5.48 -28.78 0.56
CA LEU D 101 -4.64 -29.41 1.55
C LEU D 101 -4.88 -28.81 2.93
N SER D 102 -5.08 -27.49 2.99
CA SER D 102 -5.20 -26.80 4.26
C SER D 102 -6.41 -27.27 5.06
N ALA D 103 -7.36 -27.97 4.42
CA ALA D 103 -8.51 -28.51 5.14
C ALA D 103 -8.12 -29.59 6.14
N SER D 104 -7.01 -30.31 5.90
CA SER D 104 -6.69 -31.49 6.70
C SER D 104 -5.22 -31.71 6.92
N VAL D 105 -4.36 -30.86 6.38
CA VAL D 105 -2.91 -31.02 6.44
C VAL D 105 -2.31 -29.77 7.06
N ASP D 106 -1.32 -29.98 7.93
CA ASP D 106 -0.59 -28.89 8.58
C ASP D 106 0.78 -28.64 7.97
N ARG D 107 1.43 -29.68 7.47
CA ARG D 107 2.82 -29.61 7.05
C ARG D 107 3.01 -30.43 5.78
N VAL D 108 3.84 -29.93 4.87
CA VAL D 108 4.09 -30.53 3.56
C VAL D 108 5.60 -30.67 3.40
N ALA D 109 6.05 -31.84 2.94
CA ALA D 109 7.45 -32.06 2.57
C ALA D 109 7.59 -31.68 1.10
N LEU D 110 8.50 -30.76 0.79
CA LEU D 110 8.61 -30.18 -0.54
C LEU D 110 10.05 -30.22 -1.03
N VAL D 111 10.23 -30.68 -2.27
CA VAL D 111 11.57 -30.77 -2.82
C VAL D 111 12.23 -29.39 -2.81
N HIS D 112 13.53 -29.38 -2.56
CA HIS D 112 14.28 -28.12 -2.42
C HIS D 112 15.59 -28.30 -3.16
N PRO D 113 15.98 -27.38 -4.06
CA PRO D 113 15.25 -26.21 -4.52
C PRO D 113 14.08 -26.58 -5.40
N THR D 114 13.16 -25.65 -5.63
CA THR D 114 12.14 -25.85 -6.65
C THR D 114 11.56 -24.49 -7.03
N PHE D 115 10.61 -24.51 -7.96
CA PHE D 115 9.84 -23.36 -8.41
C PHE D 115 9.20 -22.73 -7.18
N ASP D 116 9.60 -21.50 -6.82
CA ASP D 116 9.24 -21.09 -5.47
C ASP D 116 7.77 -20.71 -5.34
N ASN D 117 7.03 -20.53 -6.46
CA ASN D 117 5.61 -20.26 -6.29
C ASN D 117 4.89 -21.40 -5.58
N ILE D 118 5.36 -22.64 -5.74
CA ILE D 118 4.76 -23.76 -5.03
C ILE D 118 4.84 -23.52 -3.52
N ALA D 119 6.05 -23.19 -3.03
CA ALA D 119 6.23 -22.87 -1.62
C ALA D 119 5.35 -21.70 -1.21
N ASP D 120 5.30 -20.66 -2.04
CA ASP D 120 4.53 -19.48 -1.66
C ASP D 120 3.03 -19.75 -1.61
N LEU D 121 2.51 -20.57 -2.53
CA LEU D 121 1.10 -20.93 -2.50
C LEU D 121 0.76 -21.84 -1.32
N LEU D 122 1.63 -22.81 -1.01
CA LEU D 122 1.44 -23.63 0.20
C LEU D 122 1.49 -22.77 1.46
N ARG D 123 2.56 -21.98 1.61
CA ARG D 123 2.68 -21.13 2.80
C ARG D 123 1.50 -20.19 2.93
N GLY D 124 1.06 -19.59 1.82
CA GLY D 124 -0.03 -18.62 1.85
C GLY D 124 -1.35 -19.22 2.28
N ASN D 125 -1.52 -20.53 2.06
CA ASN D 125 -2.71 -21.22 2.49
C ASN D 125 -2.51 -21.88 3.84
N GLY D 126 -1.47 -21.49 4.56
CA GLY D 126 -1.30 -21.86 5.94
C GLY D 126 -0.54 -23.14 6.19
N LEU D 127 0.11 -23.72 5.18
CA LEU D 127 0.88 -24.94 5.36
C LEU D 127 2.30 -24.64 5.80
N ASP D 128 2.79 -25.39 6.78
CA ASP D 128 4.19 -25.37 7.13
C ASP D 128 4.95 -26.26 6.16
N LEU D 129 6.21 -25.92 5.89
CA LEU D 129 6.98 -26.56 4.85
C LEU D 129 8.23 -27.20 5.45
N VAL D 130 8.55 -28.40 4.99
CA VAL D 130 9.76 -29.12 5.35
C VAL D 130 10.53 -29.37 4.06
N PRO D 131 11.76 -28.85 3.90
CA PRO D 131 12.51 -29.12 2.66
C PRO D 131 13.06 -30.53 2.61
N VAL D 132 13.01 -31.11 1.41
CA VAL D 132 13.67 -32.38 1.11
C VAL D 132 14.67 -32.12 0.00
N GLU D 133 15.96 -32.30 0.31
CA GLU D 133 16.96 -32.04 -0.71
C GLU D 133 16.89 -33.12 -1.78
N GLU D 134 17.42 -32.82 -2.97
CA GLU D 134 17.26 -33.76 -4.07
C GLU D 134 17.98 -35.07 -3.80
N ASP D 135 19.15 -35.04 -3.14
CA ASP D 135 19.86 -36.28 -2.90
C ASP D 135 19.04 -37.21 -2.01
N ALA D 136 18.35 -36.66 -1.01
CA ALA D 136 17.52 -37.50 -0.16
C ALA D 136 16.31 -38.02 -0.92
N LEU D 137 15.69 -37.16 -1.73
CA LEU D 137 14.46 -37.56 -2.42
C LEU D 137 14.73 -38.67 -3.42
N HIS D 138 15.79 -38.56 -4.19
CA HIS D 138 16.05 -39.53 -5.24
C HIS D 138 16.79 -40.77 -4.77
N GLY D 139 17.62 -40.62 -3.74
CA GLY D 139 18.59 -41.60 -3.39
C GLY D 139 18.15 -42.62 -2.36
N ALA D 140 17.16 -42.28 -1.54
CA ALA D 140 16.81 -43.14 -0.43
C ALA D 140 15.31 -43.00 -0.14
N ASP D 141 14.75 -44.05 0.47
CA ASP D 141 13.40 -43.91 1.02
C ASP D 141 13.37 -42.72 1.96
N LEU D 142 12.23 -42.04 1.97
CA LEU D 142 11.99 -41.00 2.97
C LEU D 142 11.90 -41.65 4.33
N SER D 143 12.40 -40.94 5.34
CA SER D 143 12.41 -41.51 6.67
C SER D 143 11.01 -41.61 7.24
N ALA D 144 10.84 -42.56 8.17
CA ALA D 144 9.57 -42.67 8.86
C ALA D 144 9.31 -41.43 9.70
N GLU D 145 10.37 -40.85 10.27
CA GLU D 145 10.21 -39.63 11.05
C GLU D 145 9.63 -38.51 10.18
N LEU D 146 10.17 -38.34 8.97
CA LEU D 146 9.65 -37.30 8.07
C LEU D 146 8.20 -37.57 7.70
N LEU D 147 7.91 -38.79 7.24
CA LEU D 147 6.56 -39.05 6.76
C LEU D 147 5.54 -38.98 7.87
N SER D 148 5.95 -39.31 9.09
CA SER D 148 5.05 -39.21 10.24
C SER D 148 4.78 -37.78 10.65
N SER D 149 5.43 -36.80 10.03
CA SER D 149 5.27 -35.41 10.42
C SER D 149 4.66 -34.55 9.33
N VAL D 150 4.34 -35.12 8.17
CA VAL D 150 3.76 -34.35 7.07
C VAL D 150 2.53 -35.08 6.55
N GLY D 151 1.62 -34.32 5.95
CA GLY D 151 0.44 -34.88 5.32
C GLY D 151 0.51 -35.02 3.83
N CYS D 152 1.58 -34.50 3.21
CA CYS D 152 1.74 -34.46 1.77
C CYS D 152 3.21 -34.37 1.50
N VAL D 153 3.65 -35.07 0.45
CA VAL D 153 4.98 -35.00 -0.12
C VAL D 153 4.77 -34.44 -1.53
N PHE D 154 5.50 -33.37 -1.87
CA PHE D 154 5.31 -32.65 -3.12
C PHE D 154 6.61 -32.67 -3.91
N VAL D 155 6.59 -33.23 -5.11
CA VAL D 155 7.76 -33.36 -5.96
C VAL D 155 7.49 -32.73 -7.31
N THR D 156 8.36 -31.82 -7.71
CA THR D 156 8.37 -31.28 -9.07
C THR D 156 9.28 -32.16 -9.90
N THR D 157 8.74 -32.74 -10.98
CA THR D 157 9.55 -33.62 -11.81
C THR D 157 9.12 -33.56 -13.27
N PRO D 158 10.04 -33.29 -14.22
CA PRO D 158 11.42 -32.84 -13.97
C PRO D 158 11.43 -31.57 -13.13
N ASN D 159 12.43 -31.46 -12.26
CA ASN D 159 12.44 -30.32 -11.37
C ASN D 159 12.82 -29.04 -12.11
N ASN D 160 12.27 -27.96 -11.61
CA ASN D 160 12.64 -26.60 -12.01
C ASN D 160 13.28 -26.02 -10.78
N PRO D 161 14.59 -25.71 -10.77
CA PRO D 161 15.44 -25.39 -11.92
C PRO D 161 16.46 -26.45 -12.34
N THR D 162 16.51 -27.58 -11.66
CA THR D 162 17.64 -28.50 -11.81
C THR D 162 17.50 -29.47 -12.97
N GLY D 163 16.28 -29.67 -13.49
CA GLY D 163 16.00 -30.67 -14.51
C GLY D 163 15.97 -32.10 -14.01
N ARG D 164 16.17 -32.35 -12.73
CA ARG D 164 16.31 -33.71 -12.22
C ARG D 164 14.98 -34.44 -12.36
N VAL D 165 15.02 -35.66 -12.88
CA VAL D 165 13.81 -36.45 -13.13
C VAL D 165 13.71 -37.55 -12.09
N LEU D 166 12.54 -37.65 -11.45
CA LEU D 166 12.22 -38.75 -10.55
C LEU D 166 12.03 -40.01 -11.37
N ALA D 167 12.94 -40.95 -11.20
CA ALA D 167 12.90 -42.20 -11.95
C ALA D 167 11.74 -43.08 -11.53
N GLU D 168 11.35 -43.98 -12.43
CA GLU D 168 10.17 -44.81 -12.20
C GLU D 168 10.32 -45.66 -10.92
N GLU D 169 11.50 -46.23 -10.70
CA GLU D 169 11.69 -47.08 -9.53
C GLU D 169 11.51 -46.28 -8.25
N ARG D 170 11.99 -45.03 -8.24
CA ARG D 170 11.86 -44.20 -7.04
C ARG D 170 10.43 -43.68 -6.89
N LEU D 171 9.77 -43.31 -8.00
CA LEU D 171 8.35 -42.95 -7.91
C LEU D 171 7.54 -44.10 -7.32
N ARG D 172 7.79 -45.32 -7.77
N ARG D 172 7.78 -45.33 -7.78
CA ARG D 172 7.04 -46.48 -7.26
CA ARG D 172 7.05 -46.48 -7.27
C ARG D 172 7.26 -46.64 -5.77
C ARG D 172 7.26 -46.64 -5.77
N ARG D 173 8.51 -46.53 -5.31
CA ARG D 173 8.80 -46.69 -3.89
C ARG D 173 8.19 -45.55 -3.08
N LEU D 174 8.31 -44.32 -3.57
CA LEU D 174 7.71 -43.18 -2.88
C LEU D 174 6.19 -43.29 -2.80
N ALA D 175 5.55 -43.73 -3.89
CA ALA D 175 4.10 -43.94 -3.88
C ALA D 175 3.72 -45.05 -2.91
N GLU D 176 4.53 -46.10 -2.84
CA GLU D 176 4.28 -47.17 -1.88
C GLU D 176 4.43 -46.66 -0.46
N GLN D 177 5.44 -45.83 -0.19
CA GLN D 177 5.61 -45.25 1.14
C GLN D 177 4.42 -44.38 1.52
N CYS D 178 3.97 -43.55 0.58
CA CYS D 178 2.86 -42.66 0.87
C CYS D 178 1.61 -43.46 1.15
N ALA D 179 1.41 -44.55 0.41
CA ALA D 179 0.25 -45.41 0.65
C ALA D 179 0.27 -45.96 2.06
N GLU D 180 1.43 -46.48 2.50
CA GLU D 180 1.53 -47.07 3.83
C GLU D 180 1.33 -46.05 4.93
N HIS D 181 1.80 -44.83 4.72
CA HIS D 181 1.75 -43.79 5.74
C HIS D 181 0.50 -42.94 5.70
N GLY D 182 -0.37 -43.09 4.69
CA GLY D 182 -1.58 -42.30 4.60
C GLY D 182 -1.36 -40.93 4.02
N THR D 183 -0.22 -40.71 3.37
CA THR D 183 0.25 -39.40 2.92
C THR D 183 -0.19 -39.13 1.50
N VAL D 184 -0.51 -37.85 1.20
CA VAL D 184 -0.76 -37.47 -0.19
C VAL D 184 0.56 -37.33 -0.93
N LEU D 185 0.64 -37.94 -2.10
CA LEU D 185 1.77 -37.71 -3.01
C LEU D 185 1.30 -36.77 -4.11
N ALA D 186 1.96 -35.62 -4.24
CA ALA D 186 1.59 -34.62 -5.23
C ALA D 186 2.77 -34.38 -6.15
N LEU D 187 2.54 -34.38 -7.47
CA LEU D 187 3.59 -34.16 -8.46
C LEU D 187 3.23 -32.94 -9.30
N ASP D 188 4.26 -32.11 -9.57
CA ASP D 188 4.16 -31.00 -10.52
C ASP D 188 5.03 -31.38 -11.72
N THR D 189 4.38 -31.60 -12.86
CA THR D 189 5.05 -32.19 -14.03
C THR D 189 5.05 -31.22 -15.22
N SER D 190 5.16 -29.92 -14.92
CA SER D 190 5.20 -28.87 -15.95
C SER D 190 6.28 -29.13 -17.01
N PHE D 191 7.45 -29.61 -16.60
CA PHE D 191 8.56 -29.81 -17.54
C PHE D 191 8.54 -31.18 -18.21
N ARG D 192 7.48 -31.95 -18.03
CA ARG D 192 7.47 -33.33 -18.54
C ARG D 192 7.87 -33.39 -20.00
N GLY D 193 7.29 -32.52 -20.82
CA GLY D 193 7.51 -32.65 -22.25
C GLY D 193 8.95 -32.52 -22.70
N PHE D 194 9.81 -31.88 -21.92
CA PHE D 194 11.20 -31.66 -22.34
C PHE D 194 12.09 -32.89 -22.20
N ASP D 195 11.74 -33.85 -21.35
CA ASP D 195 12.68 -34.92 -21.01
C ASP D 195 11.99 -36.27 -21.15
N ALA D 196 12.45 -37.07 -22.11
CA ALA D 196 11.82 -38.37 -22.33
C ALA D 196 11.99 -39.33 -21.16
N ALA D 197 12.93 -39.04 -20.25
CA ALA D 197 13.04 -39.84 -19.04
C ALA D 197 11.82 -39.68 -18.14
N ALA D 198 11.01 -38.65 -18.36
CA ALA D 198 9.79 -38.43 -17.62
C ALA D 198 8.57 -38.92 -18.38
N HIS D 199 8.76 -39.70 -19.46
CA HIS D 199 7.63 -40.17 -20.25
C HIS D 199 7.24 -41.61 -19.95
N TYR D 200 7.82 -42.24 -18.95
CA TYR D 200 7.21 -43.46 -18.48
C TYR D 200 5.87 -43.10 -17.86
N ASP D 201 4.95 -44.06 -17.81
CA ASP D 201 3.56 -43.79 -17.41
C ASP D 201 3.48 -43.62 -15.90
N HIS D 202 3.37 -42.37 -15.45
CA HIS D 202 3.27 -42.05 -14.02
C HIS D 202 1.94 -42.50 -13.42
N TYR D 203 0.87 -42.45 -14.20
CA TYR D 203 -0.44 -42.81 -13.70
C TYR D 203 -0.53 -44.30 -13.44
N ALA D 204 0.11 -45.10 -14.28
CA ALA D 204 0.16 -46.53 -14.01
C ALA D 204 0.85 -46.80 -12.68
N VAL D 205 1.99 -46.16 -12.44
CA VAL D 205 2.71 -46.33 -11.18
C VAL D 205 1.84 -45.91 -9.99
N LEU D 206 1.24 -44.72 -10.08
CA LEU D 206 0.43 -44.21 -8.96
C LEU D 206 -0.78 -45.08 -8.70
N GLN D 207 -1.47 -45.52 -9.75
CA GLN D 207 -2.66 -46.32 -9.57
C GLN D 207 -2.32 -47.71 -9.05
N GLU D 208 -1.17 -48.26 -9.45
CA GLU D 208 -0.76 -49.57 -8.95
C GLU D 208 -0.36 -49.50 -7.47
N ALA D 209 0.29 -48.41 -7.06
CA ALA D 209 0.67 -48.26 -5.65
C ALA D 209 -0.54 -47.99 -4.77
N GLY D 210 -1.54 -47.28 -5.31
CA GLY D 210 -2.76 -47.06 -4.56
C GLY D 210 -2.66 -46.04 -3.46
N CYS D 211 -1.69 -45.13 -3.53
CA CYS D 211 -1.64 -44.03 -2.58
C CYS D 211 -2.64 -42.95 -2.99
N ARG D 212 -2.89 -42.04 -2.07
CA ARG D 212 -3.62 -40.82 -2.41
C ARG D 212 -2.69 -39.96 -3.23
N TRP D 213 -3.12 -39.52 -4.42
CA TRP D 213 -2.20 -38.79 -5.28
C TRP D 213 -2.90 -37.68 -6.04
N VAL D 214 -2.10 -36.69 -6.42
CA VAL D 214 -2.52 -35.60 -7.28
C VAL D 214 -1.35 -35.30 -8.20
N VAL D 215 -1.64 -35.07 -9.48
CA VAL D 215 -0.63 -34.64 -10.43
C VAL D 215 -1.15 -33.36 -11.07
N ILE D 216 -0.28 -32.33 -11.17
CA ILE D 216 -0.61 -31.13 -11.90
C ILE D 216 0.25 -31.11 -13.16
N GLU D 217 -0.36 -31.41 -14.30
CA GLU D 217 0.29 -31.24 -15.58
C GLU D 217 0.14 -29.78 -16.01
N ASP D 218 1.01 -29.36 -16.95
CA ASP D 218 1.00 -27.98 -17.42
C ASP D 218 1.36 -28.02 -18.88
N THR D 219 0.57 -27.36 -19.73
CA THR D 219 0.97 -27.22 -21.14
C THR D 219 1.76 -25.95 -21.39
N GLY D 220 1.88 -25.08 -20.40
CA GLY D 220 2.33 -23.71 -20.62
C GLY D 220 3.81 -23.47 -20.86
N1 LLP D 221 5.19 -25.42 -12.08
C2 LLP D 221 6.43 -25.31 -12.61
C2' LLP D 221 7.49 -26.23 -12.07
C3 LLP D 221 6.78 -24.34 -13.58
O3 LLP D 221 8.06 -24.31 -14.02
C4 LLP D 221 5.78 -23.48 -14.09
C4' LLP D 221 6.10 -22.49 -15.11
C5 LLP D 221 4.49 -23.63 -13.52
C6 LLP D 221 4.25 -24.60 -12.57
C5' LLP D 221 3.26 -22.87 -13.94
OP4 LLP D 221 3.50 -21.54 -14.07
P LLP D 221 2.31 -20.56 -14.55
OP1 LLP D 221 2.98 -19.24 -14.44
OP2 LLP D 221 1.10 -20.78 -13.58
OP3 LLP D 221 1.87 -20.90 -16.02
N LLP D 221 4.69 -24.40 -20.50
CA LLP D 221 6.11 -24.16 -20.69
CB LLP D 221 6.94 -24.78 -19.58
CG LLP D 221 6.76 -24.06 -18.26
CD LLP D 221 7.62 -22.81 -18.20
CE LLP D 221 7.29 -21.88 -17.02
NZ LLP D 221 7.20 -22.59 -15.78
C LLP D 221 6.65 -24.71 -22.00
O LLP D 221 7.89 -24.32 -22.39
H2'1 LLP D 221 7.56 -26.09 -10.96
H2'2 LLP D 221 8.47 -25.96 -12.52
H2'3 LLP D 221 7.27 -27.31 -12.29
H4'1 LLP D 221 5.20 -21.92 -15.47
H6 LLP D 221 3.22 -24.72 -12.16
H5'1 LLP D 221 2.50 -22.95 -13.12
H5'2 LLP D 221 2.81 -23.25 -14.90
HA LLP D 221 6.27 -23.04 -20.70
HB2 LLP D 221 8.02 -24.77 -19.86
HB3 LLP D 221 6.63 -25.86 -19.48
HG2 LLP D 221 7.01 -24.75 -17.41
HG3 LLP D 221 5.67 -23.77 -18.13
HD2 LLP D 221 7.52 -22.25 -19.16
HD3 LLP D 221 8.70 -23.13 -18.12
HE2 LLP D 221 6.35 -21.31 -17.29
HE3 LLP D 221 8.13 -21.14 -16.91
N LEU D 222 5.89 -25.55 -22.65
CA LEU D 222 6.41 -26.36 -23.73
C LEU D 222 6.54 -25.61 -25.06
N TRP D 223 5.49 -24.86 -25.40
CA TRP D 223 5.37 -24.25 -26.71
C TRP D 223 5.16 -22.74 -26.60
N PRO D 224 5.56 -21.99 -27.60
CA PRO D 224 5.32 -20.52 -27.61
C PRO D 224 3.90 -20.14 -28.01
N THR D 225 2.98 -20.33 -27.07
CA THR D 225 1.57 -20.09 -27.30
C THR D 225 1.07 -18.81 -26.64
N LEU D 226 1.97 -17.84 -26.44
CA LEU D 226 1.58 -16.54 -25.88
C LEU D 226 0.86 -16.75 -24.56
N ASP D 227 1.28 -17.75 -23.80
CA ASP D 227 0.70 -18.03 -22.48
C ASP D 227 -0.76 -18.48 -22.53
N LEU D 228 -1.20 -18.95 -23.68
CA LEU D 228 -2.44 -19.71 -23.81
C LEU D 228 -2.15 -21.15 -23.44
N LYS D 229 -2.77 -21.64 -22.38
CA LYS D 229 -2.29 -22.84 -21.72
C LYS D 229 -3.40 -23.36 -20.80
N ALA D 230 -3.17 -24.54 -20.25
CA ALA D 230 -3.98 -25.02 -19.15
C ALA D 230 -3.10 -25.79 -18.17
N GLY D 231 -3.46 -25.67 -16.89
CA GLY D 231 -3.02 -26.65 -15.91
C GLY D 231 -4.05 -27.76 -15.87
N LEU D 232 -3.59 -28.99 -15.71
CA LEU D 232 -4.47 -30.14 -15.64
C LEU D 232 -4.31 -30.79 -14.27
N LEU D 233 -5.34 -30.68 -13.44
CA LEU D 233 -5.32 -31.18 -12.08
C LEU D 233 -5.96 -32.55 -12.08
N VAL D 234 -5.15 -33.59 -11.83
CA VAL D 234 -5.57 -34.98 -11.87
C VAL D 234 -5.41 -35.56 -10.48
N PHE D 235 -6.41 -36.32 -10.02
CA PHE D 235 -6.35 -36.78 -8.64
C PHE D 235 -6.95 -38.18 -8.54
N SER D 236 -6.45 -38.92 -7.56
CA SER D 236 -6.99 -40.22 -7.26
C SER D 236 -8.41 -40.12 -6.73
N GLU D 237 -9.19 -41.18 -6.94
CA GLU D 237 -10.57 -41.17 -6.49
C GLU D 237 -10.67 -41.03 -4.98
N ASP D 238 -9.67 -41.54 -4.25
CA ASP D 238 -9.63 -41.48 -2.80
C ASP D 238 -8.75 -40.35 -2.27
N ILE D 239 -8.57 -39.29 -3.06
CA ILE D 239 -7.66 -38.22 -2.67
C ILE D 239 -8.03 -37.66 -1.29
N GLY D 240 -9.34 -37.56 -1.00
CA GLY D 240 -9.72 -37.16 0.35
C GLY D 240 -9.41 -35.72 0.68
N LEU D 241 -9.38 -34.87 -0.33
CA LEU D 241 -9.20 -33.43 -0.24
C LEU D 241 -10.28 -32.79 -1.10
N PRO D 242 -10.77 -31.57 -0.74
CA PRO D 242 -11.90 -30.98 -1.47
C PRO D 242 -11.51 -30.29 -2.78
N VAL D 243 -10.70 -30.96 -3.60
CA VAL D 243 -10.18 -30.30 -4.80
C VAL D 243 -11.31 -30.01 -5.79
N GLU D 244 -12.26 -30.93 -5.94
CA GLU D 244 -13.34 -30.69 -6.91
C GLU D 244 -14.20 -29.49 -6.50
N LYS D 245 -14.54 -29.39 -5.21
CA LYS D 245 -15.38 -28.31 -4.75
C LYS D 245 -14.66 -26.98 -4.89
N ILE D 246 -13.39 -26.93 -4.50
CA ILE D 246 -12.68 -25.65 -4.59
C ILE D 246 -12.42 -25.28 -6.04
N TYR D 247 -12.12 -26.26 -6.88
CA TYR D 247 -12.02 -25.99 -8.32
C TYR D 247 -13.27 -25.28 -8.80
N SER D 248 -14.45 -25.81 -8.46
CA SER D 248 -15.69 -25.25 -8.98
C SER D 248 -15.99 -23.87 -8.41
N ASP D 249 -15.36 -23.49 -7.30
CA ASP D 249 -15.51 -22.14 -6.79
C ASP D 249 -14.68 -21.15 -7.61
N ILE D 250 -13.65 -21.61 -8.30
CA ILE D 250 -12.78 -20.72 -9.06
C ILE D 250 -13.14 -20.68 -10.54
N LEU D 251 -13.48 -21.83 -11.14
CA LEU D 251 -13.89 -21.83 -12.54
C LEU D 251 -14.68 -23.09 -12.85
N LEU D 252 -15.37 -23.06 -13.98
CA LEU D 252 -16.07 -24.26 -14.45
C LEU D 252 -15.35 -24.95 -15.59
N GLY D 253 -14.42 -24.26 -16.22
CA GLY D 253 -13.62 -24.87 -17.26
C GLY D 253 -12.85 -23.78 -17.96
N VAL D 254 -12.00 -24.21 -18.89
CA VAL D 254 -11.19 -23.30 -19.66
C VAL D 254 -11.81 -23.14 -21.04
N SER D 255 -11.36 -22.12 -21.76
CA SER D 255 -11.93 -21.82 -23.07
C SER D 255 -11.81 -23.03 -24.00
N PRO D 256 -12.87 -23.37 -24.75
CA PRO D 256 -12.70 -24.43 -25.76
C PRO D 256 -11.67 -24.08 -26.80
N LEU D 257 -11.42 -22.78 -27.03
CA LEU D 257 -10.42 -22.43 -28.04
C LEU D 257 -9.02 -22.80 -27.55
N ILE D 258 -8.76 -22.63 -26.25
CA ILE D 258 -7.46 -23.00 -25.72
C ILE D 258 -7.30 -24.51 -25.72
N LEU D 259 -8.37 -25.23 -25.39
CA LEU D 259 -8.34 -26.69 -25.44
C LEU D 259 -8.10 -27.16 -26.87
N ALA D 260 -8.74 -26.51 -27.85
CA ALA D 260 -8.52 -26.88 -29.25
C ALA D 260 -7.07 -26.63 -29.63
N LEU D 261 -6.51 -25.50 -29.18
CA LEU D 261 -5.11 -25.20 -29.45
C LEU D 261 -4.19 -26.24 -28.82
N ILE D 262 -4.47 -26.65 -27.58
CA ILE D 262 -3.65 -27.68 -26.94
C ILE D 262 -3.73 -28.98 -27.74
N ARG D 263 -4.93 -29.33 -28.18
CA ARG D 263 -5.08 -30.53 -29.01
C ARG D 263 -4.22 -30.43 -30.27
N GLU D 264 -4.29 -29.31 -30.98
CA GLU D 264 -3.56 -29.19 -32.23
C GLU D 264 -2.05 -29.13 -32.00
N PHE D 265 -1.59 -28.40 -30.98
CA PHE D 265 -0.15 -28.35 -30.70
C PHE D 265 0.38 -29.72 -30.26
N SER D 266 -0.41 -30.47 -29.48
CA SER D 266 0.00 -31.81 -29.08
C SER D 266 0.12 -32.73 -30.29
N ARG D 267 -0.81 -32.59 -31.25
CA ARG D 267 -0.78 -33.44 -32.43
C ARG D 267 0.39 -33.10 -33.32
N ASP D 268 0.69 -31.81 -33.48
CA ASP D 268 1.87 -31.41 -34.20
C ASP D 268 3.13 -31.95 -33.52
N ALA D 269 3.12 -31.94 -32.19
CA ALA D 269 4.26 -32.44 -31.44
C ALA D 269 4.44 -33.94 -31.66
N ALA D 270 3.34 -34.70 -31.70
CA ALA D 270 3.41 -36.13 -31.94
C ALA D 270 3.91 -36.46 -33.34
N ASP D 271 3.63 -35.59 -34.30
CA ASP D 271 4.01 -35.82 -35.70
C ASP D 271 5.44 -35.40 -36.00
N GLY D 272 6.24 -35.15 -34.97
CA GLY D 272 7.64 -34.75 -35.13
C GLY D 272 8.00 -33.46 -34.43
N GLY D 273 7.04 -32.66 -33.98
CA GLY D 273 7.38 -31.40 -33.34
C GLY D 273 8.11 -31.57 -32.01
N LEU D 274 7.81 -32.66 -31.28
CA LEU D 274 8.46 -32.81 -29.98
C LEU D 274 9.94 -33.14 -30.17
N ALA D 275 10.27 -33.99 -31.13
CA ALA D 275 11.68 -34.25 -31.39
C ALA D 275 12.39 -32.98 -31.81
N ASP D 276 11.71 -32.14 -32.60
CA ASP D 276 12.32 -30.89 -33.06
C ASP D 276 12.55 -29.95 -31.88
N LEU D 277 11.62 -29.92 -30.92
CA LEU D 277 11.78 -29.12 -29.71
C LEU D 277 12.97 -29.62 -28.88
N HIS D 278 13.08 -30.93 -28.69
CA HIS D 278 14.20 -31.48 -27.95
C HIS D 278 15.52 -31.07 -28.59
N ALA D 279 15.59 -31.15 -29.93
CA ALA D 279 16.82 -30.77 -30.63
C ALA D 279 17.10 -29.28 -30.46
N PHE D 280 16.05 -28.46 -30.47
CA PHE D 280 16.19 -27.02 -30.30
C PHE D 280 16.72 -26.66 -28.92
N ILE D 281 16.12 -27.22 -27.87
CA ILE D 281 16.59 -26.96 -26.52
C ILE D 281 18.03 -27.46 -26.34
N LEU D 282 18.34 -28.62 -26.90
CA LEU D 282 19.70 -29.13 -26.80
C LEU D 282 20.68 -28.19 -27.48
N HIS D 283 20.32 -27.68 -28.65
CA HIS D 283 21.15 -26.69 -29.34
C HIS D 283 21.40 -25.46 -28.46
N ASN D 284 20.34 -24.93 -27.87
CA ASN D 284 20.47 -23.71 -27.07
C ASN D 284 21.27 -23.98 -25.80
N ARG D 285 21.07 -25.11 -25.16
CA ARG D 285 21.93 -25.49 -24.05
C ARG D 285 23.40 -25.53 -24.46
N SER D 286 23.69 -26.08 -25.64
CA SER D 286 25.07 -26.17 -26.11
C SER D 286 25.64 -24.77 -26.39
N VAL D 287 24.81 -23.88 -26.95
CA VAL D 287 25.20 -22.49 -27.17
C VAL D 287 25.67 -21.85 -25.87
N VAL D 288 24.87 -22.01 -24.81
CA VAL D 288 25.19 -21.40 -23.52
C VAL D 288 26.50 -21.95 -22.98
N ARG D 289 26.64 -23.28 -22.96
CA ARG D 289 27.83 -23.86 -22.36
C ARG D 289 29.07 -23.53 -23.17
N ARG D 290 28.93 -23.48 -24.49
CA ARG D 290 30.06 -23.12 -25.33
C ARG D 290 30.49 -21.68 -25.06
N ALA D 291 29.53 -20.78 -24.87
CA ALA D 291 29.86 -19.38 -24.66
C ALA D 291 30.53 -19.15 -23.31
N LEU D 292 30.15 -19.92 -22.29
CA LEU D 292 30.67 -19.70 -20.94
C LEU D 292 31.77 -20.69 -20.59
N ALA D 293 32.15 -21.52 -21.54
CA ALA D 293 33.14 -22.57 -21.41
C ALA D 293 34.40 -22.22 -20.61
N GLY D 294 35.23 -21.36 -21.19
CA GLY D 294 36.55 -21.13 -20.67
C GLY D 294 36.60 -19.98 -19.69
N VAL D 295 35.44 -19.54 -19.19
CA VAL D 295 35.44 -18.53 -18.15
C VAL D 295 35.88 -19.18 -16.85
N GLU D 296 36.95 -18.67 -16.26
CA GLU D 296 37.46 -19.26 -15.03
C GLU D 296 36.41 -19.16 -13.94
N GLY D 297 36.28 -20.24 -13.17
CA GLY D 297 35.34 -20.30 -12.08
C GLY D 297 33.92 -20.70 -12.44
N VAL D 298 33.61 -20.87 -13.74
CA VAL D 298 32.25 -21.20 -14.17
C VAL D 298 32.09 -22.71 -14.23
N SER D 299 30.93 -23.20 -13.82
CA SER D 299 30.58 -24.60 -13.95
C SER D 299 29.08 -24.74 -14.17
N PHE D 300 28.66 -25.93 -14.58
CA PHE D 300 27.27 -26.19 -14.88
C PHE D 300 26.76 -27.25 -13.92
N PRO D 301 25.95 -26.88 -12.93
CA PRO D 301 25.59 -27.84 -11.88
C PRO D 301 24.73 -29.01 -12.33
N ASP D 302 24.04 -28.92 -13.47
CA ASP D 302 23.13 -29.97 -13.93
C ASP D 302 23.57 -30.49 -15.29
N PRO D 303 24.65 -31.27 -15.35
CA PRO D 303 25.25 -31.64 -16.65
C PRO D 303 24.30 -32.38 -17.57
N GLU D 304 23.38 -33.17 -17.02
CA GLU D 304 22.46 -33.98 -17.81
C GLU D 304 21.07 -33.36 -17.98
N SER D 305 20.83 -32.14 -17.51
CA SER D 305 19.48 -31.60 -17.64
C SER D 305 19.07 -31.51 -19.11
N ARG D 306 17.79 -31.79 -19.38
CA ARG D 306 17.19 -31.49 -20.68
C ARG D 306 16.10 -30.43 -20.59
N SER D 307 15.98 -29.78 -19.43
CA SER D 307 14.87 -28.86 -19.29
C SER D 307 15.18 -27.54 -19.99
N SER D 308 14.18 -26.68 -20.05
CA SER D 308 14.29 -25.46 -20.84
C SER D 308 14.89 -24.30 -20.06
N VAL D 309 15.40 -24.55 -18.87
CA VAL D 309 16.15 -23.57 -18.11
C VAL D 309 17.49 -24.20 -17.73
N GLU D 310 18.49 -23.34 -17.57
CA GLU D 310 19.85 -23.78 -17.34
C GLU D 310 20.47 -23.01 -16.18
N ARG D 311 20.98 -23.74 -15.19
CA ARG D 311 21.75 -23.14 -14.11
C ARG D 311 23.21 -23.00 -14.48
N VAL D 312 23.81 -21.87 -14.09
CA VAL D 312 25.22 -21.61 -14.28
C VAL D 312 25.79 -21.17 -12.93
N ALA D 313 26.87 -21.80 -12.51
CA ALA D 313 27.52 -21.48 -11.24
C ALA D 313 28.82 -20.73 -11.50
N PHE D 314 29.23 -19.92 -10.52
CA PHE D 314 30.45 -19.14 -10.67
C PHE D 314 31.04 -18.90 -9.29
N ALA D 315 32.28 -18.40 -9.26
CA ALA D 315 32.99 -18.14 -8.01
C ALA D 315 33.22 -16.64 -7.84
N GLY D 316 33.37 -16.23 -6.57
CA GLY D 316 33.76 -14.87 -6.23
C GLY D 316 32.73 -13.80 -6.50
N ARG D 317 31.50 -14.18 -6.85
CA ARG D 317 30.43 -13.24 -7.14
C ARG D 317 29.15 -13.93 -6.69
N THR D 318 28.17 -13.15 -6.21
CA THR D 318 26.85 -13.73 -5.98
C THR D 318 26.00 -13.61 -7.24
N GLY D 319 24.98 -14.45 -7.34
CA GLY D 319 24.02 -14.33 -8.43
C GLY D 319 23.28 -13.02 -8.42
N THR D 320 23.09 -12.44 -7.24
CA THR D 320 22.49 -11.12 -7.17
C THR D 320 23.40 -10.09 -7.84
N GLU D 321 24.70 -10.15 -7.52
CA GLU D 321 25.66 -9.23 -8.12
C GLU D 321 25.74 -9.42 -9.64
N VAL D 322 25.64 -10.66 -10.11
CA VAL D 322 25.64 -10.92 -11.55
C VAL D 322 24.37 -10.35 -12.17
N TRP D 323 23.23 -10.58 -11.52
CA TRP D 323 21.97 -10.01 -11.99
C TRP D 323 22.04 -8.50 -12.07
N GLU D 324 22.58 -7.85 -11.02
CA GLU D 324 22.74 -6.40 -11.03
C GLU D 324 23.52 -5.93 -12.25
N GLU D 325 24.68 -6.54 -12.51
CA GLU D 325 25.54 -6.00 -13.56
C GLU D 325 24.95 -6.29 -14.93
N LEU D 326 24.33 -7.46 -15.07
CA LEU D 326 23.69 -7.84 -16.34
C LEU D 326 22.62 -6.83 -16.74
N GLN D 327 21.84 -6.35 -15.77
CA GLN D 327 20.74 -5.44 -16.08
C GLN D 327 21.22 -4.15 -16.69
N ARG D 328 22.41 -3.68 -16.31
CA ARG D 328 22.96 -2.46 -16.89
C ARG D 328 23.12 -2.60 -18.39
N HIS D 329 23.45 -3.80 -18.85
CA HIS D 329 23.50 -4.13 -20.27
C HIS D 329 22.14 -4.52 -20.81
N HIS D 330 21.07 -4.30 -20.03
CA HIS D 330 19.71 -4.64 -20.43
C HIS D 330 19.55 -6.13 -20.73
N VAL D 331 20.31 -6.95 -20.01
CA VAL D 331 20.13 -8.41 -20.03
C VAL D 331 19.52 -8.82 -18.70
N PHE D 332 18.47 -9.63 -18.76
CA PHE D 332 17.68 -9.98 -17.59
C PHE D 332 17.72 -11.50 -17.43
N ALA D 333 18.44 -11.96 -16.40
CA ALA D 333 18.48 -13.36 -15.97
C ALA D 333 17.98 -13.42 -14.52
N LEU D 334 17.95 -14.62 -13.94
CA LEU D 334 17.44 -14.75 -12.58
C LEU D 334 18.53 -15.20 -11.63
N PRO D 335 18.72 -14.55 -10.50
CA PRO D 335 19.50 -15.17 -9.44
C PRO D 335 18.82 -16.44 -8.99
N CYS D 336 19.62 -17.40 -8.54
CA CYS D 336 19.06 -18.67 -8.10
C CYS D 336 18.56 -18.66 -6.64
N ARG D 337 18.83 -17.61 -5.86
CA ARG D 337 18.39 -17.58 -4.46
C ARG D 337 16.94 -18.03 -4.32
N GLN D 338 16.05 -17.48 -5.16
CA GLN D 338 14.62 -17.69 -4.95
C GLN D 338 14.22 -19.15 -5.01
N PHE D 339 14.94 -19.99 -5.77
CA PHE D 339 14.54 -21.39 -5.90
C PHE D 339 14.89 -22.17 -4.65
N HIS D 340 15.82 -21.66 -3.84
CA HIS D 340 16.20 -22.32 -2.60
C HIS D 340 15.35 -21.71 -1.50
N TRP D 341 14.08 -22.08 -1.56
CA TRP D 341 13.01 -21.43 -0.80
C TRP D 341 13.14 -21.64 0.70
N ALA D 342 13.96 -22.59 1.15
CA ALA D 342 14.20 -22.84 2.57
C ALA D 342 15.54 -22.33 3.05
N GLU D 343 16.53 -22.26 2.17
CA GLU D 343 17.86 -21.81 2.55
C GLU D 343 18.45 -21.06 1.37
N PRO D 344 18.08 -19.79 1.21
CA PRO D 344 18.40 -19.08 -0.04
C PRO D 344 19.87 -18.97 -0.32
N SER D 345 20.72 -18.92 0.71
CA SER D 345 22.14 -18.82 0.46
C SER D 345 22.67 -20.02 -0.33
N ASP D 346 21.97 -21.16 -0.32
CA ASP D 346 22.37 -22.29 -1.15
C ASP D 346 22.46 -21.92 -2.63
N GLY D 347 21.68 -20.94 -3.07
CA GLY D 347 21.65 -20.49 -4.45
C GLY D 347 22.48 -19.26 -4.74
N ASP D 348 23.30 -18.80 -3.80
CA ASP D 348 23.97 -17.50 -3.94
C ASP D 348 25.00 -17.46 -5.05
N HIS D 349 25.49 -18.58 -5.56
CA HIS D 349 26.54 -18.53 -6.56
C HIS D 349 26.09 -19.12 -7.89
N MET D 350 24.81 -18.96 -8.21
CA MET D 350 24.26 -19.42 -9.47
C MET D 350 23.25 -18.40 -10.00
N VAL D 351 23.11 -18.39 -11.32
CA VAL D 351 22.01 -17.74 -12.00
C VAL D 351 21.33 -18.79 -12.87
N ARG D 352 20.09 -18.51 -13.28
CA ARG D 352 19.33 -19.37 -14.18
C ARG D 352 19.05 -18.63 -15.48
N ILE D 353 19.19 -19.35 -16.60
CA ILE D 353 19.06 -18.79 -17.94
C ILE D 353 17.92 -19.52 -18.65
N ALA D 354 17.01 -18.76 -19.27
CA ALA D 354 15.90 -19.37 -20.01
C ALA D 354 16.38 -19.78 -21.41
N LEU D 355 16.08 -21.02 -21.80
CA LEU D 355 16.52 -21.54 -23.10
C LEU D 355 15.42 -21.51 -24.16
N SER D 356 14.16 -21.37 -23.76
CA SER D 356 13.06 -21.30 -24.71
C SER D 356 13.04 -19.89 -25.28
N ARG D 357 14.03 -19.64 -26.14
CA ARG D 357 14.31 -18.34 -26.73
C ARG D 357 14.87 -18.59 -28.13
N SER D 358 14.64 -17.64 -29.03
CA SER D 358 15.32 -17.70 -30.31
C SER D 358 16.82 -17.68 -30.07
N THR D 359 17.56 -18.47 -30.86
CA THR D 359 18.96 -18.70 -30.55
C THR D 359 19.78 -17.41 -30.62
N GLU D 360 19.50 -16.53 -31.61
CA GLU D 360 20.25 -15.27 -31.73
C GLU D 360 20.21 -14.40 -30.48
N PRO D 361 19.06 -13.96 -29.99
CA PRO D 361 19.08 -13.16 -28.76
C PRO D 361 19.65 -13.93 -27.58
N LEU D 362 19.46 -15.26 -27.54
CA LEU D 362 20.05 -16.05 -26.47
C LEU D 362 21.58 -15.93 -26.49
N GLU D 363 22.19 -16.13 -27.66
CA GLU D 363 23.63 -16.04 -27.75
C GLU D 363 24.13 -14.64 -27.39
N LYS D 364 23.43 -13.61 -27.88
CA LYS D 364 23.77 -12.24 -27.52
C LYS D 364 23.78 -12.07 -26.00
N SER D 365 22.76 -12.58 -25.32
CA SER D 365 22.67 -12.39 -23.87
C SER D 365 23.81 -13.10 -23.15
N VAL D 366 24.17 -14.30 -23.61
CA VAL D 366 25.20 -15.04 -22.91
C VAL D 366 26.60 -14.52 -23.21
N GLN D 367 26.81 -13.87 -24.35
CA GLN D 367 28.07 -13.16 -24.57
C GLN D 367 28.19 -11.99 -23.59
N VAL D 368 27.09 -11.30 -23.33
CA VAL D 368 27.11 -10.25 -22.31
C VAL D 368 27.45 -10.86 -20.95
N LEU D 369 26.83 -12.02 -20.63
CA LEU D 369 27.11 -12.68 -19.36
C LEU D 369 28.58 -13.08 -19.25
N ARG D 370 29.15 -13.60 -20.34
CA ARG D 370 30.57 -13.91 -20.33
C ARG D 370 31.39 -12.68 -19.98
N THR D 371 31.20 -11.61 -20.75
CA THR D 371 31.83 -10.33 -20.45
C THR D 371 31.73 -9.98 -18.96
N VAL D 372 30.51 -10.05 -18.42
CA VAL D 372 30.30 -9.79 -16.99
C VAL D 372 31.18 -10.70 -16.15
N LEU D 373 31.11 -12.01 -16.41
CA LEU D 373 31.73 -13.00 -15.53
C LEU D 373 33.26 -13.01 -15.61
N GLU D 374 33.86 -12.26 -16.54
CA GLU D 374 35.30 -12.04 -16.51
C GLU D 374 35.67 -10.68 -15.94
N THR D 375 34.69 -9.94 -15.42
CA THR D 375 34.92 -8.59 -14.94
C THR D 375 35.34 -7.70 -16.10
CL CL E . 17.83 8.76 23.00
C10 EGV F . -2.76 26.93 4.10
C02 EGV F . 0.24 23.03 5.23
C03 EGV F . -0.61 20.93 6.29
C06 EGV F . -0.57 24.18 5.78
C07 EGV F . -1.45 24.71 4.64
C09 EGV F . -2.47 25.80 5.08
N01 EGV F . -0.52 21.79 5.15
N04 EGV F . -1.34 19.72 6.21
N05 EGV F . -0.04 21.28 7.42
O08 EGV F . 0.28 25.18 6.22
O11 EGV F . -3.42 27.86 4.53
O12 EGV F . -2.34 26.92 2.94
O13 EGV F . -3.02 25.78 6.18
H1 EGV F . 0.55 23.27 4.33
H2 EGV F . 1.02 22.88 5.81
H3 EGV F . -1.12 23.87 6.52
H4 EGV F . -1.95 23.96 4.25
H5 EGV F . -0.87 25.10 3.93
H6 EGV F . -0.91 21.54 4.37
H7 EGV F . -1.41 19.17 6.95
H8 EGV F . -1.74 19.49 5.43
H9 EGV F . 0.44 22.07 7.48
H10 EGV F . 0.69 24.91 6.97
CL CL G . -23.85 -16.38 -13.74
CL CL H . 10.04 -20.70 -14.71
#